data_4RX4
#
_entry.id   4RX4
#
_cell.length_a   220.353
_cell.length_b   220.353
_cell.length_c   118.493
_cell.angle_alpha   90.00
_cell.angle_beta   90.00
_cell.angle_gamma   120.00
#
_symmetry.space_group_name_H-M   'H 3'
#
loop_
_entity.id
_entity.type
_entity.pdbx_description
1 polymer 'HIV-1 Clade A Q842.d12 gp120'
2 polymer '8ANC134 Heavy chain'
3 polymer '8ANC134 Light Chain'
4 non-polymer 2-acetamido-2-deoxy-beta-D-glucopyranose
5 non-polymer 'SULFATE ION'
6 non-polymer 1,2-ETHANEDIOL
#
loop_
_entity_poly.entity_id
_entity_poly.type
_entity_poly.pdbx_seq_one_letter_code
_entity_poly.pdbx_strand_id
1 'polypeptide(L)'
;VWKEAETTLFCASDAKAYETEKHNVWATHACVPTDPNPQEIHLENVTEEFNMWKNNMVEQMHTDIISLWDQSLKPCVKLT
GGSAITQACPKVTFEPIPIHYCAPAGFAILKCKDEEFNGIGPCKNVSTVQCTHGIKPVVSTQLLLNGSLAEKEVKIRCEN
ITNNAKTIIVQLVNPVKINCTRPNNGGSGSGGDIRQAHCNVNRTEWNNTLHQVVEQLRKHFNKTINFANSTGGDLEITTH
SFNCGGEFFYCNTTNLFNSTWNHTASMNSTESNDTIILPCRIKQIINMWQRVGQAMYAPPIRGVIRCESNITGLILTRDG
GNTNSTRETFRPGGGDMRDNWRSELYKYKVVKIE
;
G,E
2 'polypeptide(L)'
;QGQLVQSGGGVKKPGTSVTISCLASEYTFNEFVIHWIRQAPGQGPVWLGLIKRSGRLMTSYKFQDRLSLRRDRSTGTVFM
ELRGLRLDDTAVYYCARDGLGEVAPAYLYGIDAWGQGSTVIVTSASTKGPSVFPLAPSSKSTSGGTAALGCLVKDYFPEP
VTVSWNSGALTSGVHTFPAVLQSSGLYSLSSVVTVPSSSLGTQTYICNVNHKPSNTKVDKKAEPKSCDK
;
H,A
3 'polypeptide(L)'
;EIVLTQSPATLSLSPGERATLSCRASQGLNFVVWYQQKGGQAPRLLIHGPTDRAPGVPDRFSARGSGTEFSLVISSVEPD
DFALYYCQEYSSTPYNFGPGTRVERKRTVAAPSVFIFPPSDEQLKSGTASVVCLLNNFYPREAKVQWKVDNALQSGNSQE
SVTEQDSKDSTYSLSSTLTLSKADYEKHKVYACEVTHQGLRSPVTKSFNRGEC
;
L,D
#
# COMPACT_ATOMS: atom_id res chain seq x y z
N TRP A 2 30.52 -2.56 -17.01
CA TRP A 2 31.36 -1.69 -16.18
C TRP A 2 30.54 -0.70 -15.36
N LYS A 3 30.30 -1.10 -14.10
CA LYS A 3 29.42 -0.40 -13.16
C LYS A 3 30.28 -0.01 -11.96
N GLU A 4 29.94 1.10 -11.29
CA GLU A 4 30.67 1.52 -10.09
C GLU A 4 30.88 0.40 -9.06
N ALA A 5 32.15 0.29 -8.69
CA ALA A 5 32.71 -0.72 -7.81
C ALA A 5 33.74 -0.05 -6.90
N GLU A 6 33.77 -0.45 -5.63
CA GLU A 6 34.81 0.01 -4.70
C GLU A 6 36.00 -0.95 -4.57
N THR A 7 37.18 -0.37 -4.73
CA THR A 7 38.46 -1.06 -4.64
C THR A 7 39.58 -0.11 -4.19
N THR A 8 40.66 -0.68 -3.66
CA THR A 8 41.81 0.12 -3.25
C THR A 8 42.57 0.67 -4.46
N LEU A 9 42.56 1.99 -4.56
CA LEU A 9 43.33 2.79 -5.53
C LEU A 9 44.76 2.90 -5.06
N PHE A 10 45.66 3.36 -5.93
CA PHE A 10 46.99 3.70 -5.43
C PHE A 10 47.26 5.12 -5.72
N CYS A 11 48.31 5.69 -5.14
CA CYS A 11 48.50 7.12 -5.29
C CYS A 11 49.83 7.40 -5.93
N ALA A 12 49.89 8.54 -6.60
CA ALA A 12 51.08 9.02 -7.26
C ALA A 12 51.37 10.44 -6.87
N SER A 13 52.63 10.82 -6.89
CA SER A 13 53.02 12.16 -6.50
C SER A 13 54.43 12.47 -6.96
N ASP A 14 54.78 13.75 -6.89
CA ASP A 14 56.11 14.27 -7.22
C ASP A 14 56.90 14.59 -5.96
N ALA A 15 56.62 13.84 -4.89
CA ALA A 15 57.31 14.03 -3.62
C ALA A 15 58.81 13.99 -3.84
N LYS A 16 59.55 14.63 -2.94
CA LYS A 16 61.00 14.68 -3.06
C LYS A 16 61.66 13.84 -1.98
N ALA A 17 62.48 12.88 -2.43
CA ALA A 17 63.10 11.89 -1.57
C ALA A 17 64.20 12.41 -0.65
N TYR A 18 64.82 13.54 -0.97
CA TYR A 18 65.88 14.07 -0.11
C TYR A 18 65.28 14.85 1.04
N GLU A 19 64.01 15.20 0.88
CA GLU A 19 63.28 16.03 1.83
C GLU A 19 62.64 15.27 2.98
N THR A 20 62.96 15.70 4.19
CA THR A 20 62.45 15.09 5.40
C THR A 20 61.07 15.62 5.73
N GLU A 21 60.59 16.55 4.92
CA GLU A 21 59.23 17.04 5.12
C GLU A 21 58.33 15.82 5.04
N LYS A 22 57.42 15.74 5.99
CA LYS A 22 56.75 14.49 6.31
C LYS A 22 55.76 14.00 5.26
N HIS A 23 55.25 14.91 4.45
CA HIS A 23 54.40 14.53 3.34
C HIS A 23 55.27 13.86 2.28
N ASN A 24 56.45 14.44 2.04
CA ASN A 24 57.40 13.86 1.10
C ASN A 24 57.86 12.47 1.54
N VAL A 25 58.11 12.31 2.83
CA VAL A 25 58.50 11.02 3.39
C VAL A 25 57.39 10.00 3.22
N TRP A 26 56.16 10.38 3.58
CA TRP A 26 55.02 9.46 3.44
C TRP A 26 54.82 9.05 1.98
N ALA A 27 54.70 10.06 1.12
CA ALA A 27 54.46 9.85 -0.30
C ALA A 27 55.55 8.96 -0.88
N THR A 28 56.80 9.17 -0.50
CA THR A 28 57.87 8.35 -1.03
C THR A 28 57.59 6.86 -0.77
N HIS A 29 57.01 6.55 0.38
CA HIS A 29 56.72 5.16 0.75
C HIS A 29 55.38 4.66 0.22
N ALA A 30 54.37 5.52 0.19
CA ALA A 30 53.05 5.01 -0.13
C ALA A 30 52.68 5.29 -1.58
N CYS A 31 53.32 6.27 -2.21
CA CYS A 31 52.87 6.67 -3.54
C CYS A 31 54.01 6.39 -4.51
N VAL A 32 53.70 6.46 -5.79
CA VAL A 32 54.69 6.25 -6.84
C VAL A 32 54.84 7.52 -7.65
N PRO A 33 55.87 7.59 -8.49
CA PRO A 33 56.00 8.78 -9.32
C PRO A 33 54.80 8.87 -10.27
N THR A 34 54.46 10.08 -10.71
CA THR A 34 53.35 10.30 -11.64
C THR A 34 53.77 9.97 -13.07
N ASP A 35 52.76 9.69 -13.90
CA ASP A 35 52.96 9.39 -15.30
C ASP A 35 53.30 10.69 -16.02
N PRO A 36 54.38 10.69 -16.81
CA PRO A 36 54.80 11.88 -17.57
C PRO A 36 53.73 12.43 -18.49
N ASN A 37 53.20 11.64 -19.40
CA ASN A 37 52.12 12.15 -20.24
C ASN A 37 50.83 11.44 -19.87
N PRO A 38 50.07 12.00 -18.91
CA PRO A 38 48.84 11.32 -18.50
C PRO A 38 47.69 11.49 -19.50
N GLN A 39 47.09 10.38 -19.89
CA GLN A 39 46.00 10.38 -20.85
C GLN A 39 44.65 10.69 -20.20
N GLU A 40 43.81 11.41 -20.94
CA GLU A 40 42.44 11.68 -20.52
C GLU A 40 41.58 11.47 -21.76
N ILE A 41 40.56 10.62 -21.62
CA ILE A 41 39.70 10.25 -22.76
C ILE A 41 38.26 10.71 -22.55
N HIS A 42 37.70 11.45 -23.50
CA HIS A 42 36.30 11.88 -23.43
C HIS A 42 35.37 10.74 -23.88
N LEU A 43 34.26 10.54 -23.15
CA LEU A 43 33.23 9.54 -23.52
C LEU A 43 31.99 10.14 -24.17
N GLU A 44 31.97 10.15 -25.50
CA GLU A 44 30.85 10.70 -26.23
C GLU A 44 29.59 9.87 -26.05
N ASN A 45 28.46 10.56 -26.00
CA ASN A 45 27.15 9.94 -25.87
C ASN A 45 27.10 8.99 -24.67
N VAL A 46 27.42 9.53 -23.50
CA VAL A 46 27.39 8.70 -22.30
C VAL A 46 26.95 9.60 -21.15
N THR A 47 25.96 9.14 -20.41
CA THR A 47 25.54 9.82 -19.21
C THR A 47 25.86 8.91 -18.05
N GLU A 48 26.31 9.46 -16.94
CA GLU A 48 26.66 8.63 -15.81
C GLU A 48 26.34 9.42 -14.55
N GLU A 49 25.89 8.72 -13.51
CA GLU A 49 25.54 9.36 -12.25
C GLU A 49 26.71 9.43 -11.29
N PHE A 50 26.78 10.54 -10.56
CA PHE A 50 27.78 10.74 -9.52
C PHE A 50 27.10 11.07 -8.18
N ASN A 51 27.81 10.78 -7.10
CA ASN A 51 27.37 11.15 -5.76
C ASN A 51 28.55 11.36 -4.82
N MET A 52 28.96 12.62 -4.64
CA MET A 52 30.11 12.94 -3.82
C MET A 52 29.94 12.51 -2.36
N TRP A 53 28.69 12.41 -1.90
CA TRP A 53 28.40 12.07 -0.50
C TRP A 53 28.36 10.57 -0.25
N LYS A 54 28.26 9.82 -1.33
CA LYS A 54 28.27 8.38 -1.26
C LYS A 54 29.38 7.88 -2.16
N ASN A 55 30.58 8.43 -1.93
CA ASN A 55 31.78 8.13 -2.72
C ASN A 55 32.91 7.51 -1.92
N ASN A 56 33.19 6.24 -2.20
CA ASN A 56 34.22 5.47 -1.51
C ASN A 56 35.64 6.03 -1.60
N MET A 57 35.91 6.74 -2.69
CA MET A 57 37.19 7.39 -2.88
C MET A 57 37.54 8.28 -1.71
N VAL A 58 36.51 8.97 -1.21
CA VAL A 58 36.66 9.86 -0.08
C VAL A 58 37.11 9.08 1.16
N GLU A 59 36.53 7.90 1.34
CA GLU A 59 36.85 7.08 2.50
C GLU A 59 38.27 6.58 2.43
N GLN A 60 38.68 6.19 1.23
CA GLN A 60 40.03 5.69 1.08
C GLN A 60 41.02 6.80 1.36
N MET A 61 40.73 7.98 0.85
CA MET A 61 41.63 9.07 1.15
C MET A 61 41.65 9.35 2.65
N HIS A 62 40.48 9.37 3.28
CA HIS A 62 40.45 9.57 4.71
C HIS A 62 41.38 8.58 5.44
N THR A 63 41.23 7.29 5.12
CA THR A 63 42.04 6.25 5.77
C THR A 63 43.53 6.50 5.52
N ASP A 64 43.84 6.94 4.30
CA ASP A 64 45.23 7.16 3.90
C ASP A 64 45.84 8.30 4.72
N ILE A 65 45.10 9.40 4.85
CA ILE A 65 45.63 10.58 5.55
C ILE A 65 45.76 10.24 7.04
N ILE A 66 44.84 9.42 7.53
CA ILE A 66 44.91 8.95 8.91
C ILE A 66 46.23 8.20 9.13
N SER A 67 46.57 7.28 8.24
CA SER A 67 47.80 6.52 8.43
C SER A 67 49.00 7.47 8.22
N LEU A 68 48.82 8.46 7.36
CA LEU A 68 49.87 9.45 7.14
C LEU A 68 50.20 10.21 8.42
N TRP A 69 49.18 10.74 9.10
CA TRP A 69 49.42 11.45 10.34
C TRP A 69 49.94 10.52 11.42
N ASP A 70 49.38 9.32 11.50
CA ASP A 70 49.85 8.41 12.52
C ASP A 70 51.29 8.03 12.27
N GLN A 71 51.74 7.97 11.02
CA GLN A 71 53.13 7.61 10.82
C GLN A 71 54.03 8.83 11.02
N SER A 72 53.67 9.96 10.42
CA SER A 72 54.61 11.07 10.35
C SER A 72 54.79 11.88 11.64
N LEU A 73 53.68 12.16 12.31
CA LEU A 73 53.64 13.14 13.39
C LEU A 73 53.91 12.55 14.78
N LYS A 74 53.19 11.46 15.07
CA LYS A 74 53.13 10.80 16.39
C LYS A 74 54.05 11.33 17.49
N PRO A 75 53.64 12.43 18.16
CA PRO A 75 54.45 12.92 19.28
C PRO A 75 54.37 11.99 20.49
N CYS A 76 53.44 12.32 21.39
CA CYS A 76 53.24 11.62 22.65
C CYS A 76 51.80 11.83 23.10
N VAL A 77 51.40 11.18 24.18
CA VAL A 77 50.05 11.33 24.75
C VAL A 77 49.00 10.67 23.85
N LYS A 78 48.14 9.81 24.42
CA LYS A 78 47.81 9.83 25.84
C LYS A 78 48.44 8.71 26.64
N LEU A 79 48.97 7.69 25.98
CA LEU A 79 49.69 6.62 26.67
C LEU A 79 51.19 6.61 26.37
N THR A 80 51.64 7.40 25.40
CA THR A 80 53.07 7.55 25.11
C THR A 80 53.54 8.98 25.35
N ALA A 88 58.73 10.03 21.93
CA ALA A 88 59.63 11.06 21.43
C ALA A 88 58.93 11.89 20.37
N CYS A 89 59.15 13.20 20.39
CA CYS A 89 58.41 14.14 19.54
C CYS A 89 59.34 15.17 18.87
N PRO A 90 60.23 14.72 17.97
CA PRO A 90 61.01 15.80 17.32
C PRO A 90 60.10 16.70 16.47
N LYS A 91 60.49 17.95 16.26
CA LYS A 91 59.73 18.81 15.35
C LYS A 91 59.84 18.35 13.90
N VAL A 92 58.80 18.63 13.11
CA VAL A 92 58.77 18.23 11.71
C VAL A 92 58.31 19.35 10.77
N THR A 93 58.75 19.25 9.52
CA THR A 93 58.34 20.14 8.43
C THR A 93 56.98 19.72 7.88
N PHE A 94 56.01 20.61 7.88
CA PHE A 94 54.67 20.27 7.42
C PHE A 94 54.14 21.20 6.34
N GLU A 95 53.98 20.62 5.17
CA GLU A 95 53.42 21.30 4.02
C GLU A 95 52.91 20.27 3.03
N PRO A 96 51.57 20.16 2.90
CA PRO A 96 50.95 19.17 2.01
C PRO A 96 51.45 19.29 0.58
N ILE A 97 51.63 18.14 -0.07
CA ILE A 97 51.93 18.13 -1.49
C ILE A 97 50.76 17.50 -2.22
N PRO A 98 50.66 17.74 -3.52
CA PRO A 98 49.55 17.15 -4.27
C PRO A 98 49.70 15.65 -4.44
N ILE A 99 48.60 14.93 -4.22
CA ILE A 99 48.53 13.49 -4.40
C ILE A 99 47.52 13.15 -5.49
N HIS A 100 47.89 12.22 -6.36
CA HIS A 100 46.99 11.74 -7.40
C HIS A 100 46.54 10.36 -7.04
N TYR A 101 45.26 10.07 -7.22
CA TYR A 101 44.78 8.71 -6.98
C TYR A 101 44.55 8.08 -8.32
N CYS A 102 45.08 6.88 -8.47
CA CYS A 102 45.16 6.23 -9.75
C CYS A 102 44.53 4.84 -9.63
N ALA A 103 43.94 4.43 -10.74
CA ALA A 103 43.27 3.15 -10.82
C ALA A 103 44.19 2.02 -11.23
N PRO A 104 44.08 0.88 -10.53
CA PRO A 104 44.87 -0.26 -10.91
C PRO A 104 44.39 -0.85 -12.22
N ALA A 105 44.93 -2.00 -12.57
CA ALA A 105 44.52 -2.69 -13.78
C ALA A 105 43.15 -3.29 -13.55
N GLY A 106 42.30 -3.24 -14.58
CA GLY A 106 40.95 -3.75 -14.45
C GLY A 106 39.93 -2.77 -13.90
N PHE A 107 40.39 -1.57 -13.56
CA PHE A 107 39.50 -0.51 -13.07
C PHE A 107 39.74 0.80 -13.80
N ALA A 108 38.82 1.74 -13.61
CA ALA A 108 38.98 3.02 -14.26
C ALA A 108 38.27 4.08 -13.48
N ILE A 109 38.77 5.31 -13.63
CA ILE A 109 38.16 6.48 -13.02
C ILE A 109 37.38 7.34 -14.02
N LEU A 110 36.10 7.56 -13.71
CA LEU A 110 35.31 8.48 -14.51
C LEU A 110 35.40 9.84 -13.83
N LYS A 111 35.50 10.86 -14.68
CA LYS A 111 35.65 12.23 -14.25
C LYS A 111 34.59 13.08 -14.90
N CYS A 112 33.88 13.82 -14.08
CA CYS A 112 32.85 14.73 -14.55
C CYS A 112 33.48 16.08 -14.87
N LYS A 113 33.40 16.49 -16.14
CA LYS A 113 33.95 17.77 -16.55
C LYS A 113 32.82 18.73 -16.77
N ASP A 114 31.64 18.40 -16.24
CA ASP A 114 30.52 19.24 -16.51
C ASP A 114 30.66 20.50 -15.67
N GLU A 115 30.46 21.61 -16.34
CA GLU A 115 30.38 22.91 -15.71
C GLU A 115 29.30 22.93 -14.65
N GLU A 116 29.65 23.41 -13.47
CA GLU A 116 28.68 23.68 -12.45
C GLU A 116 27.90 22.44 -12.03
N PHE A 117 28.61 21.31 -12.03
CA PHE A 117 28.09 20.05 -11.54
C PHE A 117 27.87 20.24 -10.03
N ASN A 118 26.66 20.05 -9.53
CA ASN A 118 26.36 20.41 -8.15
C ASN A 118 26.73 19.29 -7.17
N GLY A 119 27.35 18.23 -7.71
CA GLY A 119 27.87 17.17 -6.87
C GLY A 119 27.12 15.85 -6.90
N ILE A 120 25.81 15.90 -7.17
CA ILE A 120 25.03 14.67 -7.24
C ILE A 120 24.11 14.62 -8.45
N GLY A 121 24.06 13.43 -9.06
CA GLY A 121 23.09 13.14 -10.10
C GLY A 121 23.79 12.98 -11.43
N PRO A 122 23.07 13.24 -12.53
CA PRO A 122 23.52 12.92 -13.87
C PRO A 122 24.64 13.84 -14.36
N CYS A 123 25.66 13.26 -14.97
CA CYS A 123 26.73 14.00 -15.66
C CYS A 123 26.75 13.48 -17.08
N LYS A 124 26.65 14.39 -18.06
CA LYS A 124 26.60 13.95 -19.46
C LYS A 124 27.89 14.10 -20.24
N ASN A 125 28.77 15.00 -19.83
CA ASN A 125 30.08 15.16 -20.47
C ASN A 125 31.12 14.52 -19.55
N VAL A 126 31.12 13.20 -19.57
CA VAL A 126 31.93 12.36 -18.71
C VAL A 126 33.15 11.94 -19.48
N SER A 127 34.27 11.84 -18.78
CA SER A 127 35.50 11.34 -19.36
C SER A 127 36.12 10.32 -18.41
N THR A 128 37.14 9.63 -18.90
CA THR A 128 37.87 8.65 -18.10
C THR A 128 39.32 9.09 -17.98
N VAL A 129 39.88 8.85 -16.80
CA VAL A 129 41.27 9.20 -16.54
C VAL A 129 42.02 8.13 -15.78
N GLN A 130 43.35 8.19 -15.85
CA GLN A 130 44.20 7.25 -15.14
C GLN A 130 44.32 7.67 -13.68
N CYS A 131 44.50 8.97 -13.48
CA CYS A 131 44.70 9.55 -12.15
C CYS A 131 43.83 10.77 -11.92
N THR A 132 43.51 11.03 -10.67
CA THR A 132 42.84 12.26 -10.28
C THR A 132 43.81 13.42 -10.50
N HIS A 133 43.33 14.66 -10.41
CA HIS A 133 44.25 15.78 -10.41
C HIS A 133 45.08 15.71 -9.14
N GLY A 134 46.12 16.53 -9.05
CA GLY A 134 46.92 16.49 -7.84
C GLY A 134 46.18 17.15 -6.69
N ILE A 135 46.00 16.40 -5.60
CA ILE A 135 45.24 16.94 -4.47
C ILE A 135 46.13 17.03 -3.26
N LYS A 136 46.31 18.25 -2.75
CA LYS A 136 47.06 18.45 -1.51
C LYS A 136 46.11 18.24 -0.33
N PRO A 137 46.47 17.32 0.60
CA PRO A 137 45.59 17.00 1.73
C PRO A 137 45.61 18.00 2.89
N VAL A 138 45.08 19.19 2.67
CA VAL A 138 45.11 20.22 3.70
C VAL A 138 44.04 19.95 4.77
N VAL A 139 44.51 19.88 6.00
CA VAL A 139 43.70 19.72 7.22
C VAL A 139 43.31 21.11 7.74
N SER A 140 42.02 21.40 7.71
CA SER A 140 41.47 22.69 8.10
C SER A 140 40.00 22.50 8.45
N THR A 141 39.55 23.27 9.44
CA THR A 141 38.13 23.58 9.60
C THR A 141 37.61 25.01 9.36
N GLN A 142 36.33 24.99 9.03
CA GLN A 142 35.48 26.06 8.51
C GLN A 142 35.94 26.62 7.18
N LEU A 143 37.23 26.93 6.99
CA LEU A 143 37.63 27.39 5.65
C LEU A 143 38.43 26.31 4.94
N LEU A 144 38.26 26.24 3.64
CA LEU A 144 39.06 25.36 2.82
C LEU A 144 40.24 26.12 2.22
N LEU A 145 41.46 25.63 2.39
CA LEU A 145 42.66 26.36 1.99
C LEU A 145 43.42 25.63 0.89
N ASN A 146 43.98 26.39 -0.03
CA ASN A 146 44.85 25.84 -1.07
C ASN A 146 44.15 24.78 -1.94
N GLY A 147 42.82 24.81 -1.95
CA GLY A 147 42.03 23.87 -2.74
C GLY A 147 41.80 24.27 -4.20
N SER A 148 40.76 23.70 -4.81
CA SER A 148 40.37 23.97 -6.19
C SER A 148 39.16 24.90 -6.24
N LEU A 149 39.05 25.69 -7.31
CA LEU A 149 37.96 26.67 -7.43
C LEU A 149 37.12 26.41 -8.66
N ALA A 150 35.80 26.60 -8.56
CA ALA A 150 34.95 26.47 -9.74
C ALA A 150 35.28 27.63 -10.66
N GLU A 151 35.42 27.37 -11.95
CA GLU A 151 35.68 28.44 -12.92
C GLU A 151 34.58 29.46 -13.21
N LYS A 152 33.32 29.02 -13.26
CA LYS A 152 32.24 29.94 -13.60
C LYS A 152 31.78 30.74 -12.39
N GLU A 153 31.04 30.12 -11.48
CA GLU A 153 30.58 30.82 -10.27
C GLU A 153 30.72 29.94 -9.02
N VAL A 154 30.57 30.52 -7.84
CA VAL A 154 30.69 29.77 -6.59
C VAL A 154 29.71 28.62 -6.69
N LYS A 155 30.06 27.49 -6.10
CA LYS A 155 29.18 26.33 -6.11
C LYS A 155 29.03 25.86 -4.72
N ILE A 156 27.78 25.68 -4.31
CA ILE A 156 27.49 25.16 -2.97
C ILE A 156 26.91 23.77 -3.14
N ARG A 157 27.23 22.84 -2.23
CA ARG A 157 26.78 21.46 -2.42
C ARG A 157 26.30 20.86 -1.11
N CYS A 158 25.24 20.06 -1.21
CA CYS A 158 24.68 19.34 -0.05
C CYS A 158 23.92 18.05 -0.43
N GLU A 159 23.94 17.05 0.44
CA GLU A 159 23.13 15.86 0.22
C GLU A 159 21.62 16.14 0.17
N ASN A 160 21.18 17.12 0.95
CA ASN A 160 19.80 17.59 0.93
C ASN A 160 19.87 18.91 1.69
N ILE A 161 19.58 20.00 1.01
CA ILE A 161 19.74 21.33 1.61
C ILE A 161 18.71 21.51 2.71
N THR A 162 17.56 20.87 2.53
CA THR A 162 16.46 20.93 3.50
C THR A 162 16.69 20.12 4.79
N ASN A 163 17.79 19.37 4.85
CA ASN A 163 18.14 18.65 6.08
C ASN A 163 19.16 19.52 6.81
N ASN A 164 18.74 20.20 7.87
CA ASN A 164 19.61 21.16 8.54
C ASN A 164 20.83 20.53 9.19
N ALA A 165 20.72 19.23 9.41
CA ALA A 165 21.76 18.44 10.05
C ALA A 165 22.88 18.19 9.06
N LYS A 166 22.59 18.36 7.78
CA LYS A 166 23.54 18.01 6.74
C LYS A 166 24.43 19.18 6.35
N THR A 167 25.74 18.91 6.30
CA THR A 167 26.75 19.93 6.02
C THR A 167 26.61 20.52 4.63
N ILE A 168 26.99 21.79 4.49
CA ILE A 168 27.04 22.48 3.19
C ILE A 168 28.48 22.78 2.76
N ILE A 169 28.85 22.43 1.54
CA ILE A 169 30.21 22.70 1.07
C ILE A 169 30.22 23.76 -0.02
N VAL A 170 30.82 24.92 0.30
CA VAL A 170 30.95 26.03 -0.62
C VAL A 170 32.29 26.01 -1.35
N GLN A 171 32.23 26.02 -2.68
CA GLN A 171 33.39 26.14 -3.56
C GLN A 171 33.45 27.51 -4.20
N LEU A 172 34.49 28.29 -3.87
CA LEU A 172 34.67 29.64 -4.39
C LEU A 172 35.20 29.64 -5.83
N VAL A 173 35.06 30.78 -6.50
CA VAL A 173 35.61 30.97 -7.85
C VAL A 173 36.76 31.99 -7.86
N ASN A 174 36.76 32.88 -6.88
CA ASN A 174 37.91 33.74 -6.63
C ASN A 174 38.49 33.41 -5.29
N PRO A 175 39.82 33.26 -5.22
CA PRO A 175 40.35 32.91 -3.91
C PRO A 175 40.64 34.13 -3.08
N VAL A 176 40.65 33.93 -1.76
CA VAL A 176 40.98 35.00 -0.84
C VAL A 176 42.23 34.67 -0.06
N LYS A 177 43.27 35.46 -0.28
CA LYS A 177 44.52 35.22 0.40
C LYS A 177 44.30 35.52 1.87
N ILE A 178 44.84 34.64 2.70
CA ILE A 178 44.81 34.84 4.13
C ILE A 178 46.21 34.65 4.61
N ASN A 179 46.75 35.67 5.30
CA ASN A 179 48.10 35.54 5.83
C ASN A 179 48.07 35.41 7.33
N CYS A 180 48.59 34.30 7.85
CA CYS A 180 48.65 34.12 9.30
C CYS A 180 50.09 34.28 9.74
N THR A 181 50.34 34.92 10.90
CA THR A 181 51.75 35.08 11.28
C THR A 181 52.02 35.17 12.79
N ARG A 182 53.00 34.41 13.26
CA ARG A 182 53.62 34.53 14.59
C ARG A 182 55.04 35.14 14.58
N PRO A 183 55.25 36.40 15.07
CA PRO A 183 56.62 36.96 14.96
C PRO A 183 57.69 36.14 15.67
N ASP A 193 53.59 37.08 24.84
CA ASP A 193 53.04 35.74 24.73
C ASP A 193 53.60 35.08 23.49
N ILE A 194 54.40 34.05 23.67
CA ILE A 194 55.03 33.35 22.56
C ILE A 194 54.00 32.50 21.78
N ARG A 195 52.80 32.32 22.33
CA ARG A 195 51.76 31.52 21.66
C ARG A 195 50.74 32.35 20.87
N GLN A 196 50.77 33.67 21.04
CA GLN A 196 49.86 34.58 20.33
C GLN A 196 50.21 34.78 18.85
N ALA A 197 49.25 34.45 17.99
CA ALA A 197 49.40 34.67 16.54
C ALA A 197 48.13 35.33 16.01
N HIS A 198 48.09 35.61 14.71
CA HIS A 198 46.90 36.22 14.12
C HIS A 198 46.90 36.13 12.58
N CYS A 199 45.70 36.11 12.01
CA CYS A 199 45.50 36.03 10.56
C CYS A 199 44.84 37.28 10.00
N ASN A 200 45.36 37.71 8.86
CA ASN A 200 44.86 38.86 8.10
C ASN A 200 44.32 38.56 6.71
N VAL A 201 43.19 39.20 6.38
CA VAL A 201 42.64 39.11 5.02
C VAL A 201 41.94 40.44 4.61
N ASN A 202 41.74 40.67 3.30
CA ASN A 202 41.12 41.92 2.81
C ASN A 202 39.62 41.89 3.15
N ARG A 203 39.12 42.89 3.89
CA ARG A 203 37.69 42.97 4.21
C ARG A 203 36.74 43.11 3.01
N THR A 204 36.96 44.08 2.12
CA THR A 204 36.02 44.34 1.01
C THR A 204 35.80 43.09 0.12
N GLU A 205 36.87 42.33 -0.10
CA GLU A 205 36.87 41.14 -0.98
C GLU A 205 36.11 40.00 -0.27
N TRP A 206 36.16 40.02 1.05
CA TRP A 206 35.53 39.00 1.89
C TRP A 206 34.06 39.33 1.91
N ASN A 207 33.74 40.62 1.96
CA ASN A 207 32.35 41.06 1.95
C ASN A 207 31.77 40.56 0.61
N ASN A 208 32.51 40.78 -0.47
CA ASN A 208 32.10 40.33 -1.81
C ASN A 208 32.03 38.80 -1.91
N THR A 209 32.86 38.11 -1.14
CA THR A 209 32.81 36.65 -1.11
C THR A 209 31.50 36.21 -0.46
N LEU A 210 31.19 36.83 0.67
CA LEU A 210 29.97 36.56 1.43
C LEU A 210 28.82 36.84 0.45
N HIS A 211 28.98 37.87 -0.37
CA HIS A 211 27.94 38.23 -1.32
C HIS A 211 27.76 37.12 -2.36
N GLN A 212 28.86 36.60 -2.89
CA GLN A 212 28.67 35.59 -3.92
C GLN A 212 28.12 34.32 -3.32
N VAL A 213 28.35 34.10 -2.04
CA VAL A 213 27.71 32.96 -1.39
C VAL A 213 26.21 33.19 -1.14
N VAL A 214 25.87 34.39 -0.68
CA VAL A 214 24.48 34.71 -0.39
C VAL A 214 23.68 34.66 -1.67
N GLU A 215 24.28 34.98 -2.81
CA GLU A 215 23.50 34.92 -4.04
C GLU A 215 23.11 33.49 -4.37
N GLN A 216 24.03 32.55 -4.23
CA GLN A 216 23.72 31.15 -4.48
C GLN A 216 22.79 30.54 -3.42
N LEU A 217 22.93 30.96 -2.18
CA LEU A 217 22.01 30.50 -1.12
C LEU A 217 20.62 31.06 -1.41
N ARG A 218 20.61 32.26 -1.96
CA ARG A 218 19.41 32.97 -2.37
C ARG A 218 18.72 32.20 -3.48
N LYS A 219 19.46 31.53 -4.35
CA LYS A 219 18.80 30.75 -5.39
C LYS A 219 17.91 29.73 -4.69
N HIS A 220 18.28 29.25 -3.51
CA HIS A 220 17.49 28.19 -2.87
C HIS A 220 16.40 28.83 -2.03
N PHE A 221 16.68 30.02 -1.50
CA PHE A 221 15.79 30.70 -0.54
C PHE A 221 15.30 32.06 -1.15
N ASN A 222 14.02 32.49 -1.22
CA ASN A 222 12.83 32.12 -0.44
C ASN A 222 12.98 32.47 1.05
N LYS A 223 13.82 33.47 1.35
CA LYS A 223 14.39 33.60 2.69
C LYS A 223 15.63 34.53 2.71
N THR A 224 15.67 35.40 3.71
CA THR A 224 16.78 36.35 3.94
C THR A 224 17.81 35.70 4.84
N ILE A 225 19.04 35.73 4.33
CA ILE A 225 20.24 35.07 4.86
C ILE A 225 21.07 35.87 5.84
N ASN A 226 21.55 35.13 6.84
CA ASN A 226 22.38 35.64 7.90
C ASN A 226 23.53 34.67 8.23
N PHE A 227 24.70 35.23 8.54
CA PHE A 227 25.88 34.47 8.98
C PHE A 227 26.18 34.69 10.45
N ALA A 228 26.37 33.60 11.21
CA ALA A 228 26.77 33.74 12.61
C ALA A 228 28.05 32.95 12.90
N ASN A 229 28.81 33.36 13.90
CA ASN A 229 29.97 32.56 14.32
C ASN A 229 29.50 31.21 14.88
N SER A 230 30.42 30.28 15.08
CA SER A 230 30.01 28.96 15.56
C SER A 230 29.29 29.00 16.91
N THR A 231 28.35 28.08 17.13
CA THR A 231 27.57 28.05 18.37
C THR A 231 28.28 27.38 19.54
N GLY A 232 29.34 26.64 19.23
CA GLY A 232 30.10 25.89 20.21
C GLY A 232 30.53 24.50 19.75
N GLY A 233 31.19 23.75 20.65
CA GLY A 233 31.70 22.42 20.36
C GLY A 233 33.18 22.41 20.70
N ASP A 234 33.92 21.41 20.22
CA ASP A 234 35.38 21.34 20.46
C ASP A 234 36.05 22.60 19.89
N LEU A 235 37.21 22.98 20.42
CA LEU A 235 37.97 24.11 19.89
C LEU A 235 38.26 24.00 18.40
N GLU A 236 38.48 22.79 17.93
CA GLU A 236 38.85 22.56 16.54
C GLU A 236 37.81 23.03 15.54
N ILE A 237 36.52 22.92 15.88
CA ILE A 237 35.44 23.29 14.95
C ILE A 237 34.78 24.66 15.18
N THR A 238 34.96 25.22 16.36
CA THR A 238 34.48 26.57 16.66
C THR A 238 35.39 27.61 16.03
N THR A 239 36.67 27.28 15.97
CA THR A 239 37.65 28.14 15.35
C THR A 239 38.05 27.59 14.00
N HIS A 240 38.78 28.40 13.26
CA HIS A 240 39.43 27.96 12.04
C HIS A 240 40.73 27.33 12.49
N SER A 241 40.73 26.01 12.55
CA SER A 241 41.87 25.29 13.06
C SER A 241 42.66 24.71 11.91
N PHE A 242 43.98 24.83 11.98
CA PHE A 242 44.84 24.34 10.88
C PHE A 242 46.29 24.14 11.31
N ASN A 243 47.10 23.52 10.46
CA ASN A 243 48.51 23.36 10.76
C ASN A 243 49.39 24.33 9.96
N CYS A 244 50.44 24.82 10.61
CA CYS A 244 51.38 25.73 9.96
C CYS A 244 52.82 25.60 10.49
N GLY A 245 53.69 24.97 9.72
CA GLY A 245 55.07 24.83 10.13
C GLY A 245 55.18 23.88 11.30
N GLY A 246 54.27 22.93 11.32
CA GLY A 246 54.25 21.94 12.37
C GLY A 246 53.49 22.44 13.59
N GLU A 247 53.09 23.71 13.60
CA GLU A 247 52.31 24.22 14.74
C GLU A 247 50.82 24.30 14.44
N PHE A 248 50.00 24.07 15.46
CA PHE A 248 48.55 24.03 15.29
C PHE A 248 47.91 25.36 15.66
N PHE A 249 47.32 25.99 14.65
CA PHE A 249 46.70 27.30 14.82
C PHE A 249 45.20 27.14 15.06
N TYR A 250 44.68 27.99 15.94
CA TYR A 250 43.25 28.10 16.21
C TYR A 250 42.79 29.55 16.13
N CYS A 251 42.11 29.91 15.04
CA CYS A 251 41.70 31.30 14.80
C CYS A 251 40.22 31.58 15.03
N ASN A 252 39.94 32.64 15.78
CA ASN A 252 38.59 33.13 16.03
C ASN A 252 37.99 33.65 14.74
N THR A 253 36.89 33.06 14.27
CA THR A 253 36.34 33.45 12.96
C THR A 253 35.09 34.31 13.11
N THR A 254 34.91 34.85 14.31
CA THR A 254 33.76 35.68 14.61
C THR A 254 33.69 36.85 13.66
N ASN A 255 34.86 37.34 13.26
CA ASN A 255 34.96 38.52 12.40
C ASN A 255 34.64 38.28 10.92
N LEU A 256 34.68 37.02 10.53
CA LEU A 256 34.35 36.60 9.17
C LEU A 256 32.87 36.33 8.98
N PHE A 257 32.22 35.97 10.09
CA PHE A 257 30.86 35.46 10.09
C PHE A 257 29.84 36.21 10.94
N ASN A 258 29.81 37.54 10.80
CA ASN A 258 28.70 38.32 11.34
C ASN A 258 28.23 39.28 10.24
N SER A 259 27.05 38.95 9.72
CA SER A 259 26.52 39.54 8.47
C SER A 259 25.00 39.33 8.32
N THR A 260 24.29 40.27 7.68
CA THR A 260 22.86 40.08 7.40
C THR A 260 22.53 40.70 6.04
N TRP A 261 21.88 39.93 5.16
CA TRP A 261 21.74 40.33 3.74
C TRP A 261 20.29 40.43 3.23
N ASN A 262 20.06 41.39 2.33
CA ASN A 262 18.71 41.73 1.87
C ASN A 262 17.99 40.55 1.21
N THR A 275 40.46 45.87 6.06
CA THR A 275 41.12 44.58 6.31
C THR A 275 40.62 43.93 7.61
N ILE A 276 40.53 42.60 7.62
CA ILE A 276 40.15 41.81 8.79
C ILE A 276 41.28 41.00 9.43
N ILE A 277 41.57 41.33 10.69
CA ILE A 277 42.57 40.63 11.50
C ILE A 277 41.87 39.64 12.46
N LEU A 278 42.14 38.34 12.31
CA LEU A 278 41.56 37.37 13.22
C LEU A 278 42.58 36.99 14.27
N PRO A 279 42.24 37.11 15.56
CA PRO A 279 43.17 36.71 16.62
C PRO A 279 43.34 35.22 16.75
N CYS A 280 44.57 34.72 16.65
CA CYS A 280 44.82 33.28 16.73
C CYS A 280 45.68 32.85 17.92
N ARG A 281 45.51 31.58 18.28
CA ARG A 281 46.33 30.95 19.32
C ARG A 281 46.86 29.61 18.83
N ILE A 282 48.13 29.36 19.15
CA ILE A 282 48.74 28.06 18.95
C ILE A 282 48.50 27.23 20.19
N LYS A 283 48.15 25.96 19.96
CA LYS A 283 47.82 25.06 21.04
C LYS A 283 48.72 23.83 20.96
N GLN A 284 49.27 23.48 22.12
CA GLN A 284 50.17 22.35 22.30
C GLN A 284 49.33 21.08 22.47
N ILE A 285 48.23 21.21 23.20
CA ILE A 285 47.32 20.09 23.45
C ILE A 285 46.21 20.13 22.44
N ILE A 286 46.11 19.13 21.57
CA ILE A 286 45.10 19.18 20.51
C ILE A 286 44.33 17.87 20.55
N ASN A 287 43.14 17.90 19.98
CA ASN A 287 42.38 16.69 19.67
C ASN A 287 42.80 16.10 18.35
N MET A 288 42.84 14.78 18.29
CA MET A 288 43.26 14.13 17.07
C MET A 288 41.97 13.96 16.29
N TRP A 289 41.93 14.55 15.11
CA TRP A 289 40.78 14.48 14.21
C TRP A 289 40.51 13.04 13.78
N GLN A 290 41.55 12.21 13.84
CA GLN A 290 41.49 10.85 13.30
C GLN A 290 41.12 9.70 14.27
N ARG A 291 41.08 9.96 15.58
CA ARG A 291 40.71 8.93 16.56
C ARG A 291 40.43 9.54 17.93
N VAL A 292 39.77 8.78 18.80
CA VAL A 292 39.54 9.27 20.16
C VAL A 292 40.84 9.29 20.96
N GLY A 293 41.05 10.42 21.64
CA GLY A 293 42.21 10.63 22.48
C GLY A 293 42.67 12.08 22.38
N GLN A 294 43.94 12.31 22.66
CA GLN A 294 44.52 13.64 22.55
C GLN A 294 45.97 13.50 22.22
N ALA A 295 46.51 14.53 21.58
CA ALA A 295 47.92 14.56 21.25
C ALA A 295 48.44 15.81 21.93
N MET A 296 49.67 15.73 22.41
CA MET A 296 50.34 16.87 23.01
C MET A 296 51.69 17.07 22.37
N TYR A 297 51.89 18.29 21.90
CA TYR A 297 53.12 18.66 21.21
C TYR A 297 53.96 19.60 22.05
N ALA A 298 55.17 19.84 21.58
CA ALA A 298 56.08 20.75 22.24
C ALA A 298 55.56 22.15 21.91
N PRO A 299 55.91 23.15 22.74
CA PRO A 299 55.49 24.51 22.41
C PRO A 299 56.07 24.95 21.08
N PRO A 300 55.49 25.99 20.46
CA PRO A 300 56.02 26.25 19.13
C PRO A 300 57.44 26.78 19.18
N ILE A 301 58.17 26.63 18.08
CA ILE A 301 59.53 27.11 18.03
C ILE A 301 59.47 28.63 18.03
N ARG A 302 60.46 29.25 18.67
CA ARG A 302 60.65 30.69 18.59
C ARG A 302 61.13 31.07 17.19
N GLY A 303 60.89 32.33 16.84
CA GLY A 303 61.27 32.89 15.55
C GLY A 303 60.09 33.18 14.64
N VAL A 304 60.22 32.91 13.33
CA VAL A 304 59.18 33.33 12.38
C VAL A 304 58.28 32.19 11.87
N ILE A 305 57.00 32.36 12.15
CA ILE A 305 55.93 31.54 11.57
C ILE A 305 54.92 32.29 10.70
N ARG A 306 54.84 31.98 9.40
CA ARG A 306 53.93 32.70 8.52
C ARG A 306 53.39 31.76 7.45
N CYS A 307 52.07 31.84 7.26
CA CYS A 307 51.38 31.09 6.21
C CYS A 307 50.52 31.97 5.35
N GLU A 308 50.78 32.00 4.05
CA GLU A 308 49.94 32.74 3.13
C GLU A 308 49.14 31.71 2.34
N SER A 309 47.85 31.63 2.59
CA SER A 309 47.05 30.56 2.00
C SER A 309 45.94 31.12 1.13
N ASN A 310 45.58 30.37 0.09
CA ASN A 310 44.41 30.71 -0.73
C ASN A 310 43.15 30.08 -0.14
N ILE A 311 42.27 30.90 0.43
CA ILE A 311 40.93 30.46 0.77
C ILE A 311 40.15 30.19 -0.51
N THR A 312 39.75 28.92 -0.69
CA THR A 312 39.10 28.51 -1.93
C THR A 312 37.71 27.93 -1.72
N GLY A 313 37.33 27.70 -0.48
CA GLY A 313 36.02 27.15 -0.17
C GLY A 313 35.66 27.30 1.29
N LEU A 314 34.41 26.97 1.63
CA LEU A 314 33.96 27.01 3.01
C LEU A 314 33.12 25.79 3.32
N ILE A 315 33.06 25.40 4.59
CA ILE A 315 32.12 24.37 5.04
C ILE A 315 31.17 25.07 5.99
N LEU A 316 29.89 25.10 5.62
CA LEU A 316 28.87 25.80 6.40
C LEU A 316 27.80 24.85 6.91
N THR A 317 27.16 25.25 8.00
CA THR A 317 26.03 24.49 8.56
C THR A 317 24.90 25.44 8.86
N ARG A 318 23.70 24.99 8.55
CA ARG A 318 22.50 25.79 8.75
C ARG A 318 21.75 25.31 9.98
N ASP A 319 21.26 26.25 10.78
CA ASP A 319 20.57 25.96 12.03
C ASP A 319 19.27 25.18 11.89
N GLY A 320 18.37 25.67 11.04
CA GLY A 320 17.04 25.13 10.97
C GLY A 320 16.25 25.07 12.27
N GLY A 321 15.18 24.28 12.23
CA GLY A 321 14.39 23.87 13.39
C GLY A 321 13.55 25.02 13.91
N ASN A 322 14.10 26.23 13.85
CA ASN A 322 13.48 27.43 14.35
C ASN A 322 13.99 28.59 13.47
N THR A 323 13.46 28.69 12.26
CA THR A 323 14.06 29.57 11.28
C THR A 323 13.60 31.02 11.40
N ASN A 324 12.30 31.22 11.19
CA ASN A 324 11.65 32.54 11.21
C ASN A 324 11.70 33.16 9.84
N SER A 325 10.69 33.96 9.52
CA SER A 325 10.55 34.48 8.17
C SER A 325 11.51 35.66 8.01
N THR A 326 12.28 35.94 9.07
CA THR A 326 13.17 37.08 9.10
C THR A 326 14.66 36.70 9.03
N ARG A 327 14.99 35.46 9.37
CA ARG A 327 16.40 35.06 9.36
C ARG A 327 16.73 33.59 9.13
N GLU A 328 17.68 33.33 8.24
CA GLU A 328 18.17 31.97 8.03
C GLU A 328 19.60 32.11 8.51
N THR A 329 20.00 31.31 9.50
CA THR A 329 21.35 31.41 10.02
C THR A 329 22.33 30.34 9.54
N PHE A 330 23.45 30.77 8.98
CA PHE A 330 24.51 29.85 8.55
C PHE A 330 25.77 30.08 9.40
N ARG A 331 26.45 29.00 9.75
CA ARG A 331 27.64 29.10 10.61
C ARG A 331 28.78 28.29 10.04
N PRO A 332 30.01 28.71 10.35
CA PRO A 332 31.18 27.97 9.89
C PRO A 332 31.19 26.56 10.49
N GLY A 333 31.56 25.58 9.67
CA GLY A 333 31.56 24.17 10.06
C GLY A 333 32.90 23.47 10.09
N GLY A 334 32.90 22.18 9.74
CA GLY A 334 34.09 21.34 9.79
C GLY A 334 34.17 20.34 10.92
N GLY A 335 35.25 19.57 10.92
CA GLY A 335 35.49 18.52 11.90
C GLY A 335 35.63 17.14 11.26
N ASP A 336 34.73 16.80 10.35
CA ASP A 336 34.85 15.57 9.57
C ASP A 336 35.62 15.88 8.30
N MET A 337 36.86 15.41 8.25
CA MET A 337 37.77 15.74 7.17
C MET A 337 37.37 15.06 5.87
N ARG A 338 36.45 14.11 5.96
CA ARG A 338 35.95 13.49 4.75
C ARG A 338 35.37 14.54 3.83
N ASP A 339 34.79 15.59 4.41
CA ASP A 339 34.21 16.67 3.62
C ASP A 339 35.31 17.48 2.90
N ASN A 340 36.47 17.59 3.54
CA ASN A 340 37.58 18.27 2.91
C ASN A 340 37.99 17.53 1.66
N TRP A 341 38.12 16.22 1.76
CA TRP A 341 38.49 15.39 0.61
C TRP A 341 37.36 15.44 -0.43
N ARG A 342 36.14 15.45 0.10
CA ARG A 342 34.95 15.45 -0.73
C ARG A 342 34.95 16.65 -1.65
N SER A 343 35.46 17.79 -1.15
CA SER A 343 35.44 19.01 -1.95
C SER A 343 36.32 18.94 -3.20
N GLU A 344 37.21 17.96 -3.24
CA GLU A 344 38.12 17.76 -4.37
C GLU A 344 37.74 16.54 -5.17
N LEU A 345 37.19 15.53 -4.51
CA LEU A 345 36.94 14.27 -5.20
C LEU A 345 35.54 14.16 -5.77
N TYR A 346 34.76 15.22 -5.63
CA TYR A 346 33.33 15.20 -6.00
C TYR A 346 33.08 14.89 -7.48
N LYS A 347 34.03 15.28 -8.33
CA LYS A 347 33.88 15.11 -9.76
C LYS A 347 34.23 13.71 -10.23
N TYR A 348 34.79 12.89 -9.34
CA TYR A 348 35.31 11.56 -9.71
C TYR A 348 34.50 10.39 -9.17
N LYS A 349 34.48 9.30 -9.95
CA LYS A 349 33.97 8.01 -9.47
C LYS A 349 34.75 6.86 -10.07
N VAL A 350 34.83 5.75 -9.35
CA VAL A 350 35.53 4.55 -9.83
C VAL A 350 34.59 3.45 -10.34
N VAL A 351 34.97 2.82 -11.44
CA VAL A 351 34.18 1.72 -11.99
C VAL A 351 35.07 0.53 -12.34
N LYS A 352 34.53 -0.69 -12.22
CA LYS A 352 35.25 -1.89 -12.66
C LYS A 352 35.10 -2.13 -14.15
N ILE A 353 36.18 -1.83 -14.87
CA ILE A 353 36.09 -1.75 -16.31
C ILE A 353 35.99 -3.20 -16.83
N GLU A 354 34.79 -3.69 -17.08
CA GLU A 354 34.66 -5.07 -17.54
C GLU A 354 33.47 -5.18 -18.48
N GLY B 2 26.63 -3.05 25.18
CA GLY B 2 26.88 -3.75 23.93
C GLY B 2 27.74 -2.92 23.00
N GLN B 3 27.28 -1.71 22.69
CA GLN B 3 28.06 -0.74 21.91
C GLN B 3 28.05 0.58 22.69
N LEU B 4 26.89 1.00 23.19
CA LEU B 4 26.79 2.26 23.92
C LEU B 4 26.44 2.11 25.42
N VAL B 5 27.35 2.47 26.33
CA VAL B 5 27.04 2.34 27.75
C VAL B 5 26.58 3.73 28.17
N GLN B 6 25.85 3.85 29.27
CA GLN B 6 25.55 5.16 29.85
C GLN B 6 25.34 5.06 31.34
N SER B 7 25.42 6.20 32.01
CA SER B 7 25.22 6.27 33.44
C SER B 7 24.65 7.63 33.82
N GLY B 8 23.34 7.76 33.70
CA GLY B 8 22.66 9.00 34.01
C GLY B 8 22.22 9.00 35.45
N GLY B 9 21.69 10.15 35.93
CA GLY B 9 21.30 10.23 37.32
C GLY B 9 20.02 9.48 37.60
N GLY B 10 19.31 9.87 38.65
CA GLY B 10 18.07 9.20 38.99
C GLY B 10 17.03 10.15 39.54
N VAL B 11 16.90 10.18 40.87
CA VAL B 11 15.93 11.04 41.51
C VAL B 11 16.54 12.43 41.57
N LYS B 12 15.81 13.42 41.08
CA LYS B 12 16.26 14.79 41.07
C LYS B 12 15.19 15.65 41.71
N LYS B 13 15.57 16.66 42.48
CA LYS B 13 14.56 17.56 43.02
C LYS B 13 14.29 18.58 41.94
N PRO B 14 13.04 19.07 41.86
CA PRO B 14 12.68 20.03 40.83
C PRO B 14 13.52 21.30 40.89
N GLY B 15 13.95 21.77 39.73
CA GLY B 15 14.76 22.97 39.65
C GLY B 15 16.22 22.66 39.44
N THR B 16 16.60 21.46 39.82
CA THR B 16 18.00 21.09 39.68
C THR B 16 18.25 20.73 38.24
N SER B 17 19.49 20.33 37.98
CA SER B 17 19.93 19.92 36.65
C SER B 17 20.40 18.50 36.75
N VAL B 18 20.41 17.81 35.62
CA VAL B 18 20.92 16.44 35.57
C VAL B 18 21.83 16.29 34.37
N THR B 19 22.92 15.58 34.56
CA THR B 19 23.87 15.33 33.50
C THR B 19 23.92 13.85 33.29
N ILE B 20 23.77 13.46 32.02
CA ILE B 20 23.86 12.06 31.61
C ILE B 20 24.96 11.88 30.61
N SER B 21 25.80 10.90 30.89
CA SER B 21 26.94 10.56 30.04
C SER B 21 26.61 9.32 29.23
N CYS B 22 27.35 9.13 28.14
CA CYS B 22 27.13 8.00 27.26
C CYS B 22 28.48 7.58 26.70
N LEU B 23 29.02 6.50 27.26
CA LEU B 23 30.31 5.99 26.82
C LEU B 23 30.10 5.17 25.59
N ALA B 24 30.85 5.49 24.54
CA ALA B 24 30.68 4.80 23.26
C ALA B 24 31.89 3.98 22.83
N SER B 25 31.68 2.94 22.02
CA SER B 25 32.79 2.23 21.40
C SER B 25 33.55 3.20 20.52
N GLU B 26 34.82 2.95 20.24
CA GLU B 26 35.58 3.86 19.41
C GLU B 26 34.94 3.99 18.02
N TYR B 27 34.55 2.88 17.43
CA TYR B 27 33.92 2.88 16.11
C TYR B 27 32.63 3.71 16.04
N THR B 28 31.72 3.47 16.97
CA THR B 28 30.46 4.20 16.98
C THR B 28 30.80 5.70 17.18
N PHE B 29 31.60 5.99 18.19
CA PHE B 29 31.99 7.36 18.48
C PHE B 29 32.68 8.07 17.30
N ASN B 30 33.46 7.31 16.54
CA ASN B 30 34.23 7.88 15.43
C ASN B 30 33.39 8.02 14.15
N GLU B 31 32.38 7.17 13.97
CA GLU B 31 31.75 7.07 12.66
C GLU B 31 30.28 7.44 12.66
N PHE B 32 29.63 7.43 13.83
CA PHE B 32 28.17 7.56 13.91
C PHE B 32 27.71 8.85 14.57
N VAL B 33 26.46 9.20 14.30
CA VAL B 33 25.77 10.22 15.07
C VAL B 33 25.23 9.57 16.33
N ILE B 34 25.13 10.36 17.40
CA ILE B 34 24.50 9.86 18.61
C ILE B 34 23.39 10.81 19.06
N HIS B 35 22.15 10.31 18.98
CA HIS B 35 20.99 11.05 19.42
C HIS B 35 20.91 10.93 20.93
N TRP B 36 20.28 11.93 21.53
CA TRP B 36 19.74 11.87 22.90
C TRP B 36 18.22 11.89 22.81
N ILE B 37 17.60 10.85 23.33
CA ILE B 37 16.17 10.66 23.17
C ILE B 37 15.60 10.27 24.48
N ARG B 38 14.46 10.86 24.87
CA ARG B 38 13.85 10.48 26.15
C ARG B 38 12.49 9.91 25.90
N GLN B 39 11.97 9.17 26.88
CA GLN B 39 10.64 8.60 26.78
C GLN B 39 9.92 8.60 28.13
N ALA B 40 8.87 9.41 28.26
CA ALA B 40 8.12 9.42 29.50
C ALA B 40 7.18 8.21 29.49
N PRO B 41 6.66 7.80 30.66
CA PRO B 41 5.74 6.67 30.77
C PRO B 41 4.43 6.80 29.98
N GLY B 42 4.11 5.79 29.18
CA GLY B 42 2.87 5.76 28.43
C GLY B 42 2.86 6.64 27.21
N GLN B 43 4.00 7.26 26.93
CA GLN B 43 4.15 8.18 25.80
C GLN B 43 5.12 7.58 24.79
N GLY B 44 5.19 8.18 23.62
CA GLY B 44 6.18 7.75 22.65
C GLY B 44 7.47 8.51 22.86
N PRO B 45 8.49 8.18 22.07
CA PRO B 45 9.83 8.80 22.12
C PRO B 45 9.85 10.26 21.68
N VAL B 46 10.73 11.02 22.31
CA VAL B 46 10.97 12.42 21.97
C VAL B 46 12.44 12.71 21.68
N TRP B 47 12.71 13.28 20.51
CA TRP B 47 14.08 13.58 20.12
C TRP B 47 14.50 14.85 20.84
N LEU B 48 15.64 14.80 21.52
CA LEU B 48 16.09 15.94 22.29
C LEU B 48 17.25 16.65 21.61
N GLY B 49 18.17 15.88 21.03
CA GLY B 49 19.32 16.44 20.36
C GLY B 49 20.23 15.38 19.78
N LEU B 50 21.30 15.78 19.08
CA LEU B 50 22.25 14.80 18.59
C LEU B 50 23.65 15.39 18.55
N ILE B 51 24.62 14.48 18.49
CA ILE B 51 26.01 14.83 18.26
C ILE B 51 26.53 14.04 17.06
N LYS B 52 26.92 14.79 16.03
CA LYS B 52 27.52 14.23 14.84
C LYS B 52 28.98 13.88 15.08
N ARG B 53 29.53 13.02 14.23
CA ARG B 53 30.90 12.57 14.36
C ARG B 53 31.90 13.72 14.18
N SER B 54 31.46 14.78 13.50
CA SER B 54 32.29 15.97 13.29
C SER B 54 32.48 16.75 14.56
N GLY B 55 31.55 16.56 15.50
CA GLY B 55 31.60 17.28 16.75
C GLY B 55 30.43 18.23 16.82
N ARG B 56 29.72 18.39 15.70
CA ARG B 56 28.58 19.29 15.67
C ARG B 56 27.55 18.87 16.68
N LEU B 57 27.07 19.87 17.41
CA LEU B 57 26.03 19.70 18.40
C LEU B 57 24.75 20.27 17.86
N MET B 58 23.65 19.55 18.04
CA MET B 58 22.36 20.07 17.63
C MET B 58 21.33 19.73 18.68
N THR B 59 20.57 20.73 19.12
CA THR B 59 19.54 20.49 20.13
C THR B 59 18.17 20.86 19.61
N SER B 60 17.16 20.23 20.21
CA SER B 60 15.77 20.53 19.93
C SER B 60 15.41 21.92 20.38
N TYR B 61 14.74 22.67 19.49
CA TYR B 61 14.37 24.06 19.77
C TYR B 61 13.61 24.13 21.11
N LYS B 62 12.87 23.07 21.41
CA LYS B 62 12.05 23.06 22.61
C LYS B 62 12.83 22.81 23.89
N PHE B 63 14.11 22.47 23.80
CA PHE B 63 14.92 22.20 25.00
C PHE B 63 16.16 23.06 25.07
N GLN B 64 16.37 23.88 24.05
CA GLN B 64 17.64 24.57 23.85
C GLN B 64 18.00 25.54 24.98
N ASP B 65 17.01 25.97 25.76
CA ASP B 65 17.27 26.91 26.85
C ASP B 65 17.66 26.19 28.13
N ARG B 66 17.43 24.88 28.17
CA ARG B 66 17.64 24.08 29.38
C ARG B 66 18.59 22.93 29.12
N LEU B 67 18.90 22.70 27.84
CA LEU B 67 19.66 21.54 27.41
C LEU B 67 21.00 21.88 26.79
N SER B 68 22.03 21.20 27.28
CA SER B 68 23.38 21.41 26.78
C SER B 68 23.98 20.07 26.47
N LEU B 69 24.52 19.94 25.26
CA LEU B 69 25.18 18.73 24.82
C LEU B 69 26.65 18.97 24.73
N ARG B 70 27.42 17.91 24.94
CA ARG B 70 28.86 18.05 24.75
C ARG B 70 29.45 16.70 24.52
N ARG B 71 30.66 16.70 23.96
CA ARG B 71 31.33 15.46 23.70
C ARG B 71 32.74 15.57 24.25
N ASP B 72 33.28 14.45 24.71
CA ASP B 72 34.63 14.41 25.22
C ASP B 72 35.51 13.62 24.30
N ARG B 73 36.31 14.29 23.47
CA ARG B 73 37.09 13.54 22.49
C ARG B 73 38.25 12.79 23.11
N SER B 74 38.53 13.04 24.38
CA SER B 74 39.63 12.39 25.08
C SER B 74 39.30 10.93 25.43
N THR B 75 38.02 10.65 25.69
CA THR B 75 37.60 9.33 26.18
C THR B 75 36.56 8.65 25.29
N GLY B 76 35.95 9.42 24.40
CA GLY B 76 34.90 8.90 23.55
C GLY B 76 33.58 8.78 24.27
N THR B 77 33.23 9.86 24.96
CA THR B 77 31.99 9.90 25.72
C THR B 77 31.18 11.09 25.24
N VAL B 78 29.86 10.96 25.21
CA VAL B 78 29.04 12.10 24.86
C VAL B 78 28.14 12.36 26.06
N PHE B 79 27.70 13.61 26.22
CA PHE B 79 26.90 14.02 27.39
C PHE B 79 25.71 14.87 27.00
N MET B 80 24.65 14.79 27.83
CA MET B 80 23.57 15.77 27.82
C MET B 80 23.32 16.27 29.23
N GLU B 81 23.18 17.58 29.37
CA GLU B 81 22.77 18.21 30.63
C GLU B 81 21.38 18.82 30.46
N LEU B 82 20.44 18.39 31.29
CA LEU B 82 19.12 18.98 31.29
C LEU B 82 18.89 19.75 32.60
N ARG B 83 18.72 21.07 32.46
CA ARG B 83 18.56 21.95 33.61
C ARG B 83 17.11 22.32 33.89
N GLY B 84 16.90 22.99 35.03
CA GLY B 84 15.59 23.44 35.43
C GLY B 84 14.60 22.30 35.39
N LEU B 85 14.97 21.20 36.02
CA LEU B 85 14.18 19.98 35.93
C LEU B 85 12.78 20.16 36.47
N ARG B 86 11.84 19.51 35.80
CA ARG B 86 10.46 19.54 36.21
C ARG B 86 9.97 18.12 36.34
N LEU B 87 8.88 17.93 37.07
CA LEU B 87 8.32 16.60 37.22
C LEU B 87 8.05 15.97 35.86
N ASP B 88 7.66 16.77 34.87
CA ASP B 88 7.37 16.20 33.56
C ASP B 88 8.58 15.98 32.67
N ASP B 89 9.77 16.24 33.20
CA ASP B 89 11.02 15.80 32.57
C ASP B 89 11.33 14.35 32.96
N THR B 90 10.54 13.84 33.89
CA THR B 90 10.64 12.46 34.33
C THR B 90 10.46 11.51 33.16
N ALA B 91 11.51 10.76 32.88
CA ALA B 91 11.49 9.87 31.73
C ALA B 91 12.71 8.96 31.71
N VAL B 92 12.69 7.98 30.81
CA VAL B 92 13.92 7.23 30.53
C VAL B 92 14.67 7.95 29.45
N TYR B 93 15.93 8.24 29.70
CA TYR B 93 16.77 8.94 28.75
C TYR B 93 17.75 7.97 28.09
N TYR B 94 17.74 7.94 26.77
CA TYR B 94 18.60 7.07 26.00
C TYR B 94 19.59 7.92 25.21
N CYS B 95 20.81 7.44 25.10
CA CYS B 95 21.65 7.89 24.01
C CYS B 95 21.56 6.75 23.02
N ALA B 96 21.60 7.07 21.74
CA ALA B 96 21.47 6.01 20.74
C ALA B 96 22.07 6.47 19.44
N ARG B 97 22.74 5.54 18.78
CA ARG B 97 23.53 5.89 17.60
C ARG B 97 22.78 5.70 16.31
N ASP B 98 23.31 6.33 15.27
CA ASP B 98 22.66 6.35 13.97
C ASP B 98 23.64 6.79 12.91
N GLY B 99 23.78 5.98 11.85
CA GLY B 99 24.68 6.33 10.77
C GLY B 99 24.22 7.58 10.06
N LEU B 100 22.90 7.77 9.97
CA LEU B 100 22.32 8.93 9.33
C LEU B 100 22.80 9.13 7.87
N GLY B 101 23.00 8.05 7.13
CA GLY B 101 23.38 8.15 5.72
C GLY B 101 24.80 8.70 5.60
N GLU B 102 25.53 8.57 6.69
CA GLU B 102 26.88 9.12 6.90
C GLU B 102 27.95 8.08 7.15
N VAL B 103 27.58 6.80 7.25
CA VAL B 103 28.58 5.76 7.53
C VAL B 103 29.04 5.41 6.14
N ALA B 104 30.19 4.76 6.01
CA ALA B 104 30.70 4.45 4.67
C ALA B 104 29.98 3.40 3.85
N PRO B 105 29.65 2.25 4.42
CA PRO B 105 28.97 1.34 3.50
C PRO B 105 27.46 1.45 3.69
N ALA B 106 26.72 1.25 2.60
CA ALA B 106 25.26 1.35 2.59
C ALA B 106 24.68 2.76 2.79
N TYR B 107 25.26 3.60 3.65
CA TYR B 107 24.71 4.94 3.86
C TYR B 107 23.26 4.87 4.34
N LEU B 108 23.06 4.20 5.45
CA LEU B 108 21.73 3.95 5.97
C LEU B 108 21.39 4.91 7.10
N TYR B 109 20.12 5.31 7.18
CA TYR B 109 19.56 5.95 8.38
C TYR B 109 18.87 4.90 9.22
N GLY B 110 18.69 5.17 10.51
CA GLY B 110 18.04 4.22 11.39
C GLY B 110 18.82 4.03 12.68
N ILE B 111 18.13 4.16 13.81
CA ILE B 111 18.76 4.01 15.10
C ILE B 111 18.91 2.55 15.50
N ASP B 112 20.07 1.98 15.24
CA ASP B 112 20.22 0.53 15.31
C ASP B 112 20.76 0.03 16.67
N ALA B 113 21.47 0.88 17.40
CA ALA B 113 21.95 0.56 18.74
C ALA B 113 21.57 1.60 19.76
N TRP B 114 21.01 1.12 20.87
CA TRP B 114 20.58 1.97 21.96
C TRP B 114 21.38 1.70 23.22
N GLY B 115 21.63 2.75 24.00
CA GLY B 115 22.20 2.58 25.31
C GLY B 115 21.11 1.92 26.18
N GLN B 116 21.44 1.52 27.41
CA GLN B 116 20.47 0.80 28.25
C GLN B 116 19.39 1.72 28.78
N GLY B 117 19.64 3.03 28.75
CA GLY B 117 18.67 4.01 29.22
C GLY B 117 18.98 4.46 30.62
N SER B 118 18.74 5.72 30.90
CA SER B 118 18.90 6.27 32.24
C SER B 118 17.60 6.87 32.72
N THR B 119 17.02 6.25 33.73
CA THR B 119 15.77 6.76 34.30
C THR B 119 16.00 8.00 35.14
N VAL B 120 15.29 9.07 34.82
CA VAL B 120 15.35 10.30 35.62
C VAL B 120 13.94 10.57 36.13
N ILE B 121 13.84 10.71 37.45
CA ILE B 121 12.59 10.97 38.16
C ILE B 121 12.75 12.28 38.91
N VAL B 122 12.01 13.30 38.48
CA VAL B 122 12.11 14.58 39.13
C VAL B 122 11.02 14.73 40.17
N THR B 123 11.50 14.89 41.41
CA THR B 123 10.65 15.07 42.57
C THR B 123 11.45 15.46 43.80
N SER B 124 10.72 15.93 44.79
CA SER B 124 11.29 16.34 46.05
C SER B 124 11.00 15.30 47.10
N ALA B 125 10.27 14.25 46.70
CA ALA B 125 9.93 13.22 47.66
C ALA B 125 11.13 12.44 48.09
N SER B 126 11.09 12.07 49.37
CA SER B 126 12.06 11.24 50.05
C SER B 126 11.45 9.85 50.17
N THR B 127 12.24 8.87 50.57
CA THR B 127 11.70 7.53 50.76
C THR B 127 10.53 7.61 51.75
N LYS B 128 9.40 7.00 51.37
CA LYS B 128 8.18 7.03 52.16
C LYS B 128 7.34 5.78 51.94
N GLY B 129 6.89 5.18 53.03
CA GLY B 129 6.01 4.05 52.94
C GLY B 129 4.61 4.53 52.59
N PRO B 130 3.81 3.64 51.97
CA PRO B 130 2.48 4.01 51.49
C PRO B 130 1.46 4.04 52.60
N SER B 131 0.40 4.81 52.38
CA SER B 131 -0.80 4.69 53.19
C SER B 131 -1.74 3.77 52.43
N VAL B 132 -2.29 2.78 53.13
CA VAL B 132 -3.17 1.79 52.51
C VAL B 132 -4.58 2.01 52.99
N PHE B 133 -5.47 2.44 52.10
CA PHE B 133 -6.86 2.65 52.51
C PHE B 133 -7.71 1.56 51.86
N PRO B 134 -8.83 1.18 52.51
CA PRO B 134 -9.65 0.11 51.89
C PRO B 134 -10.71 0.59 50.91
N LEU B 135 -10.95 -0.20 49.86
CA LEU B 135 -12.08 0.00 48.97
C LEU B 135 -13.20 -1.01 49.17
N ALA B 136 -14.17 -0.64 50.01
CA ALA B 136 -15.17 -1.54 50.58
C ALA B 136 -16.14 -2.09 49.52
N PRO B 137 -16.63 -3.32 49.70
CA PRO B 137 -17.56 -3.90 48.72
C PRO B 137 -18.90 -3.14 48.56
N SER B 138 -19.55 -3.35 47.43
CA SER B 138 -20.80 -2.65 47.11
C SER B 138 -22.00 -3.27 47.82
N SER B 139 -23.13 -2.57 47.77
CA SER B 139 -24.41 -2.98 48.33
C SER B 139 -24.33 -4.11 49.36
N THR B 146 -21.79 -11.05 41.90
CA THR B 146 -20.47 -10.48 41.63
C THR B 146 -20.28 -9.17 42.39
N ALA B 147 -19.32 -9.14 43.30
CA ALA B 147 -18.90 -7.87 43.91
C ALA B 147 -17.41 -7.58 43.79
N ALA B 148 -17.09 -6.29 43.86
CA ALA B 148 -15.73 -5.76 43.73
C ALA B 148 -15.16 -5.23 45.05
N LEU B 149 -13.94 -5.59 45.41
CA LEU B 149 -13.36 -5.00 46.63
C LEU B 149 -11.86 -4.79 46.44
N GLY B 150 -11.26 -3.91 47.22
CA GLY B 150 -9.83 -3.69 47.04
C GLY B 150 -9.09 -2.87 48.06
N CYS B 151 -7.85 -2.53 47.73
CA CYS B 151 -6.98 -1.70 48.56
C CYS B 151 -6.48 -0.57 47.69
N LEU B 152 -6.47 0.63 48.22
CA LEU B 152 -5.86 1.78 47.56
C LEU B 152 -4.53 2.06 48.24
N VAL B 153 -3.42 1.83 47.54
CA VAL B 153 -2.08 2.08 48.08
C VAL B 153 -1.45 3.41 47.64
N LYS B 154 -1.58 4.43 48.48
CA LYS B 154 -1.29 5.81 48.09
C LYS B 154 -0.06 6.41 48.76
N ASP B 155 0.64 7.25 48.00
CA ASP B 155 1.70 8.10 48.52
C ASP B 155 2.89 7.37 49.11
N TYR B 156 3.62 6.67 48.25
CA TYR B 156 4.87 6.03 48.64
C TYR B 156 5.95 6.40 47.64
N PHE B 157 7.19 6.28 48.06
CA PHE B 157 8.31 6.55 47.17
C PHE B 157 9.58 5.90 47.72
N PRO B 158 10.41 5.32 46.85
CA PRO B 158 10.22 5.06 45.42
C PRO B 158 9.51 3.74 45.21
N GLU B 159 9.41 3.29 43.97
CA GLU B 159 8.96 1.92 43.70
C GLU B 159 9.99 0.93 44.20
N PRO B 160 9.59 -0.34 44.36
CA PRO B 160 8.24 -0.89 44.19
C PRO B 160 7.56 -1.25 45.50
N VAL B 161 6.25 -1.39 45.45
CA VAL B 161 5.49 -2.03 46.52
C VAL B 161 4.95 -3.33 45.97
N THR B 162 4.86 -4.36 46.82
CA THR B 162 4.21 -5.59 46.42
C THR B 162 2.94 -5.75 47.23
N VAL B 163 1.95 -6.41 46.63
CA VAL B 163 0.66 -6.60 47.28
C VAL B 163 0.18 -8.01 47.02
N SER B 164 -0.26 -8.68 48.08
CA SER B 164 -0.92 -9.99 47.96
C SER B 164 -2.26 -9.92 48.70
N TRP B 165 -3.03 -11.01 48.63
CA TRP B 165 -4.31 -11.07 49.33
C TRP B 165 -4.40 -12.35 50.14
N ASN B 166 -4.90 -12.24 51.36
CA ASN B 166 -5.03 -13.39 52.24
C ASN B 166 -3.73 -14.16 52.32
N SER B 167 -2.63 -13.45 52.57
CA SER B 167 -1.32 -14.09 52.65
C SER B 167 -0.97 -14.82 51.35
N GLY B 168 -1.45 -14.30 50.23
CA GLY B 168 -1.09 -14.88 48.95
C GLY B 168 -1.99 -16.05 48.56
N ALA B 169 -2.98 -16.34 49.39
CA ALA B 169 -3.90 -17.45 49.14
C ALA B 169 -5.10 -17.05 48.27
N LEU B 170 -5.02 -15.89 47.62
CA LEU B 170 -6.08 -15.41 46.73
C LEU B 170 -5.54 -14.77 45.45
N THR B 171 -5.50 -15.53 44.35
CA THR B 171 -5.00 -15.00 43.07
C THR B 171 -6.11 -14.89 42.02
N SER B 172 -7.11 -15.75 42.12
CA SER B 172 -8.23 -15.76 41.17
C SER B 172 -8.97 -14.43 41.09
N GLY B 173 -8.86 -13.77 39.93
CA GLY B 173 -9.64 -12.58 39.63
C GLY B 173 -9.13 -11.31 40.27
N VAL B 174 -7.86 -11.30 40.61
CA VAL B 174 -7.20 -10.14 41.20
C VAL B 174 -6.53 -9.29 40.11
N HIS B 175 -6.68 -7.96 40.20
CA HIS B 175 -5.94 -7.02 39.35
C HIS B 175 -5.23 -5.95 40.19
N THR B 176 -3.90 -5.96 40.14
CA THR B 176 -3.10 -4.90 40.76
C THR B 176 -2.59 -3.99 39.65
N PHE B 177 -3.06 -2.76 39.69
CA PHE B 177 -2.78 -1.79 38.65
C PHE B 177 -1.35 -1.32 38.75
N PRO B 178 -0.74 -0.98 37.61
CA PRO B 178 0.57 -0.38 37.70
C PRO B 178 0.49 0.96 38.37
N ALA B 179 1.53 1.31 39.13
CA ALA B 179 1.50 2.52 39.91
C ALA B 179 1.46 3.72 39.00
N VAL B 180 0.89 4.80 39.51
CA VAL B 180 0.91 6.08 38.81
C VAL B 180 1.67 7.04 39.68
N LEU B 181 2.41 7.93 39.05
CA LEU B 181 3.14 8.95 39.79
C LEU B 181 2.29 10.21 39.89
N GLN B 182 1.92 10.57 41.11
CA GLN B 182 1.03 11.70 41.39
C GLN B 182 1.76 13.04 41.31
N SER B 183 1.00 14.13 41.33
CA SER B 183 1.56 15.48 41.28
C SER B 183 2.42 15.85 42.46
N SER B 184 2.36 15.07 43.52
CA SER B 184 3.23 15.29 44.67
C SER B 184 4.66 14.83 44.37
N GLY B 185 4.78 13.81 43.53
CA GLY B 185 6.05 13.19 43.28
C GLY B 185 6.13 11.88 44.04
N LEU B 186 4.99 11.47 44.56
CA LEU B 186 4.79 10.19 45.21
C LEU B 186 3.85 9.32 44.40
N TYR B 187 4.07 8.02 44.49
CA TYR B 187 3.28 7.06 43.79
C TYR B 187 2.00 6.67 44.50
N SER B 188 1.12 6.07 43.72
CA SER B 188 -0.15 5.56 44.21
C SER B 188 -0.62 4.50 43.23
N LEU B 189 -1.22 3.45 43.78
CA LEU B 189 -1.83 2.42 42.97
C LEU B 189 -3.02 1.86 43.69
N SER B 190 -3.73 0.98 42.99
CA SER B 190 -4.85 0.30 43.56
C SER B 190 -4.68 -1.17 43.26
N SER B 191 -5.20 -2.01 44.16
CA SER B 191 -5.24 -3.44 43.93
C SER B 191 -6.67 -3.87 44.19
N VAL B 192 -7.28 -4.54 43.22
CA VAL B 192 -8.68 -4.93 43.33
C VAL B 192 -8.90 -6.43 43.09
N VAL B 193 -10.05 -6.92 43.52
CA VAL B 193 -10.44 -8.29 43.27
C VAL B 193 -11.96 -8.35 43.11
N THR B 194 -12.39 -9.26 42.26
CA THR B 194 -13.80 -9.58 42.06
C THR B 194 -14.15 -10.92 42.70
N VAL B 195 -15.26 -10.94 43.45
CA VAL B 195 -15.62 -12.12 44.24
C VAL B 195 -17.13 -12.34 44.28
N PRO B 196 -17.55 -13.56 44.61
CA PRO B 196 -18.96 -13.90 44.72
C PRO B 196 -19.65 -13.08 45.80
N SER B 197 -20.92 -12.77 45.60
CA SER B 197 -21.64 -11.93 46.52
C SER B 197 -22.05 -12.76 47.74
N SER B 198 -22.26 -14.05 47.53
CA SER B 198 -22.56 -15.00 48.60
C SER B 198 -21.47 -15.08 49.67
N SER B 199 -20.22 -14.95 49.26
CA SER B 199 -19.09 -15.09 50.18
C SER B 199 -18.75 -13.81 50.95
N LEU B 200 -19.36 -12.68 50.55
CA LEU B 200 -19.09 -11.40 51.18
C LEU B 200 -19.42 -11.33 52.67
N GLY B 201 -20.44 -12.07 53.06
CA GLY B 201 -20.86 -12.10 54.45
C GLY B 201 -19.90 -12.88 55.33
N THR B 202 -19.32 -13.93 54.78
CA THR B 202 -18.47 -14.85 55.54
C THR B 202 -16.98 -14.65 55.26
N GLN B 203 -16.60 -14.64 53.99
CA GLN B 203 -15.19 -14.63 53.64
C GLN B 203 -14.52 -13.32 54.03
N THR B 204 -13.38 -13.46 54.68
CA THR B 204 -12.57 -12.34 55.16
C THR B 204 -11.49 -12.07 54.12
N TYR B 205 -11.38 -10.82 53.70
CA TYR B 205 -10.44 -10.44 52.65
C TYR B 205 -9.42 -9.45 53.21
N ILE B 206 -8.14 -9.80 53.11
CA ILE B 206 -7.07 -8.95 53.64
C ILE B 206 -6.00 -8.72 52.60
N CYS B 207 -5.73 -7.47 52.23
CA CYS B 207 -4.58 -7.24 51.35
C CYS B 207 -3.28 -7.05 52.13
N ASN B 208 -2.25 -7.77 51.72
CA ASN B 208 -0.95 -7.66 52.36
C ASN B 208 -0.04 -6.82 51.49
N VAL B 209 0.29 -5.61 51.93
CA VAL B 209 1.15 -4.71 51.18
C VAL B 209 2.55 -4.70 51.78
N ASN B 210 3.56 -4.58 50.93
CA ASN B 210 4.95 -4.50 51.39
C ASN B 210 5.74 -3.52 50.55
N HIS B 211 6.26 -2.50 51.21
CA HIS B 211 7.15 -1.53 50.60
C HIS B 211 8.51 -1.65 51.25
N LYS B 212 9.32 -2.50 50.63
CA LYS B 212 10.63 -2.89 51.13
C LYS B 212 11.56 -1.69 51.35
N PRO B 213 11.60 -0.75 50.39
CA PRO B 213 12.47 0.43 50.51
C PRO B 213 12.36 1.17 51.84
N SER B 214 11.22 1.03 52.51
CA SER B 214 10.99 1.69 53.79
C SER B 214 10.71 0.71 54.94
N ASN B 215 11.00 -0.57 54.69
CA ASN B 215 10.74 -1.64 55.67
C ASN B 215 9.29 -1.54 56.14
N THR B 216 8.41 -1.08 55.26
CA THR B 216 7.00 -1.01 55.61
C THR B 216 6.21 -2.21 55.10
N LYS B 217 5.51 -2.89 56.01
CA LYS B 217 4.63 -3.98 55.60
C LYS B 217 3.30 -3.79 56.32
N VAL B 218 2.21 -3.78 55.57
CA VAL B 218 0.89 -3.55 56.16
C VAL B 218 -0.04 -4.64 55.68
N ASP B 219 -0.82 -5.21 56.59
CA ASP B 219 -1.89 -6.09 56.15
C ASP B 219 -3.23 -5.45 56.48
N LYS B 220 -3.99 -5.03 55.47
CA LYS B 220 -5.23 -4.29 55.73
C LYS B 220 -6.46 -5.06 55.23
N LYS B 221 -7.36 -5.36 56.16
CA LYS B 221 -8.63 -6.00 55.79
C LYS B 221 -9.63 -4.94 55.38
N ALA B 222 -10.10 -5.01 54.14
CA ALA B 222 -11.14 -4.12 53.69
C ALA B 222 -12.46 -4.87 53.78
N GLU B 223 -13.40 -4.34 54.55
CA GLU B 223 -14.70 -4.97 54.72
C GLU B 223 -15.84 -3.95 54.82
N PRO B 224 -17.08 -4.39 54.56
CA PRO B 224 -18.23 -3.48 54.62
C PRO B 224 -18.37 -2.77 55.95
N ILE C 2 8.67 18.52 10.67
CA ILE C 2 7.49 17.83 10.19
C ILE C 2 6.80 17.08 11.33
N VAL C 3 5.56 16.66 11.08
CA VAL C 3 4.82 15.78 11.98
C VAL C 3 4.23 14.52 11.38
N LEU C 4 4.38 13.44 12.14
CA LEU C 4 3.94 12.12 11.78
C LEU C 4 2.81 11.73 12.70
N THR C 5 1.77 11.15 12.10
CA THR C 5 0.63 10.61 12.81
C THR C 5 0.47 9.15 12.37
N GLN C 6 0.14 8.28 13.32
CA GLN C 6 -0.05 6.86 13.01
C GLN C 6 -1.46 6.36 13.22
N SER C 7 -1.84 5.38 12.42
CA SER C 7 -3.14 4.73 12.59
C SER C 7 -3.14 3.24 12.25
N PRO C 8 -4.02 2.47 12.91
CA PRO C 8 -4.89 2.90 14.00
C PRO C 8 -4.17 3.04 15.32
N ALA C 9 -4.84 3.59 16.33
CA ALA C 9 -4.27 3.66 17.67
C ALA C 9 -4.02 2.26 18.18
N THR C 10 -5.00 1.38 18.01
CA THR C 10 -4.84 -0.02 18.36
C THR C 10 -5.22 -0.91 17.18
N LEU C 11 -4.43 -1.95 16.94
CA LEU C 11 -4.75 -3.00 15.96
C LEU C 11 -4.98 -4.32 16.66
N SER C 12 -6.22 -4.79 16.61
CA SER C 12 -6.56 -6.08 17.18
C SER C 12 -6.41 -7.16 16.12
N LEU C 13 -5.71 -8.23 16.46
CA LEU C 13 -5.42 -9.28 15.49
C LEU C 13 -5.25 -10.62 16.16
N SER C 14 -5.60 -11.66 15.41
CA SER C 14 -5.36 -13.03 15.82
C SER C 14 -4.05 -13.52 15.20
N PRO C 15 -3.34 -14.44 15.87
CA PRO C 15 -2.11 -14.97 15.28
C PRO C 15 -2.34 -15.59 13.91
N GLY C 16 -1.51 -15.24 12.93
CA GLY C 16 -1.66 -15.74 11.59
C GLY C 16 -2.16 -14.66 10.67
N GLU C 17 -2.86 -13.69 11.25
CA GLU C 17 -3.44 -12.60 10.49
C GLU C 17 -2.37 -11.62 10.05
N ARG C 18 -2.68 -10.89 8.99
CA ARG C 18 -1.78 -9.90 8.41
C ARG C 18 -1.97 -8.56 9.07
N ALA C 19 -0.90 -8.03 9.64
CA ALA C 19 -0.95 -6.73 10.27
C ALA C 19 -0.43 -5.68 9.31
N THR C 20 -1.13 -4.56 9.24
CA THR C 20 -0.65 -3.42 8.50
C THR C 20 -0.87 -2.13 9.30
N LEU C 21 0.24 -1.49 9.67
CA LEU C 21 0.23 -0.28 10.46
C LEU C 21 0.51 0.93 9.56
N SER C 22 -0.15 2.05 9.83
CA SER C 22 -0.03 3.22 8.97
C SER C 22 0.66 4.41 9.63
N CYS C 23 1.43 5.14 8.83
CA CYS C 23 2.12 6.37 9.23
C CYS C 23 1.93 7.47 8.20
N ARG C 24 1.44 8.62 8.66
CA ARG C 24 1.14 9.77 7.79
C ARG C 24 1.98 10.97 8.18
N ALA C 25 2.52 11.64 7.17
CA ALA C 25 3.45 12.74 7.35
C ALA C 25 2.85 14.07 6.87
N SER C 26 3.11 15.13 7.63
CA SER C 26 2.57 16.45 7.37
C SER C 26 3.05 17.00 6.03
N GLN C 27 4.26 16.64 5.62
CA GLN C 27 4.81 17.03 4.32
C GLN C 27 5.48 15.85 3.65
N GLY C 28 5.95 16.05 2.44
CA GLY C 28 6.55 14.98 1.66
C GLY C 28 7.84 14.49 2.29
N LEU C 29 7.93 13.18 2.48
CA LEU C 29 9.13 12.52 2.99
C LEU C 29 9.66 11.55 1.97
N ASN C 30 10.92 11.19 2.07
CA ASN C 30 11.47 10.15 1.22
C ASN C 30 11.17 8.78 1.76
N PHE C 31 11.10 8.70 3.08
CA PHE C 31 10.94 7.42 3.75
C PHE C 31 10.65 7.71 5.21
N VAL C 32 10.34 6.66 5.93
CA VAL C 32 10.24 6.74 7.36
C VAL C 32 10.82 5.46 7.90
N VAL C 33 11.30 5.46 9.14
CA VAL C 33 11.79 4.21 9.72
C VAL C 33 10.84 3.77 10.82
N TRP C 34 10.89 2.48 11.13
CA TRP C 34 9.95 1.89 12.07
C TRP C 34 10.66 1.20 13.23
N TYR C 35 10.07 1.33 14.41
CA TYR C 35 10.58 0.71 15.61
C TYR C 35 9.49 -0.12 16.27
N GLN C 36 9.92 -1.22 16.86
CA GLN C 36 9.09 -2.05 17.70
C GLN C 36 9.51 -1.78 19.13
N GLN C 37 8.54 -1.67 20.02
CA GLN C 37 8.83 -1.52 21.43
C GLN C 37 7.92 -2.37 22.30
N LYS C 38 8.56 -3.09 23.20
CA LYS C 38 7.85 -3.86 24.20
C LYS C 38 8.00 -3.07 25.49
N GLY C 39 7.23 -3.40 26.52
CA GLY C 39 7.31 -2.66 27.76
C GLY C 39 8.61 -2.78 28.50
N GLY C 40 9.14 -1.65 28.96
CA GLY C 40 10.34 -1.70 29.79
C GLY C 40 11.64 -1.77 29.02
N GLN C 41 11.52 -1.98 27.71
CA GLN C 41 12.67 -2.10 26.83
C GLN C 41 12.79 -0.91 25.95
N ALA C 42 13.95 -0.78 25.30
CA ALA C 42 14.13 0.30 24.35
C ALA C 42 13.58 -0.11 23.00
N PRO C 43 13.31 0.89 22.13
CA PRO C 43 12.86 0.62 20.78
C PRO C 43 13.83 -0.26 20.04
N ARG C 44 13.31 -1.10 19.16
CA ARG C 44 14.17 -1.98 18.37
C ARG C 44 13.87 -1.62 16.93
N LEU C 45 14.91 -1.23 16.21
CA LEU C 45 14.77 -0.88 14.81
C LEU C 45 14.36 -2.08 13.98
N LEU C 46 13.35 -1.88 13.14
CA LEU C 46 12.80 -2.89 12.25
C LEU C 46 13.23 -2.62 10.83
N ILE C 47 12.94 -1.40 10.39
CA ILE C 47 13.13 -0.97 9.02
C ILE C 47 14.16 0.16 8.96
N HIS C 48 15.21 -0.05 8.19
CA HIS C 48 16.25 0.96 7.99
C HIS C 48 15.76 2.02 7.02
N GLY C 49 16.48 3.12 6.95
CA GLY C 49 16.18 4.20 6.03
C GLY C 49 17.39 4.56 5.17
N PRO C 50 17.24 4.57 3.83
CA PRO C 50 16.06 4.12 3.11
C PRO C 50 15.78 2.66 3.37
N THR C 51 14.62 2.20 2.91
CA THR C 51 14.16 0.84 3.12
C THR C 51 15.16 -0.18 2.50
N ASP C 52 15.09 -1.48 2.83
CA ASP C 52 13.98 -2.13 3.54
C ASP C 52 14.20 -2.39 5.04
N ARG C 53 14.61 -3.61 5.40
CA ARG C 53 14.74 -3.98 6.82
C ARG C 53 16.09 -4.32 7.41
N ALA C 54 16.31 -3.80 8.61
CA ALA C 54 17.53 -3.97 9.37
C ALA C 54 17.92 -5.44 9.54
N PRO C 55 19.16 -5.70 9.93
CA PRO C 55 19.64 -7.08 10.13
C PRO C 55 19.03 -7.71 11.40
N GLY C 56 18.76 -9.01 11.39
CA GLY C 56 18.13 -9.64 12.54
C GLY C 56 16.61 -9.62 12.54
N VAL C 57 16.04 -8.80 11.68
CA VAL C 57 14.59 -8.62 11.57
C VAL C 57 14.04 -9.77 10.73
N PRO C 58 13.00 -10.46 11.23
CA PRO C 58 12.52 -11.61 10.44
C PRO C 58 11.77 -11.21 9.18
N ASP C 59 11.60 -12.19 8.31
CA ASP C 59 11.04 -11.99 6.99
C ASP C 59 9.60 -11.46 6.98
N ARG C 60 8.85 -11.77 8.03
CA ARG C 60 7.44 -11.38 8.05
C ARG C 60 7.28 -9.88 8.08
N PHE C 61 8.35 -9.17 8.46
CA PHE C 61 8.36 -7.69 8.45
C PHE C 61 8.72 -7.15 7.06
N SER C 62 7.89 -6.22 6.62
CA SER C 62 8.04 -5.49 5.35
C SER C 62 7.47 -4.09 5.58
N ALA C 63 7.83 -3.16 4.71
CA ALA C 63 7.41 -1.79 4.87
C ALA C 63 7.29 -1.15 3.52
N ARG C 64 6.47 -0.11 3.44
CA ARG C 64 6.20 0.52 2.17
C ARG C 64 5.60 1.90 2.34
N GLY C 65 5.47 2.63 1.24
CA GLY C 65 4.91 3.96 1.21
C GLY C 65 5.74 4.90 0.38
N SER C 66 5.19 6.08 0.13
CA SER C 66 5.96 7.13 -0.53
C SER C 66 5.28 8.48 -0.39
N GLY C 67 6.09 9.52 -0.22
CA GLY C 67 5.56 10.86 -0.10
C GLY C 67 5.05 11.07 1.29
N THR C 68 3.75 11.29 1.36
CA THR C 68 3.02 11.56 2.60
C THR C 68 2.71 10.30 3.36
N GLU C 69 2.52 9.21 2.63
CA GLU C 69 1.97 7.98 3.20
C GLU C 69 2.97 6.81 3.27
N PHE C 70 3.03 6.23 4.46
CA PHE C 70 3.83 5.05 4.70
C PHE C 70 3.09 4.03 5.56
N SER C 71 3.48 2.77 5.44
CA SER C 71 2.90 1.68 6.21
C SER C 71 3.95 0.60 6.51
N LEU C 72 3.76 -0.07 7.64
CA LEU C 72 4.57 -1.23 8.02
C LEU C 72 3.71 -2.49 8.01
N VAL C 73 4.09 -3.49 7.23
CA VAL C 73 3.32 -4.72 7.11
C VAL C 73 4.00 -5.95 7.72
N ILE C 74 3.22 -6.67 8.51
CA ILE C 74 3.60 -7.97 9.07
C ILE C 74 2.72 -9.08 8.47
N SER C 75 3.28 -9.85 7.55
CA SER C 75 2.52 -10.80 6.75
C SER C 75 1.74 -11.83 7.56
N SER C 76 2.38 -12.42 8.56
CA SER C 76 1.73 -13.40 9.43
C SER C 76 2.19 -13.16 10.86
N VAL C 77 1.30 -12.55 11.63
CA VAL C 77 1.58 -12.12 13.00
C VAL C 77 1.91 -13.30 13.91
N GLU C 78 2.98 -13.15 14.68
CA GLU C 78 3.36 -14.15 15.68
C GLU C 78 3.10 -13.53 17.05
N PRO C 79 3.01 -14.37 18.10
CA PRO C 79 2.79 -13.88 19.46
C PRO C 79 3.83 -12.84 19.86
N ASP C 80 5.04 -12.98 19.33
CA ASP C 80 6.13 -12.09 19.68
C ASP C 80 5.93 -10.69 19.11
N ASP C 81 4.99 -10.54 18.19
CA ASP C 81 4.83 -9.27 17.50
C ASP C 81 3.85 -8.34 18.18
N PHE C 82 3.11 -8.83 19.17
CA PHE C 82 2.18 -7.98 19.88
C PHE C 82 3.01 -7.01 20.71
N ALA C 83 2.93 -5.73 20.34
CA ALA C 83 3.82 -4.71 20.89
C ALA C 83 3.41 -3.35 20.38
N LEU C 84 4.17 -2.33 20.73
CA LEU C 84 3.94 -0.98 20.21
C LEU C 84 4.91 -0.64 19.10
N TYR C 85 4.40 -0.06 18.02
CA TYR C 85 5.24 0.26 16.89
C TYR C 85 5.22 1.75 16.61
N TYR C 86 6.41 2.34 16.52
CA TYR C 86 6.52 3.77 16.23
C TYR C 86 7.20 3.98 14.88
N CYS C 87 6.75 4.98 14.13
CA CYS C 87 7.48 5.41 12.95
C CYS C 87 8.28 6.66 13.26
N GLN C 88 9.32 6.92 12.46
CA GLN C 88 10.22 8.03 12.73
C GLN C 88 10.78 8.68 11.46
N GLU C 89 10.94 10.00 11.52
CA GLU C 89 11.24 10.87 10.39
C GLU C 89 12.56 11.65 10.51
N TYR C 90 13.18 11.93 9.36
CA TYR C 90 14.54 12.50 9.32
C TYR C 90 14.66 13.79 8.48
N SER C 91 13.54 14.45 8.17
CA SER C 91 13.59 15.59 7.26
C SER C 91 14.41 16.79 7.76
N SER C 92 14.38 17.00 9.08
CA SER C 92 15.15 18.06 9.71
C SER C 92 14.90 17.92 11.22
N THR C 93 15.76 18.55 12.03
CA THR C 93 15.52 18.55 13.46
C THR C 93 14.39 19.53 13.79
N PRO C 94 13.59 19.23 14.83
CA PRO C 94 13.65 17.99 15.63
C PRO C 94 13.08 16.78 14.88
N TYR C 95 13.71 15.63 15.05
CA TYR C 95 13.23 14.43 14.37
C TYR C 95 12.05 13.87 15.16
N ASN C 96 10.88 13.84 14.54
CA ASN C 96 9.66 13.43 15.21
C ASN C 96 9.41 11.93 15.13
N PHE C 97 8.90 11.37 16.21
CA PHE C 97 8.42 9.99 16.23
C PHE C 97 6.90 10.04 16.11
N GLY C 98 6.31 9.00 15.56
CA GLY C 98 4.86 8.92 15.54
C GLY C 98 4.39 8.59 16.94
N PRO C 99 3.09 8.74 17.18
CA PRO C 99 2.55 8.46 18.51
C PRO C 99 2.46 6.98 18.85
N GLY C 100 2.59 6.12 17.83
CA GLY C 100 2.63 4.69 18.07
C GLY C 100 1.29 4.04 17.86
N THR C 101 1.32 2.82 17.35
CA THR C 101 0.14 1.98 17.19
C THR C 101 0.32 0.70 17.99
N ARG C 102 -0.60 0.45 18.91
CA ARG C 102 -0.56 -0.72 19.78
C ARG C 102 -1.19 -1.93 19.05
N VAL C 103 -0.42 -3.01 18.95
CA VAL C 103 -0.92 -4.27 18.40
C VAL C 103 -1.22 -5.26 19.53
N GLU C 104 -2.50 -5.60 19.63
CA GLU C 104 -3.04 -6.52 20.62
C GLU C 104 -3.77 -7.70 20.00
N ARG C 105 -4.18 -8.61 20.87
CA ARG C 105 -4.79 -9.87 20.48
C ARG C 105 -6.28 -9.63 20.32
N LYS C 106 -6.83 -10.05 19.19
CA LYS C 106 -8.24 -9.82 18.90
C LYS C 106 -9.06 -10.71 19.80
N ARG C 107 -10.24 -10.21 20.18
CA ARG C 107 -11.18 -10.97 20.97
C ARG C 107 -12.60 -10.49 20.75
N THR C 108 -13.58 -11.25 21.26
CA THR C 108 -14.97 -10.84 21.16
C THR C 108 -15.21 -9.66 22.07
N VAL C 109 -15.97 -8.68 21.58
CA VAL C 109 -16.27 -7.48 22.36
C VAL C 109 -16.74 -7.88 23.76
N ALA C 110 -16.27 -7.18 24.78
CA ALA C 110 -16.67 -7.46 26.16
C ALA C 110 -16.94 -6.16 26.90
N ALA C 111 -18.12 -6.04 27.49
CA ALA C 111 -18.48 -4.84 28.24
C ALA C 111 -17.75 -4.87 29.56
N PRO C 112 -17.36 -3.69 30.06
CA PRO C 112 -16.71 -3.68 31.38
C PRO C 112 -17.69 -3.96 32.49
N SER C 113 -17.20 -4.54 33.58
CA SER C 113 -17.98 -4.56 34.81
C SER C 113 -17.58 -3.34 35.61
N VAL C 114 -18.52 -2.41 35.81
CA VAL C 114 -18.16 -1.13 36.42
C VAL C 114 -18.46 -1.07 37.91
N PHE C 115 -17.48 -0.62 38.69
CA PHE C 115 -17.67 -0.40 40.13
C PHE C 115 -17.13 0.98 40.54
N ILE C 116 -17.76 1.61 41.53
CA ILE C 116 -17.22 2.87 42.08
C ILE C 116 -16.99 2.80 43.58
N PHE C 117 -15.90 3.40 44.04
CA PHE C 117 -15.50 3.36 45.45
C PHE C 117 -15.31 4.77 46.05
N PRO C 118 -16.14 5.12 47.06
CA PRO C 118 -15.98 6.36 47.81
C PRO C 118 -14.71 6.37 48.64
N PRO C 119 -14.28 7.55 49.10
CA PRO C 119 -13.13 7.54 49.99
C PRO C 119 -13.49 6.93 51.33
N SER C 120 -12.55 6.18 51.89
CA SER C 120 -12.74 5.55 53.20
C SER C 120 -12.80 6.61 54.30
N ASP C 121 -13.43 6.26 55.42
CA ASP C 121 -13.45 7.19 56.53
C ASP C 121 -12.02 7.37 57.07
N GLU C 122 -11.21 6.33 56.90
CA GLU C 122 -9.82 6.36 57.33
C GLU C 122 -9.01 7.41 56.56
N GLN C 123 -9.19 7.43 55.25
CA GLN C 123 -8.48 8.35 54.35
C GLN C 123 -8.87 9.80 54.54
N LEU C 124 -10.14 10.03 54.85
CA LEU C 124 -10.66 11.37 54.98
C LEU C 124 -9.91 12.15 56.07
N LYS C 125 -9.48 11.43 57.11
CA LYS C 125 -8.64 11.99 58.15
C LYS C 125 -7.38 12.66 57.60
N SER C 126 -6.75 12.05 56.60
CA SER C 126 -5.47 12.55 56.10
C SER C 126 -5.63 13.86 55.37
N GLY C 127 -6.86 14.33 55.22
CA GLY C 127 -7.12 15.63 54.63
C GLY C 127 -7.32 15.56 53.12
N THR C 128 -7.18 14.36 52.57
CA THR C 128 -7.40 14.13 51.14
C THR C 128 -8.48 13.08 50.94
N ALA C 129 -9.10 13.11 49.76
CA ALA C 129 -10.15 12.16 49.42
C ALA C 129 -9.94 11.65 48.00
N SER C 130 -9.99 10.33 47.88
CA SER C 130 -9.84 9.66 46.60
C SER C 130 -11.11 8.94 46.24
N VAL C 131 -11.63 9.24 45.07
CA VAL C 131 -12.83 8.58 44.58
C VAL C 131 -12.38 7.71 43.42
N VAL C 132 -12.70 6.42 43.46
CA VAL C 132 -12.18 5.48 42.47
C VAL C 132 -13.26 4.84 41.58
N CYS C 133 -13.03 4.82 40.28
CA CYS C 133 -13.93 4.12 39.38
C CYS C 133 -13.17 2.98 38.70
N LEU C 134 -13.61 1.75 38.94
CA LEU C 134 -12.97 0.57 38.38
C LEU C 134 -13.78 0.02 37.21
N LEU C 135 -13.10 -0.19 36.09
CA LEU C 135 -13.63 -0.89 34.93
C LEU C 135 -12.96 -2.25 34.75
N ASN C 136 -13.70 -3.33 34.99
CA ASN C 136 -13.13 -4.69 35.03
C ASN C 136 -13.37 -5.55 33.79
N ASN C 137 -12.27 -6.09 33.24
CA ASN C 137 -12.31 -7.10 32.16
C ASN C 137 -13.11 -6.70 30.93
N PHE C 138 -12.64 -5.67 30.24
CA PHE C 138 -13.32 -5.19 29.04
C PHE C 138 -12.45 -5.34 27.79
N TYR C 139 -13.11 -5.25 26.65
CA TYR C 139 -12.46 -5.27 25.35
C TYR C 139 -13.35 -4.63 24.29
N PRO C 140 -12.77 -3.83 23.38
CA PRO C 140 -11.35 -3.47 23.19
C PRO C 140 -10.81 -2.56 24.30
N ARG C 141 -9.51 -2.23 24.22
CA ARG C 141 -8.84 -1.48 25.28
C ARG C 141 -9.43 -0.07 25.35
N GLU C 142 -9.83 0.50 24.20
CA GLU C 142 -10.32 1.88 24.20
C GLU C 142 -11.62 1.99 24.99
N ALA C 143 -11.58 2.85 26.00
CA ALA C 143 -12.71 3.10 26.88
C ALA C 143 -12.59 4.53 27.39
N LYS C 144 -13.72 5.21 27.58
CA LYS C 144 -13.70 6.58 28.11
C LYS C 144 -14.41 6.68 29.46
N VAL C 145 -13.72 7.25 30.45
CA VAL C 145 -14.31 7.54 31.76
C VAL C 145 -14.52 9.04 31.89
N GLN C 146 -15.66 9.44 32.44
CA GLN C 146 -15.94 10.83 32.71
C GLN C 146 -16.47 11.04 34.12
N TRP C 147 -15.79 11.89 34.91
CA TRP C 147 -16.24 12.16 36.27
C TRP C 147 -17.21 13.33 36.38
N LYS C 148 -18.21 13.19 37.25
CA LYS C 148 -19.10 14.30 37.58
C LYS C 148 -19.37 14.36 39.08
N VAL C 149 -19.22 15.57 39.61
CA VAL C 149 -19.55 15.88 40.99
C VAL C 149 -20.67 16.90 41.03
N ASP C 150 -21.86 16.46 41.45
CA ASP C 150 -23.07 17.29 41.39
C ASP C 150 -23.25 17.87 39.98
N ASN C 151 -23.07 17.01 38.99
CA ASN C 151 -23.27 17.36 37.58
C ASN C 151 -22.22 18.33 37.06
N ALA C 152 -21.16 18.54 37.83
CA ALA C 152 -20.01 19.32 37.38
C ALA C 152 -18.97 18.39 36.80
N LEU C 153 -18.68 18.55 35.52
CA LEU C 153 -17.68 17.74 34.86
C LEU C 153 -16.30 18.03 35.46
N GLN C 154 -15.65 16.99 35.97
CA GLN C 154 -14.31 17.11 36.52
C GLN C 154 -13.25 16.86 35.45
N SER C 155 -12.42 17.86 35.20
CA SER C 155 -11.39 17.77 34.18
C SER C 155 -10.04 18.17 34.74
N GLY C 156 -9.07 17.27 34.56
CA GLY C 156 -7.70 17.55 34.93
C GLY C 156 -7.35 17.10 36.34
N ASN C 157 -8.36 16.76 37.12
CA ASN C 157 -8.12 16.35 38.50
C ASN C 157 -8.41 14.86 38.73
N SER C 158 -8.29 14.05 37.69
CA SER C 158 -8.42 12.60 37.83
C SER C 158 -7.28 11.91 37.11
N GLN C 159 -6.95 10.68 37.52
CA GLN C 159 -5.90 9.88 36.87
C GLN C 159 -6.33 8.44 36.59
N GLU C 160 -6.03 7.94 35.40
CA GLU C 160 -6.42 6.59 35.01
C GLU C 160 -5.20 5.67 34.96
N SER C 161 -5.41 4.38 35.22
CA SER C 161 -4.34 3.38 35.12
C SER C 161 -4.94 2.10 34.55
N VAL C 162 -4.23 1.49 33.60
CA VAL C 162 -4.74 0.33 32.86
C VAL C 162 -3.79 -0.86 32.90
N THR C 163 -4.30 -2.04 33.22
CA THR C 163 -3.48 -3.25 33.20
C THR C 163 -3.08 -3.62 31.79
N GLU C 164 -2.06 -4.47 31.68
CA GLU C 164 -1.65 -5.06 30.40
C GLU C 164 -2.71 -6.08 29.99
N GLN C 165 -2.88 -6.29 28.69
CA GLN C 165 -3.87 -7.26 28.22
C GLN C 165 -3.56 -8.58 28.88
N ASP C 166 -4.55 -9.15 29.56
CA ASP C 166 -4.37 -10.37 30.32
C ASP C 166 -3.99 -11.53 29.41
N SER C 167 -2.97 -12.26 29.81
CA SER C 167 -2.44 -13.32 28.96
C SER C 167 -3.37 -14.52 28.92
N LYS C 168 -4.31 -14.56 29.86
CA LYS C 168 -5.17 -15.73 29.97
C LYS C 168 -6.53 -15.48 29.33
N ASP C 169 -7.15 -14.33 29.58
CA ASP C 169 -8.48 -14.05 28.99
C ASP C 169 -8.48 -12.86 28.02
N SER C 170 -7.32 -12.28 27.77
CA SER C 170 -7.16 -11.24 26.76
C SER C 170 -8.06 -10.02 26.99
N THR C 171 -8.35 -9.70 28.24
CA THR C 171 -9.14 -8.52 28.58
C THR C 171 -8.25 -7.49 29.26
N TYR C 172 -8.82 -6.30 29.46
CA TYR C 172 -8.14 -5.26 30.21
C TYR C 172 -8.94 -4.89 31.44
N SER C 173 -8.26 -4.26 32.38
CA SER C 173 -8.91 -3.61 33.51
C SER C 173 -8.37 -2.19 33.65
N LEU C 174 -9.17 -1.30 34.24
CA LEU C 174 -8.82 0.12 34.31
C LEU C 174 -9.31 0.73 35.60
N SER C 175 -8.47 1.55 36.24
CA SER C 175 -8.90 2.32 37.39
C SER C 175 -8.83 3.79 37.05
N SER C 176 -9.76 4.57 37.58
CA SER C 176 -9.68 6.02 37.48
C SER C 176 -9.88 6.63 38.85
N THR C 177 -8.88 7.38 39.30
CA THR C 177 -8.95 8.00 40.61
C THR C 177 -9.12 9.50 40.48
N LEU C 178 -10.23 10.00 41.00
CA LEU C 178 -10.47 11.42 41.06
C LEU C 178 -10.00 11.85 42.44
N THR C 179 -9.13 12.85 42.48
CA THR C 179 -8.59 13.35 43.75
C THR C 179 -9.15 14.70 44.16
N LEU C 180 -9.81 14.72 45.31
CA LEU C 180 -10.31 15.96 45.89
C LEU C 180 -9.77 16.15 47.30
N SER C 181 -9.66 17.40 47.72
CA SER C 181 -9.36 17.69 49.11
C SER C 181 -10.61 17.26 49.89
N LYS C 182 -10.50 17.15 51.21
CA LYS C 182 -11.67 16.84 52.02
C LYS C 182 -12.70 17.94 51.89
N ALA C 183 -12.28 19.17 52.14
CA ALA C 183 -13.17 20.32 52.10
C ALA C 183 -14.02 20.34 50.83
N ASP C 184 -13.39 20.06 49.69
CA ASP C 184 -14.11 20.03 48.43
C ASP C 184 -15.05 18.82 48.33
N TYR C 185 -14.58 17.68 48.83
CA TYR C 185 -15.39 16.48 48.85
C TYR C 185 -16.63 16.55 49.74
N GLU C 186 -16.47 17.22 50.87
CA GLU C 186 -17.53 17.44 51.84
C GLU C 186 -18.62 18.37 51.32
N LYS C 187 -18.28 19.10 50.26
CA LYS C 187 -19.05 20.21 49.76
C LYS C 187 -20.03 19.77 48.68
N HIS C 188 -19.90 18.52 48.26
CA HIS C 188 -20.70 18.04 47.15
C HIS C 188 -21.33 16.73 47.58
N LYS C 189 -22.46 16.37 46.97
CA LYS C 189 -23.25 15.22 47.41
C LYS C 189 -23.03 14.06 46.45
N VAL C 190 -23.34 14.29 45.17
CA VAL C 190 -23.35 13.23 44.18
C VAL C 190 -22.02 13.10 43.46
N TYR C 191 -21.45 11.90 43.55
CA TYR C 191 -20.21 11.61 42.86
C TYR C 191 -20.49 10.50 41.88
N ALA C 192 -20.15 10.73 40.62
CA ALA C 192 -20.46 9.77 39.58
C ALA C 192 -19.34 9.63 38.55
N CYS C 193 -19.17 8.41 38.07
CA CYS C 193 -18.34 8.16 36.89
C CYS C 193 -19.17 7.57 35.76
N GLU C 194 -19.03 8.17 34.58
CA GLU C 194 -19.72 7.74 33.37
C GLU C 194 -18.76 7.07 32.42
N VAL C 195 -19.12 5.86 32.00
CA VAL C 195 -18.29 5.06 31.13
C VAL C 195 -18.87 4.93 29.73
N THR C 196 -18.05 5.23 28.73
CA THR C 196 -18.42 4.98 27.33
C THR C 196 -17.51 3.90 26.77
N HIS C 197 -18.11 2.92 26.08
CA HIS C 197 -17.35 1.77 25.58
C HIS C 197 -18.17 1.02 24.52
N GLN C 198 -17.51 0.31 23.62
CA GLN C 198 -18.19 -0.38 22.52
C GLN C 198 -19.19 -1.43 23.02
N GLY C 199 -18.84 -2.01 24.16
CA GLY C 199 -19.62 -3.05 24.82
C GLY C 199 -20.85 -2.53 25.54
N LEU C 200 -21.05 -1.22 25.50
CA LEU C 200 -22.19 -0.55 26.13
C LEU C 200 -23.00 0.23 25.10
N ARG C 201 -24.32 0.08 25.12
CA ARG C 201 -25.14 0.65 24.07
C ARG C 201 -25.59 2.05 24.44
N SER C 202 -25.51 2.35 25.74
CA SER C 202 -25.59 3.70 26.27
C SER C 202 -24.48 3.85 27.29
N PRO C 203 -23.87 5.04 27.40
CA PRO C 203 -22.79 5.12 28.38
C PRO C 203 -23.38 4.75 29.74
N VAL C 204 -22.63 4.01 30.53
CA VAL C 204 -23.11 3.60 31.85
C VAL C 204 -22.60 4.50 32.94
N THR C 205 -23.50 4.99 33.79
CA THR C 205 -23.11 5.84 34.89
C THR C 205 -23.29 5.11 36.21
N LYS C 206 -22.24 5.14 37.02
CA LYS C 206 -22.32 4.59 38.38
C LYS C 206 -22.00 5.75 39.32
N SER C 207 -22.82 5.92 40.34
CA SER C 207 -22.72 7.07 41.21
C SER C 207 -23.08 6.75 42.65
N PHE C 208 -22.77 7.68 43.54
CA PHE C 208 -23.14 7.58 44.94
C PHE C 208 -23.39 8.93 45.57
N ASN C 209 -24.13 8.91 46.69
CA ASN C 209 -24.41 10.08 47.48
C ASN C 209 -23.59 10.07 48.75
N ARG C 210 -22.90 11.18 48.99
CA ARG C 210 -22.07 11.36 50.17
C ARG C 210 -22.86 11.22 51.45
N GLY C 211 -22.40 10.36 52.35
CA GLY C 211 -23.07 10.16 53.62
C GLY C 211 -24.22 9.15 53.63
N GLU C 212 -24.38 8.37 52.56
CA GLU C 212 -25.39 7.32 52.51
C GLU C 212 -24.84 5.94 52.14
N CYS C 213 -25.16 4.95 52.97
CA CYS C 213 -24.69 3.57 52.81
C CYS C 213 -25.34 2.87 51.62
N VAL D 1 -6.93 -31.69 16.03
CA VAL D 1 -7.94 -30.83 16.64
C VAL D 1 -9.08 -30.62 15.65
N TRP D 2 -9.58 -31.74 15.14
CA TRP D 2 -10.59 -31.83 14.07
C TRP D 2 -10.36 -30.82 12.92
N LYS D 3 -9.72 -31.19 11.81
CA LYS D 3 -9.43 -30.12 10.85
C LYS D 3 -10.24 -30.35 9.59
N GLU D 4 -10.68 -29.26 8.96
CA GLU D 4 -11.39 -29.33 7.69
C GLU D 4 -10.67 -30.16 6.63
N ALA D 5 -11.38 -31.12 6.07
CA ALA D 5 -10.81 -32.02 5.08
C ALA D 5 -11.83 -32.34 4.01
N GLU D 6 -11.40 -32.41 2.74
CA GLU D 6 -12.31 -32.89 1.71
C GLU D 6 -12.00 -34.37 1.52
N THR D 7 -13.02 -35.21 1.61
CA THR D 7 -12.87 -36.65 1.41
C THR D 7 -14.13 -37.32 0.88
N THR D 8 -13.95 -38.48 0.26
CA THR D 8 -15.08 -39.24 -0.22
C THR D 8 -15.84 -39.87 0.94
N LEU D 9 -17.08 -39.44 1.10
CA LEU D 9 -18.03 -40.02 2.05
C LEU D 9 -18.61 -41.27 1.41
N PHE D 10 -19.28 -42.10 2.18
CA PHE D 10 -20.07 -43.17 1.57
C PHE D 10 -21.47 -42.96 2.04
N CYS D 11 -22.46 -43.65 1.47
CA CYS D 11 -23.84 -43.31 1.84
C CYS D 11 -24.48 -44.56 2.41
N ALA D 12 -25.47 -44.32 3.26
CA ALA D 12 -26.24 -45.35 3.91
C ALA D 12 -27.73 -45.10 3.77
N SER D 13 -28.52 -46.16 3.76
CA SER D 13 -29.96 -46.00 3.58
C SER D 13 -30.73 -47.25 3.99
N ASP D 14 -32.03 -47.09 4.13
CA ASP D 14 -32.97 -48.16 4.48
C ASP D 14 -33.72 -48.63 3.25
N ALA D 15 -33.06 -48.50 2.10
CA ALA D 15 -33.63 -48.91 0.83
C ALA D 15 -34.10 -50.35 0.95
N LYS D 16 -35.06 -50.71 0.12
CA LYS D 16 -35.61 -52.04 0.13
C LYS D 16 -35.15 -52.76 -1.12
N ALA D 17 -34.54 -53.92 -0.89
CA ALA D 17 -33.90 -54.68 -1.94
C ALA D 17 -34.92 -55.28 -2.89
N TYR D 18 -36.16 -55.46 -2.45
CA TYR D 18 -37.19 -56.03 -3.30
C TYR D 18 -37.82 -54.99 -4.23
N GLU D 19 -37.59 -53.71 -3.93
CA GLU D 19 -38.17 -52.59 -4.66
C GLU D 19 -37.39 -52.14 -5.90
N THR D 20 -38.08 -52.09 -7.02
CA THR D 20 -37.50 -51.69 -8.31
C THR D 20 -37.45 -50.17 -8.46
N GLU D 21 -37.96 -49.45 -7.47
CA GLU D 21 -37.86 -47.99 -7.47
C GLU D 21 -36.40 -47.62 -7.59
N LYS D 22 -36.11 -46.68 -8.48
CA LYS D 22 -34.76 -46.50 -8.97
C LYS D 22 -33.81 -45.93 -7.95
N HIS D 23 -34.35 -45.23 -6.98
CA HIS D 23 -33.54 -44.75 -5.88
C HIS D 23 -33.20 -45.95 -5.01
N ASN D 24 -34.17 -46.82 -4.77
CA ASN D 24 -33.93 -48.03 -4.00
C ASN D 24 -32.89 -48.94 -4.66
N VAL D 25 -32.98 -49.08 -5.98
CA VAL D 25 -32.01 -49.87 -6.73
C VAL D 25 -30.64 -49.23 -6.62
N TRP D 26 -30.60 -47.93 -6.85
CA TRP D 26 -29.32 -47.22 -6.79
C TRP D 26 -28.72 -47.36 -5.41
N ALA D 27 -29.48 -47.01 -4.37
CA ALA D 27 -28.97 -47.09 -3.01
C ALA D 27 -28.53 -48.53 -2.76
N THR D 28 -29.32 -49.49 -3.23
CA THR D 28 -29.00 -50.91 -3.06
C THR D 28 -27.61 -51.15 -3.65
N HIS D 29 -27.31 -50.46 -4.75
CA HIS D 29 -26.02 -50.64 -5.42
C HIS D 29 -24.90 -49.80 -4.83
N ALA D 30 -25.19 -48.54 -4.49
CA ALA D 30 -24.15 -47.60 -4.11
C ALA D 30 -24.08 -47.41 -2.61
N CYS D 31 -25.17 -47.73 -1.90
CA CYS D 31 -25.23 -47.41 -0.48
C CYS D 31 -25.31 -48.67 0.36
N VAL D 32 -25.11 -48.51 1.65
CA VAL D 32 -25.18 -49.60 2.61
C VAL D 32 -26.30 -49.41 3.61
N PRO D 33 -26.62 -50.46 4.37
CA PRO D 33 -27.67 -50.29 5.38
C PRO D 33 -27.21 -49.27 6.41
N THR D 34 -28.16 -48.61 7.08
CA THR D 34 -27.87 -47.62 8.10
C THR D 34 -27.54 -48.30 9.41
N ASP D 35 -26.84 -47.56 10.25
CA ASP D 35 -26.45 -48.04 11.57
C ASP D 35 -27.74 -47.98 12.42
N PRO D 36 -28.05 -49.09 13.12
CA PRO D 36 -29.22 -49.19 14.00
C PRO D 36 -29.26 -48.11 15.06
N ASN D 37 -28.23 -47.97 15.88
CA ASN D 37 -28.21 -46.90 16.88
C ASN D 37 -27.16 -45.86 16.51
N PRO D 38 -27.56 -44.83 15.75
CA PRO D 38 -26.53 -43.87 15.37
C PRO D 38 -26.19 -42.94 16.54
N GLN D 39 -24.90 -42.84 16.83
CA GLN D 39 -24.42 -42.02 17.92
C GLN D 39 -24.26 -40.55 17.53
N GLU D 40 -24.56 -39.64 18.47
CA GLU D 40 -24.31 -38.22 18.23
C GLU D 40 -23.69 -37.59 19.50
N ILE D 41 -22.55 -36.93 19.33
CA ILE D 41 -21.83 -36.34 20.49
C ILE D 41 -21.71 -34.81 20.40
N HIS D 42 -22.12 -34.10 21.44
CA HIS D 42 -21.99 -32.63 21.48
C HIS D 42 -20.55 -32.24 21.86
N LEU D 43 -20.02 -31.22 21.19
CA LEU D 43 -18.69 -30.67 21.48
C LEU D 43 -18.69 -29.37 22.30
N GLU D 44 -18.51 -29.54 23.61
CA GLU D 44 -18.50 -28.42 24.54
C GLU D 44 -17.32 -27.48 24.34
N ASN D 45 -17.58 -26.19 24.54
CA ASN D 45 -16.58 -25.14 24.41
C ASN D 45 -15.94 -25.22 23.05
N VAL D 46 -16.78 -25.16 22.02
CA VAL D 46 -16.26 -25.23 20.66
C VAL D 46 -17.09 -24.37 19.73
N THR D 47 -16.39 -23.51 19.01
CA THR D 47 -16.99 -22.74 17.95
C THR D 47 -16.33 -23.23 16.67
N GLU D 48 -17.09 -23.34 15.58
CA GLU D 48 -16.48 -23.84 14.36
C GLU D 48 -17.21 -23.10 13.24
N GLU D 49 -16.49 -22.78 12.19
CA GLU D 49 -17.09 -22.08 11.06
C GLU D 49 -17.65 -23.03 10.01
N PHE D 50 -18.79 -22.62 9.43
CA PHE D 50 -19.42 -23.36 8.34
C PHE D 50 -19.63 -22.44 7.15
N ASN D 51 -19.70 -23.05 5.97
CA ASN D 51 -20.00 -22.37 4.73
C ASN D 51 -20.70 -23.27 3.74
N MET D 52 -22.02 -23.16 3.69
CA MET D 52 -22.83 -24.02 2.83
C MET D 52 -22.50 -23.81 1.36
N TRP D 53 -21.97 -22.62 1.03
CA TRP D 53 -21.65 -22.26 -0.35
C TRP D 53 -20.27 -22.76 -0.77
N LYS D 54 -19.44 -23.12 0.21
CA LYS D 54 -18.12 -23.69 -0.04
C LYS D 54 -18.02 -25.03 0.70
N ASN D 55 -18.97 -25.92 0.40
CA ASN D 55 -19.08 -27.23 1.05
C ASN D 55 -18.92 -28.38 0.07
N ASN D 56 -17.81 -29.11 0.21
CA ASN D 56 -17.51 -30.21 -0.69
C ASN D 56 -18.56 -31.34 -0.72
N MET D 57 -19.25 -31.50 0.41
CA MET D 57 -20.32 -32.49 0.51
C MET D 57 -21.34 -32.32 -0.61
N VAL D 58 -21.64 -31.05 -0.92
CA VAL D 58 -22.60 -30.73 -1.96
C VAL D 58 -22.12 -31.25 -3.31
N GLU D 59 -20.82 -31.12 -3.58
CA GLU D 59 -20.30 -31.56 -4.87
C GLU D 59 -20.37 -33.07 -4.96
N GLN D 60 -20.05 -33.73 -3.85
CA GLN D 60 -20.10 -35.19 -3.87
C GLN D 60 -21.52 -35.70 -4.05
N MET D 61 -22.47 -35.08 -3.34
CA MET D 61 -23.83 -35.48 -3.52
C MET D 61 -24.28 -35.21 -4.95
N HIS D 62 -23.91 -34.05 -5.48
CA HIS D 62 -24.22 -33.73 -6.86
C HIS D 62 -23.75 -34.84 -7.79
N THR D 63 -22.49 -35.23 -7.65
CA THR D 63 -21.90 -36.28 -8.50
C THR D 63 -22.69 -37.57 -8.35
N ASP D 64 -23.11 -37.86 -7.11
CA ASP D 64 -23.83 -39.10 -6.84
C ASP D 64 -25.18 -39.10 -7.54
N ILE D 65 -25.92 -38.00 -7.45
CA ILE D 65 -27.26 -37.99 -8.05
C ILE D 65 -27.10 -38.05 -9.57
N ILE D 66 -26.05 -37.41 -10.05
CA ILE D 66 -25.73 -37.47 -11.46
C ILE D 66 -25.47 -38.91 -11.93
N SER D 67 -24.62 -39.64 -11.20
CA SER D 67 -24.31 -41.01 -11.60
C SER D 67 -25.58 -41.86 -11.42
N LEU D 68 -26.40 -41.51 -10.44
CA LEU D 68 -27.66 -42.20 -10.22
C LEU D 68 -28.56 -42.08 -11.44
N TRP D 69 -28.73 -40.86 -11.89
CA TRP D 69 -29.54 -40.61 -13.06
C TRP D 69 -28.92 -41.20 -14.32
N ASP D 70 -27.60 -41.06 -14.47
CA ASP D 70 -26.95 -41.58 -15.65
C ASP D 70 -27.04 -43.09 -15.74
N GLN D 71 -27.01 -43.75 -14.58
CA GLN D 71 -27.12 -45.20 -14.56
C GLN D 71 -28.55 -45.69 -14.63
N SER D 72 -29.42 -45.08 -13.84
CA SER D 72 -30.75 -45.61 -13.59
C SER D 72 -31.79 -45.44 -14.70
N LEU D 73 -31.81 -44.27 -15.30
CA LEU D 73 -32.89 -43.80 -16.17
C LEU D 73 -32.64 -44.20 -17.63
N LYS D 74 -33.71 -44.36 -18.39
CA LYS D 74 -33.59 -44.93 -19.72
C LYS D 74 -34.40 -44.15 -20.76
N PRO D 75 -33.81 -43.03 -21.22
CA PRO D 75 -34.37 -42.20 -22.28
C PRO D 75 -34.26 -42.96 -23.58
N CYS D 76 -35.15 -42.78 -24.53
CA CYS D 76 -34.99 -43.51 -25.78
C CYS D 76 -33.74 -43.05 -26.50
N VAL D 77 -33.48 -41.75 -26.44
CA VAL D 77 -32.34 -41.15 -27.12
C VAL D 77 -31.63 -40.13 -26.21
N LYS D 78 -30.38 -39.83 -26.55
CA LYS D 78 -29.59 -38.84 -25.85
C LYS D 78 -28.87 -38.06 -26.96
N LEU D 79 -28.96 -36.73 -26.94
CA LEU D 79 -28.25 -35.87 -27.89
C LEU D 79 -27.04 -35.18 -27.27
N THR D 80 -25.87 -35.44 -27.83
CA THR D 80 -24.64 -34.74 -27.45
C THR D 80 -23.69 -34.62 -28.65
N CYS D 89 -36.05 -48.86 -24.11
CA CYS D 89 -36.17 -47.70 -23.24
C CYS D 89 -37.54 -47.62 -22.57
N PRO D 90 -37.85 -48.59 -21.70
CA PRO D 90 -39.08 -48.67 -20.89
C PRO D 90 -39.24 -47.57 -19.84
N LYS D 91 -40.48 -47.27 -19.46
CA LYS D 91 -40.75 -46.34 -18.36
C LYS D 91 -40.27 -46.91 -17.04
N VAL D 92 -39.93 -46.00 -16.13
CA VAL D 92 -39.42 -46.41 -14.84
C VAL D 92 -40.09 -45.66 -13.69
N THR D 93 -40.08 -46.31 -12.53
CA THR D 93 -40.55 -45.74 -11.29
C THR D 93 -39.53 -44.81 -10.64
N PHE D 94 -39.91 -43.55 -10.42
CA PHE D 94 -39.01 -42.57 -9.84
C PHE D 94 -39.67 -41.93 -8.63
N GLU D 95 -39.11 -42.21 -7.46
CA GLU D 95 -39.58 -41.64 -6.20
C GLU D 95 -38.47 -41.73 -5.16
N PRO D 96 -37.89 -40.57 -4.79
CA PRO D 96 -36.77 -40.49 -3.83
C PRO D 96 -37.00 -41.13 -2.47
N ILE D 97 -35.93 -41.76 -1.97
CA ILE D 97 -35.87 -42.28 -0.60
C ILE D 97 -34.82 -41.50 0.17
N PRO D 98 -34.88 -41.55 1.50
CA PRO D 98 -33.87 -40.79 2.25
C PRO D 98 -32.49 -41.42 2.15
N ILE D 99 -31.48 -40.58 1.92
CA ILE D 99 -30.08 -41.03 1.88
C ILE D 99 -29.27 -40.34 3.00
N HIS D 100 -28.44 -41.11 3.68
CA HIS D 100 -27.55 -40.59 4.70
C HIS D 100 -26.11 -40.58 4.20
N TYR D 101 -25.35 -39.52 4.46
CA TYR D 101 -23.94 -39.53 4.10
C TYR D 101 -23.11 -39.70 5.34
N CYS D 102 -22.16 -40.63 5.25
CA CYS D 102 -21.42 -41.10 6.39
C CYS D 102 -19.92 -40.98 6.12
N ALA D 103 -19.18 -40.73 7.20
CA ALA D 103 -17.73 -40.55 7.14
C ALA D 103 -16.93 -41.86 7.28
N PRO D 104 -15.90 -42.05 6.44
CA PRO D 104 -15.05 -43.23 6.57
C PRO D 104 -14.19 -43.19 7.81
N ALA D 105 -13.26 -44.14 7.94
CA ALA D 105 -12.34 -44.17 9.07
C ALA D 105 -11.31 -43.06 8.95
N GLY D 106 -10.97 -42.44 10.08
CA GLY D 106 -10.03 -41.34 10.08
C GLY D 106 -10.65 -39.99 9.82
N PHE D 107 -11.97 -39.96 9.60
CA PHE D 107 -12.72 -38.72 9.38
C PHE D 107 -13.97 -38.60 10.23
N ALA D 108 -14.53 -37.39 10.23
CA ALA D 108 -15.73 -37.17 11.02
C ALA D 108 -16.52 -36.03 10.43
N ILE D 109 -17.82 -36.08 10.67
CA ILE D 109 -18.76 -35.04 10.28
C ILE D 109 -19.19 -34.19 11.46
N LEU D 110 -18.98 -32.87 11.34
CA LEU D 110 -19.46 -31.94 12.34
C LEU D 110 -20.83 -31.48 11.86
N LYS D 111 -21.73 -31.33 12.83
CA LYS D 111 -23.10 -30.95 12.54
C LYS D 111 -23.48 -29.77 13.40
N CYS D 112 -23.99 -28.74 12.73
CA CYS D 112 -24.46 -27.55 13.40
C CYS D 112 -25.91 -27.63 13.86
N LYS D 113 -26.13 -27.55 15.17
CA LYS D 113 -27.48 -27.56 15.78
C LYS D 113 -27.83 -26.18 16.26
N ASP D 114 -27.13 -25.17 15.75
CA ASP D 114 -27.38 -23.84 16.25
C ASP D 114 -28.71 -23.44 15.60
N GLU D 115 -29.60 -22.90 16.42
CA GLU D 115 -30.86 -22.31 15.95
C GLU D 115 -30.69 -21.21 14.90
N GLU D 116 -31.41 -21.34 13.78
CA GLU D 116 -31.49 -20.28 12.80
C GLU D 116 -30.10 -19.95 12.26
N PHE D 117 -29.26 -20.98 12.12
CA PHE D 117 -27.94 -20.83 11.52
C PHE D 117 -28.14 -20.43 10.07
N ASN D 118 -27.59 -19.29 9.65
CA ASN D 118 -27.88 -18.73 8.33
C ASN D 118 -27.03 -19.30 7.20
N GLY D 119 -26.19 -20.28 7.50
CA GLY D 119 -25.45 -20.98 6.45
C GLY D 119 -23.97 -20.68 6.38
N ILE D 120 -23.59 -19.47 6.81
CA ILE D 120 -22.18 -19.09 6.81
C ILE D 120 -21.73 -18.44 8.10
N GLY D 121 -20.52 -18.83 8.55
CA GLY D 121 -19.85 -18.16 9.65
C GLY D 121 -19.78 -19.06 10.86
N PRO D 122 -19.72 -18.45 12.06
CA PRO D 122 -19.40 -19.18 13.30
C PRO D 122 -20.59 -20.02 13.73
N CYS D 123 -20.34 -21.25 14.16
CA CYS D 123 -21.36 -22.09 14.79
C CYS D 123 -20.84 -22.51 16.14
N LYS D 124 -21.63 -22.24 17.18
CA LYS D 124 -21.22 -22.52 18.56
C LYS D 124 -21.84 -23.76 19.19
N ASN D 125 -22.99 -24.21 18.68
CA ASN D 125 -23.61 -25.42 19.19
C ASN D 125 -23.34 -26.55 18.23
N VAL D 126 -22.09 -27.01 18.25
CA VAL D 126 -21.64 -28.01 17.32
C VAL D 126 -21.63 -29.37 17.96
N SER D 127 -21.99 -30.36 17.17
CA SER D 127 -21.91 -31.75 17.61
C SER D 127 -21.26 -32.53 16.48
N THR D 128 -20.89 -33.78 16.75
CA THR D 128 -20.31 -34.65 15.75
C THR D 128 -21.21 -35.84 15.57
N VAL D 129 -21.31 -36.27 14.30
CA VAL D 129 -22.13 -37.42 13.97
C VAL D 129 -21.45 -38.31 12.94
N GLN D 130 -21.90 -39.55 12.87
CA GLN D 130 -21.36 -40.51 11.92
C GLN D 130 -22.01 -40.26 10.56
N CYS D 131 -23.32 -40.02 10.56
CA CYS D 131 -24.09 -39.84 9.32
C CYS D 131 -25.01 -38.62 9.40
N THR D 132 -25.30 -38.04 8.25
CA THR D 132 -26.29 -36.97 8.12
C THR D 132 -27.68 -37.52 8.39
N HIS D 133 -28.66 -36.63 8.52
CA HIS D 133 -30.04 -37.08 8.56
C HIS D 133 -30.37 -37.67 7.21
N GLY D 134 -31.53 -38.31 7.11
CA GLY D 134 -31.96 -38.88 5.84
C GLY D 134 -32.39 -37.79 4.89
N ILE D 135 -31.76 -37.75 3.72
CA ILE D 135 -32.02 -36.70 2.74
C ILE D 135 -32.60 -37.22 1.44
N LYS D 136 -33.79 -36.77 1.08
CA LYS D 136 -34.38 -37.13 -0.20
C LYS D 136 -33.82 -36.25 -1.32
N PRO D 137 -33.22 -36.87 -2.37
CA PRO D 137 -32.62 -36.08 -3.46
C PRO D 137 -33.68 -35.58 -4.45
N VAL D 138 -34.54 -34.66 -4.00
CA VAL D 138 -35.63 -34.16 -4.84
C VAL D 138 -35.13 -33.16 -5.86
N VAL D 139 -35.45 -33.50 -7.11
CA VAL D 139 -35.19 -32.69 -8.30
C VAL D 139 -36.37 -31.75 -8.53
N SER D 140 -36.13 -30.46 -8.38
CA SER D 140 -37.15 -29.44 -8.50
C SER D 140 -36.44 -28.13 -8.77
N THR D 141 -37.08 -27.28 -9.59
CA THR D 141 -36.79 -25.85 -9.60
C THR D 141 -37.83 -24.84 -9.10
N GLN D 142 -37.24 -23.72 -8.67
CA GLN D 142 -37.86 -22.62 -7.93
C GLN D 142 -38.43 -23.02 -6.57
N LEU D 143 -39.17 -24.11 -6.44
CA LEU D 143 -39.63 -24.48 -5.11
C LEU D 143 -38.89 -25.70 -4.59
N LEU D 144 -38.65 -25.73 -3.27
CA LEU D 144 -38.09 -26.91 -2.63
C LEU D 144 -39.18 -27.81 -2.06
N LEU D 145 -39.13 -29.08 -2.43
CA LEU D 145 -40.19 -30.03 -2.12
C LEU D 145 -39.75 -31.18 -1.22
N ASN D 146 -40.67 -31.60 -0.34
CA ASN D 146 -40.55 -32.77 0.56
C ASN D 146 -39.30 -32.52 1.41
N GLY D 147 -38.90 -31.27 1.53
CA GLY D 147 -37.71 -30.92 2.28
C GLY D 147 -37.77 -30.74 3.77
N SER D 148 -36.77 -30.02 4.25
CA SER D 148 -36.62 -29.70 5.65
C SER D 148 -37.07 -28.28 5.88
N LEU D 149 -37.55 -28.05 7.10
CA LEU D 149 -38.15 -26.80 7.53
C LEU D 149 -37.34 -26.21 8.66
N ALA D 150 -37.22 -24.88 8.67
CA ALA D 150 -36.54 -24.21 9.76
C ALA D 150 -37.44 -24.47 10.95
N GLU D 151 -36.81 -24.83 12.06
CA GLU D 151 -37.56 -25.07 13.28
C GLU D 151 -38.23 -23.85 13.93
N LYS D 152 -37.57 -22.70 13.96
CA LYS D 152 -38.19 -21.55 14.60
C LYS D 152 -39.15 -20.82 13.67
N GLU D 153 -38.54 -20.07 12.75
CA GLU D 153 -39.21 -19.28 11.72
C GLU D 153 -38.48 -19.45 10.40
N VAL D 154 -39.08 -18.97 9.30
CA VAL D 154 -38.43 -19.13 7.99
C VAL D 154 -37.03 -18.55 8.08
N LYS D 155 -36.10 -19.16 7.35
CA LYS D 155 -34.74 -18.70 7.31
C LYS D 155 -34.32 -18.59 5.85
N ILE D 156 -33.78 -17.44 5.47
CA ILE D 156 -33.32 -17.25 4.11
C ILE D 156 -31.80 -17.15 4.09
N ARG D 157 -31.18 -17.68 3.03
CA ARG D 157 -29.73 -17.76 3.02
C ARG D 157 -29.15 -17.40 1.64
N CYS D 158 -28.00 -16.72 1.67
CA CYS D 158 -27.26 -16.34 0.46
C CYS D 158 -25.77 -16.20 0.74
N GLU D 159 -24.95 -16.48 -0.27
CA GLU D 159 -23.51 -16.28 -0.15
C GLU D 159 -23.05 -14.85 0.12
N ASN D 160 -23.72 -13.85 -0.42
CA ASN D 160 -23.38 -12.48 -0.08
C ASN D 160 -24.58 -11.71 -0.61
N ILE D 161 -25.30 -11.04 0.27
CA ILE D 161 -26.57 -10.38 -0.07
C ILE D 161 -26.53 -9.17 -0.99
N THR D 162 -25.46 -8.40 -0.94
CA THR D 162 -25.36 -7.23 -1.81
C THR D 162 -25.07 -7.60 -3.27
N ASN D 163 -24.84 -8.89 -3.53
CA ASN D 163 -24.63 -9.38 -4.90
C ASN D 163 -25.89 -9.98 -5.54
N ASN D 164 -26.50 -9.22 -6.43
CA ASN D 164 -27.77 -9.61 -7.04
C ASN D 164 -27.69 -10.86 -7.90
N ALA D 165 -26.48 -11.20 -8.31
CA ALA D 165 -26.24 -12.35 -9.18
C ALA D 165 -26.32 -13.69 -8.43
N LYS D 166 -26.21 -13.63 -7.11
CA LYS D 166 -26.12 -14.83 -6.31
C LYS D 166 -27.48 -15.30 -5.84
N THR D 167 -27.71 -16.60 -6.02
CA THR D 167 -29.00 -17.21 -5.72
C THR D 167 -29.35 -17.12 -4.23
N ILE D 168 -30.66 -17.06 -3.95
CA ILE D 168 -31.22 -17.08 -2.60
C ILE D 168 -32.00 -18.34 -2.22
N ILE D 169 -31.69 -18.94 -1.08
CA ILE D 169 -32.39 -20.13 -0.65
C ILE D 169 -33.26 -19.84 0.59
N VAL D 170 -34.57 -19.93 0.40
CA VAL D 170 -35.55 -19.72 1.47
C VAL D 170 -35.93 -21.06 2.11
N GLN D 171 -35.78 -21.15 3.43
CA GLN D 171 -36.22 -22.31 4.20
C GLN D 171 -37.46 -21.97 4.98
N LEU D 172 -38.58 -22.63 4.66
CA LEU D 172 -39.85 -22.38 5.35
C LEU D 172 -39.91 -23.04 6.74
N VAL D 173 -40.82 -22.57 7.57
CA VAL D 173 -41.09 -23.16 8.88
C VAL D 173 -42.47 -23.80 8.93
N ASN D 174 -43.36 -23.33 8.05
CA ASN D 174 -44.64 -23.98 7.81
C ASN D 174 -44.66 -24.49 6.39
N PRO D 175 -45.07 -25.75 6.20
CA PRO D 175 -45.07 -26.30 4.85
C PRO D 175 -46.37 -25.99 4.15
N VAL D 176 -46.29 -26.02 2.82
CA VAL D 176 -47.45 -25.79 1.98
C VAL D 176 -47.76 -27.04 1.16
N LYS D 177 -48.93 -27.59 1.42
CA LYS D 177 -49.39 -28.80 0.77
C LYS D 177 -49.60 -28.42 -0.67
N ILE D 178 -49.17 -29.31 -1.56
CA ILE D 178 -49.39 -29.16 -2.98
C ILE D 178 -50.00 -30.39 -3.57
N ASN D 179 -51.15 -30.26 -4.23
CA ASN D 179 -51.74 -31.45 -4.84
C ASN D 179 -51.51 -31.27 -6.34
N CYS D 180 -50.78 -32.17 -6.96
CA CYS D 180 -50.56 -32.08 -8.41
C CYS D 180 -51.36 -33.14 -9.14
N THR D 181 -51.91 -32.83 -10.32
CA THR D 181 -52.71 -33.85 -10.99
C THR D 181 -52.75 -33.74 -12.50
N ARG D 182 -52.52 -34.88 -13.15
CA ARG D 182 -52.79 -35.07 -14.57
C ARG D 182 -54.04 -35.93 -14.78
N PRO D 183 -55.17 -35.36 -15.22
CA PRO D 183 -56.33 -36.26 -15.31
C PRO D 183 -56.44 -36.79 -16.75
N ASN D 184 -56.81 -38.06 -16.98
CA ASN D 184 -56.84 -38.54 -18.36
C ASN D 184 -58.00 -37.87 -19.08
N ASN D 185 -57.79 -37.55 -20.36
CA ASN D 185 -58.80 -37.02 -21.28
C ASN D 185 -60.19 -36.78 -20.69
N ASP D 193 -56.37 -34.33 -23.57
CA ASP D 193 -54.94 -34.12 -23.80
C ASP D 193 -54.14 -34.75 -22.67
N ILE D 194 -53.39 -35.79 -23.00
CA ILE D 194 -52.61 -36.50 -22.00
C ILE D 194 -51.39 -35.73 -21.49
N ARG D 195 -51.03 -34.63 -22.13
CA ARG D 195 -49.85 -33.89 -21.66
C ARG D 195 -50.30 -32.74 -20.76
N GLN D 196 -51.60 -32.44 -20.76
CA GLN D 196 -52.18 -31.39 -19.93
C GLN D 196 -52.27 -31.78 -18.45
N ALA D 197 -51.60 -31.03 -17.57
CA ALA D 197 -51.70 -31.27 -16.12
C ALA D 197 -51.92 -29.97 -15.35
N HIS D 198 -52.06 -30.06 -14.02
CA HIS D 198 -52.24 -28.85 -13.22
C HIS D 198 -52.00 -29.10 -11.72
N CYS D 199 -51.55 -28.04 -11.04
CA CYS D 199 -51.27 -28.07 -9.59
C CYS D 199 -52.18 -27.14 -8.77
N ASN D 200 -52.61 -27.62 -7.60
CA ASN D 200 -53.44 -26.84 -6.68
C ASN D 200 -52.82 -26.57 -5.30
N VAL D 201 -52.97 -25.32 -4.83
CA VAL D 201 -52.54 -24.95 -3.47
C VAL D 201 -53.42 -23.85 -2.78
N ASN D 202 -53.33 -23.76 -1.44
CA ASN D 202 -54.13 -22.81 -0.64
C ASN D 202 -53.62 -21.38 -0.88
N ARG D 203 -54.48 -20.46 -1.32
CA ARG D 203 -54.05 -19.05 -1.47
C ARG D 203 -53.58 -18.40 -0.14
N THR D 204 -54.42 -18.47 0.89
CA THR D 204 -54.16 -17.80 2.17
C THR D 204 -52.80 -18.28 2.73
N GLU D 205 -52.52 -19.56 2.50
CA GLU D 205 -51.32 -20.18 3.03
C GLU D 205 -50.14 -19.63 2.22
N TRP D 206 -50.41 -19.30 0.95
CA TRP D 206 -49.36 -18.80 0.09
C TRP D 206 -49.11 -17.34 0.42
N ASN D 207 -50.16 -16.57 0.71
CA ASN D 207 -49.90 -15.18 1.10
C ASN D 207 -49.09 -15.17 2.36
N ASN D 208 -49.50 -15.96 3.36
CA ASN D 208 -48.76 -15.98 4.62
C ASN D 208 -47.34 -16.53 4.46
N THR D 209 -47.16 -17.44 3.52
CA THR D 209 -45.82 -17.96 3.26
C THR D 209 -45.02 -16.82 2.66
N LEU D 210 -45.62 -16.18 1.67
CA LEU D 210 -45.03 -15.03 1.00
C LEU D 210 -44.75 -13.93 2.03
N HIS D 211 -45.66 -13.78 2.98
CA HIS D 211 -45.52 -12.73 3.97
C HIS D 211 -44.31 -12.92 4.87
N GLN D 212 -44.08 -14.12 5.39
CA GLN D 212 -42.94 -14.21 6.30
C GLN D 212 -41.62 -14.06 5.56
N VAL D 213 -41.62 -14.39 4.27
CA VAL D 213 -40.41 -14.13 3.51
C VAL D 213 -40.28 -12.64 3.25
N VAL D 214 -41.35 -11.91 2.91
CA VAL D 214 -41.15 -10.46 2.70
C VAL D 214 -40.69 -9.84 3.99
N GLU D 215 -41.16 -10.37 5.12
CA GLU D 215 -40.72 -9.79 6.37
C GLU D 215 -39.23 -10.05 6.57
N GLN D 216 -38.79 -11.26 6.28
CA GLN D 216 -37.36 -11.58 6.41
C GLN D 216 -36.45 -10.87 5.36
N LEU D 217 -36.97 -10.71 4.14
CA LEU D 217 -36.30 -9.99 3.06
C LEU D 217 -36.17 -8.50 3.38
N ARG D 218 -37.20 -7.99 4.05
CA ARG D 218 -37.28 -6.60 4.49
C ARG D 218 -36.17 -6.31 5.48
N LYS D 219 -35.82 -7.29 6.29
CA LYS D 219 -34.74 -7.12 7.25
C LYS D 219 -33.36 -6.76 6.68
N HIS D 220 -32.94 -7.17 5.49
CA HIS D 220 -31.54 -6.85 5.19
C HIS D 220 -31.49 -5.46 4.57
N PHE D 221 -32.54 -5.13 3.81
CA PHE D 221 -32.64 -3.88 3.05
C PHE D 221 -33.83 -3.03 3.49
N ASN D 222 -34.66 -2.62 2.53
CA ASN D 222 -35.87 -1.85 2.76
C ASN D 222 -36.90 -1.99 1.63
N LYS D 223 -38.08 -2.52 1.97
CA LYS D 223 -39.30 -2.44 1.14
C LYS D 223 -39.26 -1.15 0.31
N THR D 224 -39.55 -1.21 -0.99
CA THR D 224 -40.56 -2.12 -1.55
C THR D 224 -40.16 -3.47 -2.12
N ILE D 225 -40.77 -4.53 -1.61
CA ILE D 225 -40.42 -5.88 -2.01
C ILE D 225 -41.39 -6.21 -3.13
N ASN D 226 -40.92 -6.85 -4.18
CA ASN D 226 -41.80 -7.24 -5.28
C ASN D 226 -41.47 -8.65 -5.77
N PHE D 227 -42.49 -9.43 -6.12
CA PHE D 227 -42.24 -10.74 -6.71
C PHE D 227 -42.64 -10.80 -8.18
N ALA D 228 -41.74 -11.26 -9.04
CA ALA D 228 -42.07 -11.46 -10.45
C ALA D 228 -41.71 -12.88 -10.86
N ASN D 229 -42.36 -13.39 -11.88
CA ASN D 229 -41.99 -14.68 -12.46
C ASN D 229 -40.57 -14.59 -13.04
N SER D 230 -39.98 -15.73 -13.43
CA SER D 230 -38.61 -15.78 -13.94
C SER D 230 -38.40 -14.86 -15.14
N THR D 231 -37.16 -14.37 -15.31
CA THR D 231 -36.84 -13.42 -16.38
C THR D 231 -36.70 -14.07 -17.74
N GLY D 232 -36.59 -15.39 -17.74
CA GLY D 232 -36.43 -16.15 -18.97
C GLY D 232 -35.40 -17.24 -18.76
N GLY D 233 -35.12 -17.98 -19.82
CA GLY D 233 -34.17 -19.08 -19.77
C GLY D 233 -34.82 -20.35 -20.24
N ASP D 234 -34.18 -21.47 -19.96
CA ASP D 234 -34.71 -22.77 -20.31
C ASP D 234 -36.07 -22.93 -19.63
N LEU D 235 -36.94 -23.77 -20.18
CA LEU D 235 -38.23 -24.07 -19.55
C LEU D 235 -38.08 -24.52 -18.10
N GLU D 236 -37.01 -25.24 -17.80
CA GLU D 236 -36.82 -25.79 -16.48
C GLU D 236 -36.75 -24.74 -15.35
N ILE D 237 -36.18 -23.58 -15.63
CA ILE D 237 -36.03 -22.58 -14.56
C ILE D 237 -37.08 -21.47 -14.64
N THR D 238 -37.73 -21.34 -15.80
CA THR D 238 -38.83 -20.40 -15.96
C THR D 238 -40.09 -20.95 -15.32
N THR D 239 -40.24 -22.27 -15.40
CA THR D 239 -41.36 -22.95 -14.77
C THR D 239 -40.89 -23.65 -13.52
N HIS D 240 -41.85 -24.13 -12.74
CA HIS D 240 -41.58 -25.02 -11.62
C HIS D 240 -41.50 -26.43 -12.16
N SER D 241 -40.28 -26.92 -12.33
CA SER D 241 -40.07 -28.21 -12.95
C SER D 241 -39.77 -29.28 -11.93
N PHE D 242 -40.38 -30.44 -12.09
CA PHE D 242 -40.19 -31.52 -11.13
C PHE D 242 -40.59 -32.86 -11.72
N ASN D 243 -40.26 -33.95 -11.01
CA ASN D 243 -40.66 -35.30 -11.43
C ASN D 243 -41.82 -35.89 -10.63
N CYS D 244 -42.70 -36.62 -11.31
CA CYS D 244 -43.83 -37.28 -10.67
C CYS D 244 -44.26 -38.61 -11.32
N GLY D 245 -43.91 -39.72 -10.70
CA GLY D 245 -44.31 -41.02 -11.23
C GLY D 245 -43.58 -41.34 -12.50
N GLY D 246 -42.36 -40.83 -12.61
CA GLY D 246 -41.55 -41.07 -13.78
C GLY D 246 -41.86 -40.07 -14.88
N GLU D 247 -42.90 -39.24 -14.71
CA GLU D 247 -43.20 -38.24 -15.72
C GLU D 247 -42.65 -36.88 -15.31
N PHE D 248 -42.20 -36.09 -16.29
CA PHE D 248 -41.57 -34.79 -15.99
C PHE D 248 -42.55 -33.64 -16.12
N PHE D 249 -42.82 -32.98 -15.00
CA PHE D 249 -43.77 -31.87 -14.99
C PHE D 249 -43.07 -30.51 -15.10
N TYR D 250 -43.73 -29.62 -15.84
CA TYR D 250 -43.31 -28.23 -15.96
C TYR D 250 -44.51 -27.33 -15.67
N CYS D 251 -44.54 -26.73 -14.49
CA CYS D 251 -45.69 -25.97 -14.05
C CYS D 251 -45.46 -24.46 -14.10
N ASN D 252 -46.41 -23.76 -14.70
CA ASN D 252 -46.41 -22.31 -14.78
C ASN D 252 -46.60 -21.67 -13.41
N THR D 253 -45.63 -20.87 -12.97
CA THR D 253 -45.67 -20.33 -11.61
C THR D 253 -46.08 -18.86 -11.59
N THR D 254 -46.66 -18.41 -12.70
CA THR D 254 -47.08 -17.02 -12.84
C THR D 254 -48.04 -16.60 -11.74
N ASN D 255 -48.89 -17.53 -11.31
CA ASN D 255 -49.91 -17.24 -10.32
C ASN D 255 -49.35 -17.13 -8.90
N LEU D 256 -48.14 -17.65 -8.72
CA LEU D 256 -47.45 -17.59 -7.43
C LEU D 256 -46.61 -16.34 -7.20
N PHE D 257 -46.14 -15.74 -8.29
CA PHE D 257 -45.14 -14.69 -8.19
C PHE D 257 -45.46 -13.33 -8.80
N ASN D 258 -46.67 -12.83 -8.52
CA ASN D 258 -46.98 -11.43 -8.80
C ASN D 258 -47.61 -11.05 -7.47
N SER D 259 -46.85 -10.25 -6.71
CA SER D 259 -47.12 -10.00 -5.30
C SER D 259 -46.40 -8.78 -4.73
N THR D 260 -46.99 -8.12 -3.75
CA THR D 260 -46.31 -7.01 -3.06
C THR D 260 -46.66 -7.00 -1.57
N THR D 275 -58.38 -21.03 -3.54
CA THR D 275 -57.40 -21.98 -4.07
C THR D 275 -56.73 -21.47 -5.35
N ILE D 276 -55.45 -21.81 -5.50
CA ILE D 276 -54.64 -21.49 -6.67
C ILE D 276 -54.32 -22.69 -7.55
N ILE D 277 -54.79 -22.63 -8.81
CA ILE D 277 -54.55 -23.66 -9.81
C ILE D 277 -53.42 -23.23 -10.78
N LEU D 278 -52.33 -23.98 -10.79
CA LEU D 278 -51.23 -23.70 -11.73
C LEU D 278 -51.29 -24.64 -12.92
N PRO D 279 -51.29 -24.09 -14.14
CA PRO D 279 -51.30 -24.93 -15.34
C PRO D 279 -49.98 -25.62 -15.60
N CYS D 280 -49.96 -26.94 -15.70
CA CYS D 280 -48.70 -27.65 -15.94
C CYS D 280 -48.71 -28.37 -17.29
N ARG D 281 -47.51 -28.61 -17.82
CA ARG D 281 -47.34 -29.38 -19.04
C ARG D 281 -46.28 -30.44 -18.82
N ILE D 282 -46.56 -31.65 -19.32
CA ILE D 282 -45.59 -32.73 -19.40
C ILE D 282 -44.82 -32.71 -20.71
N LYS D 283 -43.51 -32.93 -20.62
CA LYS D 283 -42.63 -32.91 -21.78
C LYS D 283 -41.88 -34.22 -21.89
N GLN D 284 -41.87 -34.77 -23.10
CA GLN D 284 -41.20 -36.02 -23.39
C GLN D 284 -39.72 -35.69 -23.61
N ILE D 285 -39.49 -34.57 -24.29
CA ILE D 285 -38.15 -34.07 -24.60
C ILE D 285 -37.74 -33.06 -23.58
N ILE D 286 -36.72 -33.36 -22.80
CA ILE D 286 -36.35 -32.45 -21.72
C ILE D 286 -34.86 -32.16 -21.83
N ASN D 287 -34.44 -31.05 -21.23
CA ASN D 287 -33.03 -30.76 -21.00
C ASN D 287 -32.51 -31.40 -19.73
N MET D 288 -31.27 -31.87 -19.82
CA MET D 288 -30.62 -32.56 -18.72
C MET D 288 -29.87 -31.61 -17.79
N TRP D 289 -30.28 -31.60 -16.53
CA TRP D 289 -29.66 -30.76 -15.53
C TRP D 289 -28.18 -31.10 -15.28
N GLN D 290 -27.81 -32.35 -15.57
CA GLN D 290 -26.47 -32.86 -15.24
C GLN D 290 -25.40 -32.82 -16.34
N ARG D 291 -25.81 -32.52 -17.57
CA ARG D 291 -24.90 -32.42 -18.72
C ARG D 291 -25.52 -31.72 -19.90
N VAL D 292 -24.67 -31.30 -20.83
CA VAL D 292 -25.15 -30.69 -22.06
C VAL D 292 -25.82 -31.78 -22.87
N GLY D 293 -27.00 -31.48 -23.37
CA GLY D 293 -27.74 -32.41 -24.20
C GLY D 293 -29.23 -32.36 -23.97
N GLN D 294 -29.90 -33.45 -24.30
CA GLN D 294 -31.32 -33.58 -24.08
C GLN D 294 -31.64 -35.03 -23.87
N ALA D 295 -32.75 -35.28 -23.19
CA ALA D 295 -33.19 -36.66 -22.98
C ALA D 295 -34.55 -36.68 -23.62
N MET D 296 -34.89 -37.81 -24.25
CA MET D 296 -36.21 -37.97 -24.84
C MET D 296 -36.86 -39.25 -24.37
N TYR D 297 -38.06 -39.11 -23.82
CA TYR D 297 -38.80 -40.23 -23.28
C TYR D 297 -40.01 -40.57 -24.13
N ALA D 298 -40.62 -41.68 -23.79
CA ALA D 298 -41.81 -42.15 -24.45
C ALA D 298 -42.89 -41.21 -23.93
N PRO D 299 -44.02 -41.10 -24.66
CA PRO D 299 -45.06 -40.22 -24.13
C PRO D 299 -45.54 -40.68 -22.77
N PRO D 300 -46.19 -39.78 -22.02
CA PRO D 300 -46.53 -40.14 -20.65
C PRO D 300 -47.54 -41.25 -20.58
N ILE D 301 -47.56 -41.92 -19.43
CA ILE D 301 -48.50 -43.00 -19.24
C ILE D 301 -49.89 -42.41 -19.16
N ARG D 302 -50.86 -43.13 -19.72
CA ARG D 302 -52.28 -42.82 -19.55
C ARG D 302 -52.78 -43.15 -18.16
N GLY D 303 -53.87 -42.48 -17.76
CA GLY D 303 -54.50 -42.70 -16.46
C GLY D 303 -54.33 -41.58 -15.45
N VAL D 304 -54.12 -41.94 -14.19
CA VAL D 304 -54.09 -40.99 -13.08
C VAL D 304 -52.66 -40.78 -12.60
N ILE D 305 -52.21 -39.54 -12.72
CA ILE D 305 -50.97 -39.07 -12.10
C ILE D 305 -51.14 -37.97 -11.06
N ARG D 306 -50.79 -38.26 -9.81
CA ARG D 306 -50.96 -37.27 -8.74
C ARG D 306 -49.85 -37.43 -7.71
N CYS D 307 -49.29 -36.28 -7.35
CA CYS D 307 -48.27 -36.16 -6.31
C CYS D 307 -48.69 -35.10 -5.30
N GLU D 308 -48.71 -35.48 -4.03
CA GLU D 308 -49.01 -34.52 -2.99
C GLU D 308 -47.72 -34.16 -2.23
N SER D 309 -47.23 -32.94 -2.44
CA SER D 309 -45.91 -32.57 -1.91
C SER D 309 -45.96 -31.42 -0.93
N ASN D 310 -45.03 -31.44 0.02
CA ASN D 310 -44.82 -30.33 0.96
C ASN D 310 -43.83 -29.28 0.44
N ILE D 311 -44.29 -28.09 0.08
CA ILE D 311 -43.38 -26.96 -0.14
C ILE D 311 -42.74 -26.58 1.17
N THR D 312 -41.42 -26.72 1.22
CA THR D 312 -40.65 -26.50 2.44
C THR D 312 -39.58 -25.43 2.24
N GLY D 313 -39.41 -24.98 1.01
CA GLY D 313 -38.42 -23.96 0.70
C GLY D 313 -38.62 -23.31 -0.66
N LEU D 314 -37.84 -22.27 -0.91
CA LEU D 314 -37.89 -21.56 -2.20
C LEU D 314 -36.51 -21.22 -2.69
N ILE D 315 -36.38 -21.07 -4.00
CA ILE D 315 -35.17 -20.53 -4.60
C ILE D 315 -35.47 -19.18 -5.30
N LEU D 316 -34.86 -18.10 -4.82
CA LEU D 316 -35.13 -16.76 -5.36
C LEU D 316 -33.91 -16.09 -5.95
N THR D 317 -34.16 -15.16 -6.87
CA THR D 317 -33.12 -14.34 -7.48
C THR D 317 -33.56 -12.88 -7.47
N ARG D 318 -32.62 -12.01 -7.16
CA ARG D 318 -32.87 -10.56 -7.09
C ARG D 318 -32.31 -9.81 -8.29
N ASP D 319 -33.08 -8.88 -8.81
CA ASP D 319 -32.70 -8.15 -10.01
C ASP D 319 -31.43 -7.32 -9.81
N SER D 325 -33.72 2.80 -9.43
CA SER D 325 -34.97 3.51 -9.24
C SER D 325 -35.59 3.18 -7.90
N THR D 326 -34.89 2.37 -7.11
CA THR D 326 -35.34 1.77 -5.84
C THR D 326 -36.07 0.50 -6.17
N ARG D 327 -36.91 0.05 -5.24
CA ARG D 327 -37.71 -1.19 -5.33
C ARG D 327 -36.85 -2.43 -5.67
N GLU D 328 -37.08 -3.51 -4.93
CA GLU D 328 -36.39 -4.77 -5.19
C GLU D 328 -37.34 -5.86 -5.67
N THR D 329 -37.00 -6.39 -6.83
CA THR D 329 -37.74 -7.43 -7.50
C THR D 329 -37.10 -8.80 -7.31
N PHE D 330 -37.87 -9.75 -6.80
CA PHE D 330 -37.43 -11.13 -6.63
C PHE D 330 -38.16 -12.08 -7.53
N ARG D 331 -37.43 -13.05 -8.05
CA ARG D 331 -37.99 -14.02 -8.97
C ARG D 331 -37.62 -15.44 -8.59
N PRO D 332 -38.46 -16.41 -8.97
CA PRO D 332 -38.17 -17.82 -8.70
C PRO D 332 -36.92 -18.26 -9.48
N GLY D 333 -36.08 -19.05 -8.82
CA GLY D 333 -34.80 -19.50 -9.38
C GLY D 333 -34.69 -21.00 -9.59
N GLY D 334 -33.50 -21.54 -9.41
CA GLY D 334 -33.23 -22.95 -9.65
C GLY D 334 -32.46 -23.20 -10.91
N GLY D 335 -32.18 -24.48 -11.16
CA GLY D 335 -31.40 -24.89 -12.32
C GLY D 335 -30.14 -25.62 -11.90
N ASP D 336 -29.43 -25.05 -10.93
CA ASP D 336 -28.28 -25.70 -10.32
C ASP D 336 -28.76 -26.50 -9.12
N MET D 337 -28.76 -27.82 -9.26
CA MET D 337 -29.33 -28.68 -8.23
C MET D 337 -28.43 -28.70 -7.01
N ARG D 338 -27.21 -28.18 -7.15
CA ARG D 338 -26.34 -28.05 -6.01
C ARG D 338 -27.03 -27.21 -4.94
N ASP D 339 -27.82 -26.24 -5.39
CA ASP D 339 -28.54 -25.37 -4.46
C ASP D 339 -29.62 -26.17 -3.72
N ASN D 340 -30.21 -27.16 -4.39
CA ASN D 340 -31.19 -28.01 -3.74
C ASN D 340 -30.56 -28.80 -2.61
N TRP D 341 -29.41 -29.42 -2.89
CA TRP D 341 -28.70 -30.22 -1.88
C TRP D 341 -28.20 -29.31 -0.76
N ARG D 342 -27.78 -28.11 -1.15
CA ARG D 342 -27.23 -27.15 -0.21
C ARG D 342 -28.24 -26.86 0.89
N SER D 343 -29.53 -26.83 0.54
CA SER D 343 -30.60 -26.48 1.48
C SER D 343 -30.73 -27.50 2.59
N GLU D 344 -30.13 -28.66 2.37
CA GLU D 344 -30.16 -29.75 3.34
C GLU D 344 -28.80 -29.97 3.99
N LEU D 345 -27.73 -29.69 3.26
CA LEU D 345 -26.40 -30.00 3.77
C LEU D 345 -25.73 -28.82 4.49
N TYR D 346 -26.43 -27.70 4.61
CA TYR D 346 -25.81 -26.48 5.14
C TYR D 346 -25.27 -26.60 6.56
N LYS D 347 -25.89 -27.46 7.39
CA LYS D 347 -25.50 -27.58 8.79
C LYS D 347 -24.28 -28.49 9.04
N TYR D 348 -23.84 -29.18 7.99
CA TYR D 348 -22.78 -30.20 8.08
C TYR D 348 -21.46 -29.76 7.44
N LYS D 349 -20.36 -30.22 8.04
CA LYS D 349 -19.03 -30.11 7.39
C LYS D 349 -18.16 -31.33 7.73
N VAL D 350 -17.25 -31.67 6.84
CA VAL D 350 -16.36 -32.80 7.07
C VAL D 350 -14.97 -32.38 7.51
N VAL D 351 -14.43 -33.11 8.48
CA VAL D 351 -13.07 -32.86 8.97
C VAL D 351 -12.28 -34.16 9.06
N LYS D 352 -10.98 -34.13 8.73
CA LYS D 352 -10.15 -35.31 8.96
C LYS D 352 -9.61 -35.36 10.38
N ILE D 353 -10.19 -36.25 11.18
CA ILE D 353 -9.96 -36.21 12.61
C ILE D 353 -8.54 -36.73 12.94
N GLU D 354 -7.51 -35.89 12.80
CA GLU D 354 -6.13 -36.35 13.09
C GLU D 354 -5.22 -35.20 13.53
N GLY E 2 -7.18 -23.21 -25.79
CA GLY E 2 -8.52 -22.70 -26.04
C GLY E 2 -9.59 -23.56 -25.40
N GLN E 3 -10.67 -22.92 -24.92
CA GLN E 3 -11.84 -23.62 -24.39
C GLN E 3 -13.12 -23.12 -25.00
N LEU E 4 -13.22 -21.80 -25.20
CA LEU E 4 -14.45 -21.22 -25.74
C LEU E 4 -14.27 -20.62 -27.12
N VAL E 5 -14.91 -21.21 -28.11
CA VAL E 5 -14.78 -20.73 -29.48
C VAL E 5 -15.98 -19.80 -29.68
N GLN E 6 -15.91 -18.91 -30.65
CA GLN E 6 -17.09 -18.14 -31.04
C GLN E 6 -17.03 -17.74 -32.49
N SER E 7 -18.18 -17.32 -33.02
CA SER E 7 -18.25 -16.85 -34.39
C SER E 7 -19.37 -15.83 -34.53
N GLY E 8 -19.05 -14.60 -34.21
CA GLY E 8 -20.01 -13.52 -34.33
C GLY E 8 -19.86 -12.94 -35.70
N GLY E 9 -20.74 -12.01 -36.06
CA GLY E 9 -20.73 -11.43 -37.38
C GLY E 9 -19.55 -10.47 -37.56
N GLY E 10 -19.72 -9.53 -38.48
CA GLY E 10 -18.69 -8.54 -38.75
C GLY E 10 -19.34 -7.20 -39.02
N VAL E 11 -19.50 -6.84 -40.29
CA VAL E 11 -20.11 -5.55 -40.63
C VAL E 11 -21.62 -5.62 -40.54
N LYS E 12 -22.22 -4.70 -39.78
CA LYS E 12 -23.67 -4.64 -39.62
C LYS E 12 -24.10 -3.19 -39.93
N LYS E 13 -25.23 -2.98 -40.59
CA LYS E 13 -25.68 -1.62 -40.82
C LYS E 13 -26.45 -1.11 -39.61
N PRO E 14 -26.36 0.22 -39.35
CA PRO E 14 -27.05 0.78 -38.17
C PRO E 14 -28.54 0.55 -38.18
N GLY E 15 -29.08 0.18 -37.02
CA GLY E 15 -30.51 -0.07 -36.89
C GLY E 15 -30.79 -1.56 -36.89
N THR E 16 -29.86 -2.32 -37.46
CA THR E 16 -30.03 -3.76 -37.55
C THR E 16 -29.67 -4.42 -36.23
N SER E 17 -29.73 -5.76 -36.20
CA SER E 17 -29.42 -6.53 -35.01
C SER E 17 -28.24 -7.44 -35.31
N VAL E 18 -27.52 -7.86 -34.27
CA VAL E 18 -26.41 -8.81 -34.45
C VAL E 18 -26.46 -9.91 -33.42
N THR E 19 -26.15 -11.13 -33.86
CA THR E 19 -26.12 -12.28 -32.98
C THR E 19 -24.72 -12.87 -32.99
N ILE E 20 -24.18 -13.09 -31.78
CA ILE E 20 -22.88 -13.71 -31.60
C ILE E 20 -23.03 -14.98 -30.77
N SER E 21 -22.47 -16.07 -31.28
CA SER E 21 -22.54 -17.35 -30.60
C SER E 21 -21.21 -17.61 -29.94
N CYS E 22 -21.23 -18.50 -28.95
CA CYS E 22 -20.03 -18.84 -28.19
C CYS E 22 -20.11 -20.30 -27.78
N LEU E 23 -19.35 -21.14 -28.52
CA LEU E 23 -19.31 -22.56 -28.22
C LEU E 23 -18.37 -22.84 -27.09
N ALA E 24 -18.87 -23.55 -26.09
CA ALA E 24 -18.09 -23.82 -24.90
C ALA E 24 -17.83 -25.32 -24.72
N SER E 25 -16.74 -25.62 -24.01
CA SER E 25 -16.47 -26.98 -23.60
C SER E 25 -17.58 -27.47 -22.71
N GLU E 26 -17.76 -28.78 -22.62
CA GLU E 26 -18.82 -29.33 -21.78
C GLU E 26 -18.59 -28.90 -20.35
N TYR E 27 -17.34 -29.00 -19.91
CA TYR E 27 -16.98 -28.61 -18.56
C TYR E 27 -17.32 -27.15 -18.27
N THR E 28 -16.89 -26.25 -19.15
CA THR E 28 -17.16 -24.84 -18.93
C THR E 28 -18.65 -24.59 -18.91
N PHE E 29 -19.30 -25.07 -19.96
CA PHE E 29 -20.72 -24.90 -20.10
C PHE E 29 -21.47 -25.46 -18.90
N ASN E 30 -20.95 -26.56 -18.34
CA ASN E 30 -21.62 -27.23 -17.23
C ASN E 30 -21.32 -26.59 -15.89
N GLU E 31 -20.16 -25.96 -15.75
CA GLU E 31 -19.69 -25.61 -14.42
C GLU E 31 -19.49 -24.12 -14.17
N PHE E 32 -19.36 -23.32 -15.21
CA PHE E 32 -18.94 -21.91 -15.07
C PHE E 32 -20.00 -20.90 -15.44
N VAL E 33 -19.83 -19.66 -14.95
CA VAL E 33 -20.61 -18.55 -15.48
C VAL E 33 -19.89 -18.11 -16.74
N ILE E 34 -20.64 -17.57 -17.69
CA ILE E 34 -20.04 -17.00 -18.88
C ILE E 34 -20.51 -15.56 -19.14
N HIS E 35 -19.56 -14.62 -19.03
CA HIS E 35 -19.85 -13.22 -19.30
C HIS E 35 -19.82 -12.98 -20.82
N TRP E 36 -20.56 -11.97 -21.25
CA TRP E 36 -20.38 -11.35 -22.57
C TRP E 36 -19.82 -9.94 -22.35
N ILE E 37 -18.64 -9.68 -22.90
CA ILE E 37 -17.92 -8.43 -22.66
C ILE E 37 -17.37 -7.87 -23.95
N ARG E 38 -17.52 -6.57 -24.13
CA ARG E 38 -17.01 -5.92 -25.34
C ARG E 38 -15.95 -4.91 -24.99
N GLN E 39 -15.19 -4.54 -26.01
CA GLN E 39 -14.15 -3.52 -25.87
C GLN E 39 -14.02 -2.68 -27.14
N ALA E 40 -14.39 -1.40 -27.01
CA ALA E 40 -14.31 -0.47 -28.12
C ALA E 40 -12.87 0.02 -28.24
N PRO E 41 -12.50 0.58 -29.41
CA PRO E 41 -11.13 1.08 -29.62
C PRO E 41 -10.69 2.17 -28.66
N GLY E 42 -9.55 1.99 -28.01
CA GLY E 42 -8.99 3.00 -27.12
C GLY E 42 -9.70 3.08 -25.79
N GLN E 43 -10.63 2.16 -25.57
CA GLN E 43 -11.42 2.12 -24.36
C GLN E 43 -11.12 0.85 -23.57
N GLY E 44 -11.60 0.78 -22.34
CA GLY E 44 -11.50 -0.43 -21.57
C GLY E 44 -12.70 -1.34 -21.81
N PRO E 45 -12.69 -2.53 -21.17
CA PRO E 45 -13.76 -3.52 -21.30
C PRO E 45 -15.08 -3.07 -20.68
N VAL E 46 -16.18 -3.49 -21.29
CA VAL E 46 -17.51 -3.19 -20.77
C VAL E 46 -18.32 -4.46 -20.60
N TRP E 47 -18.85 -4.68 -19.40
CA TRP E 47 -19.64 -5.87 -19.13
C TRP E 47 -21.06 -5.69 -19.65
N LEU E 48 -21.54 -6.63 -20.46
CA LEU E 48 -22.87 -6.52 -21.07
C LEU E 48 -23.87 -7.47 -20.42
N GLY E 49 -23.44 -8.67 -20.06
CA GLY E 49 -24.33 -9.62 -19.45
C GLY E 49 -23.62 -10.91 -19.12
N LEU E 50 -24.30 -11.86 -18.49
CA LEU E 50 -23.73 -13.17 -18.20
C LEU E 50 -24.79 -14.27 -18.21
N ILE E 51 -24.29 -15.50 -18.32
CA ILE E 51 -25.12 -16.70 -18.17
C ILE E 51 -24.51 -17.61 -17.09
N LYS E 52 -25.28 -17.82 -16.02
CA LYS E 52 -24.86 -18.73 -14.97
C LYS E 52 -25.05 -20.19 -15.37
N ARG E 53 -24.36 -21.09 -14.67
CA ARG E 53 -24.46 -22.51 -14.98
C ARG E 53 -25.87 -23.04 -14.71
N SER E 54 -26.61 -22.33 -13.84
CA SER E 54 -27.99 -22.67 -13.51
C SER E 54 -28.92 -22.40 -14.66
N GLY E 55 -28.48 -21.51 -15.53
CA GLY E 55 -29.24 -21.10 -16.68
C GLY E 55 -29.71 -19.68 -16.59
N ARG E 56 -29.55 -19.05 -15.44
CA ARG E 56 -30.00 -17.68 -15.30
C ARG E 56 -29.28 -16.74 -16.26
N LEU E 57 -30.02 -15.86 -16.93
CA LEU E 57 -29.44 -14.86 -17.84
C LEU E 57 -29.53 -13.53 -17.14
N MET E 58 -28.46 -12.75 -17.21
CA MET E 58 -28.43 -11.40 -16.64
C MET E 58 -27.74 -10.41 -17.56
N THR E 59 -28.42 -9.28 -17.82
CA THR E 59 -27.85 -8.28 -18.69
C THR E 59 -27.68 -6.95 -17.94
N SER E 60 -26.76 -6.15 -18.43
CA SER E 60 -26.55 -4.81 -17.91
C SER E 60 -27.73 -3.92 -18.18
N TYR E 61 -28.16 -3.21 -17.15
CA TYR E 61 -29.33 -2.35 -17.23
C TYR E 61 -29.24 -1.39 -18.42
N LYS E 62 -28.02 -0.99 -18.78
CA LYS E 62 -27.85 -0.03 -19.86
C LYS E 62 -28.03 -0.66 -21.24
N PHE E 63 -28.18 -1.98 -21.27
CA PHE E 63 -28.36 -2.70 -22.53
C PHE E 63 -29.63 -3.55 -22.55
N GLN E 64 -30.37 -3.56 -21.44
CA GLN E 64 -31.44 -4.54 -21.26
C GLN E 64 -32.57 -4.44 -22.29
N ASP E 65 -32.72 -3.27 -22.92
CA ASP E 65 -33.81 -3.08 -23.89
C ASP E 65 -33.40 -3.52 -25.29
N ARG E 66 -32.10 -3.71 -25.50
CA ARG E 66 -31.56 -3.98 -26.83
C ARG E 66 -30.78 -5.29 -26.84
N LEU E 67 -30.52 -5.84 -25.65
CA LEU E 67 -29.64 -7.00 -25.53
C LEU E 67 -30.39 -8.19 -25.01
N SER E 68 -30.22 -9.30 -25.71
CA SER E 68 -30.89 -10.54 -25.37
C SER E 68 -29.90 -11.68 -25.33
N LEU E 69 -29.93 -12.41 -24.23
CA LEU E 69 -29.09 -13.58 -24.02
C LEU E 69 -29.91 -14.83 -24.07
N ARG E 70 -29.29 -15.91 -24.49
CA ARG E 70 -29.94 -17.20 -24.45
C ARG E 70 -28.84 -18.22 -24.49
N ARG E 71 -29.19 -19.43 -24.09
CA ARG E 71 -28.25 -20.50 -24.11
C ARG E 71 -28.89 -21.68 -24.78
N ASP E 72 -28.09 -22.47 -25.48
CA ASP E 72 -28.59 -23.67 -26.11
C ASP E 72 -27.95 -24.83 -25.38
N ARG E 73 -28.73 -25.43 -24.49
CA ARG E 73 -28.26 -26.51 -23.63
C ARG E 73 -28.07 -27.81 -24.38
N SER E 74 -28.54 -27.84 -25.62
CA SER E 74 -28.47 -29.03 -26.48
C SER E 74 -27.06 -29.27 -27.01
N THR E 75 -26.32 -28.18 -27.21
CA THR E 75 -25.01 -28.21 -27.83
C THR E 75 -23.94 -27.60 -26.92
N GLY E 76 -24.39 -26.92 -25.89
CA GLY E 76 -23.46 -26.26 -24.99
C GLY E 76 -22.97 -24.98 -25.63
N THR E 77 -23.92 -24.19 -26.13
CA THR E 77 -23.56 -22.94 -26.78
C THR E 77 -24.27 -21.78 -26.12
N VAL E 78 -23.61 -20.63 -26.01
CA VAL E 78 -24.32 -19.45 -25.47
C VAL E 78 -24.33 -18.38 -26.55
N PHE E 79 -25.34 -17.49 -26.50
CA PHE E 79 -25.52 -16.48 -27.55
C PHE E 79 -25.79 -15.11 -26.96
N MET E 80 -25.41 -14.07 -27.70
CA MET E 80 -25.91 -12.72 -27.41
C MET E 80 -26.47 -12.08 -28.67
N GLU E 81 -27.63 -11.46 -28.54
CA GLU E 81 -28.23 -10.66 -29.60
C GLU E 81 -28.22 -9.22 -29.14
N LEU E 82 -27.59 -8.35 -29.94
CA LEU E 82 -27.60 -6.91 -29.68
C LEU E 82 -28.41 -6.20 -30.77
N ARG E 83 -29.50 -5.59 -30.38
CA ARG E 83 -30.41 -4.92 -31.32
C ARG E 83 -30.20 -3.42 -31.37
N GLY E 84 -30.87 -2.78 -32.32
CA GLY E 84 -30.80 -1.35 -32.46
C GLY E 84 -29.38 -0.83 -32.51
N LEU E 85 -28.59 -1.41 -33.39
CA LEU E 85 -27.17 -1.10 -33.43
C LEU E 85 -26.96 0.37 -33.72
N ARG E 86 -25.93 0.93 -33.09
CA ARG E 86 -25.56 2.32 -33.28
C ARG E 86 -24.10 2.28 -33.65
N LEU E 87 -23.59 3.33 -34.25
CA LEU E 87 -22.18 3.41 -34.64
C LEU E 87 -21.20 3.14 -33.50
N ASP E 88 -21.56 3.55 -32.28
CA ASP E 88 -20.68 3.40 -31.12
C ASP E 88 -20.79 2.03 -30.44
N ASP E 89 -21.53 1.12 -31.06
CA ASP E 89 -21.49 -0.30 -30.69
C ASP E 89 -20.32 -1.04 -31.35
N THR E 90 -19.59 -0.37 -32.24
CA THR E 90 -18.41 -0.95 -32.88
C THR E 90 -17.39 -1.34 -31.83
N ALA E 91 -17.10 -2.63 -31.75
CA ALA E 91 -16.19 -3.09 -30.72
C ALA E 91 -15.82 -4.55 -30.95
N VAL E 92 -14.85 -5.04 -30.17
CA VAL E 92 -14.61 -6.48 -30.13
C VAL E 92 -15.48 -7.07 -29.04
N TYR E 93 -16.24 -8.09 -29.39
CA TYR E 93 -17.13 -8.75 -28.45
C TYR E 93 -16.55 -10.10 -28.03
N TYR E 94 -16.40 -10.29 -26.72
CA TYR E 94 -15.84 -11.51 -26.14
C TYR E 94 -16.90 -12.25 -25.35
N CYS E 95 -16.87 -13.57 -25.42
CA CYS E 95 -17.48 -14.37 -24.37
C CYS E 95 -16.32 -14.84 -23.51
N ALA E 96 -16.57 -14.95 -22.21
CA ALA E 96 -15.48 -15.36 -21.31
C ALA E 96 -16.03 -15.94 -20.02
N ARG E 97 -15.37 -16.99 -19.53
CA ARG E 97 -15.92 -17.73 -18.41
C ARG E 97 -15.39 -17.25 -17.09
N ASP E 98 -16.11 -17.60 -16.04
CA ASP E 98 -15.77 -17.12 -14.70
C ASP E 98 -16.52 -17.95 -13.64
N GLY E 99 -15.76 -18.49 -12.70
CA GLY E 99 -16.33 -19.27 -11.62
C GLY E 99 -17.24 -18.54 -10.65
N LEU E 100 -16.94 -17.26 -10.45
CA LEU E 100 -17.69 -16.37 -9.57
C LEU E 100 -17.74 -17.01 -8.19
N GLY E 101 -16.65 -17.67 -7.85
CA GLY E 101 -16.48 -18.27 -6.56
C GLY E 101 -17.41 -19.44 -6.33
N GLU E 102 -17.95 -20.02 -7.40
CA GLU E 102 -18.94 -21.08 -7.21
C GLU E 102 -18.49 -22.40 -7.81
N VAL E 103 -17.41 -22.31 -8.58
CA VAL E 103 -16.78 -23.41 -9.30
C VAL E 103 -15.61 -24.15 -8.69
N ALA E 104 -15.69 -25.46 -8.47
CA ALA E 104 -14.50 -26.17 -7.97
C ALA E 104 -14.12 -25.83 -6.55
N PRO E 105 -13.36 -26.71 -5.89
CA PRO E 105 -13.05 -26.44 -4.48
C PRO E 105 -12.20 -25.19 -4.24
N ALA E 106 -11.83 -24.46 -5.31
CA ALA E 106 -10.99 -23.28 -5.11
C ALA E 106 -11.95 -22.11 -4.82
N TYR E 107 -13.09 -22.08 -5.51
CA TYR E 107 -14.09 -21.02 -5.35
C TYR E 107 -13.49 -19.65 -5.60
N LEU E 108 -12.94 -19.49 -6.79
CA LEU E 108 -12.24 -18.27 -7.17
C LEU E 108 -13.10 -17.34 -8.04
N TYR E 109 -12.96 -16.02 -7.89
CA TYR E 109 -13.49 -15.12 -8.93
C TYR E 109 -12.36 -14.76 -9.89
N GLY E 110 -12.70 -14.34 -11.10
CA GLY E 110 -11.71 -13.97 -12.10
C GLY E 110 -11.96 -14.57 -13.49
N ILE E 111 -11.95 -13.74 -14.51
CA ILE E 111 -12.19 -14.21 -15.87
C ILE E 111 -10.92 -14.81 -16.46
N ASP E 112 -10.78 -16.12 -16.38
CA ASP E 112 -9.49 -16.74 -16.64
C ASP E 112 -9.32 -17.23 -18.08
N ALA E 113 -10.44 -17.50 -18.76
CA ALA E 113 -10.42 -17.89 -20.16
C ALA E 113 -11.32 -17.04 -21.04
N TRP E 114 -10.76 -16.55 -22.14
CA TRP E 114 -11.51 -15.71 -23.06
C TRP E 114 -11.66 -16.38 -24.39
N GLY E 115 -12.80 -16.15 -25.03
CA GLY E 115 -12.98 -16.56 -26.41
C GLY E 115 -12.06 -15.67 -27.24
N GLN E 116 -11.93 -15.97 -28.53
CA GLN E 116 -11.00 -15.21 -29.35
C GLN E 116 -11.53 -13.82 -29.68
N GLY E 117 -12.83 -13.62 -29.50
CA GLY E 117 -13.43 -12.33 -29.77
C GLY E 117 -14.06 -12.30 -31.16
N SER E 118 -15.18 -11.59 -31.27
CA SER E 118 -15.87 -11.37 -32.54
C SER E 118 -15.94 -9.87 -32.75
N THR E 119 -15.24 -9.38 -33.78
CA THR E 119 -15.23 -7.97 -34.12
C THR E 119 -16.53 -7.56 -34.79
N VAL E 120 -17.19 -6.55 -34.24
CA VAL E 120 -18.39 -5.99 -34.82
C VAL E 120 -18.12 -4.55 -35.14
N ILE E 121 -18.38 -4.24 -36.41
CA ILE E 121 -18.20 -2.93 -37.01
C ILE E 121 -19.55 -2.50 -37.55
N VAL E 122 -20.11 -1.48 -36.91
CA VAL E 122 -21.42 -0.94 -37.30
C VAL E 122 -21.20 0.26 -38.23
N THR E 123 -21.71 0.11 -39.44
CA THR E 123 -21.62 1.13 -40.47
C THR E 123 -22.49 0.79 -41.65
N SER E 124 -22.67 1.79 -42.50
CA SER E 124 -23.48 1.67 -43.70
C SER E 124 -22.59 1.57 -44.92
N ALA E 125 -21.29 1.62 -44.68
CA ALA E 125 -20.35 1.56 -45.77
C ALA E 125 -20.31 0.20 -46.44
N SER E 126 -20.13 0.29 -47.74
CA SER E 126 -19.93 -0.83 -48.65
C SER E 126 -18.43 -0.82 -48.90
N THR E 127 -17.91 -1.86 -49.54
CA THR E 127 -16.49 -1.89 -49.86
C THR E 127 -16.18 -0.64 -50.67
N LYS E 128 -15.12 0.05 -50.26
CA LYS E 128 -14.72 1.31 -50.90
C LYS E 128 -13.22 1.58 -50.82
N GLY E 129 -12.64 1.95 -51.96
CA GLY E 129 -11.25 2.31 -52.05
C GLY E 129 -11.01 3.70 -51.50
N PRO E 130 -9.79 3.97 -51.04
CA PRO E 130 -9.49 5.24 -50.40
C PRO E 130 -9.31 6.40 -51.33
N SER E 131 -9.53 7.59 -50.81
CA SER E 131 -9.09 8.80 -51.46
C SER E 131 -7.74 9.15 -50.86
N VAL E 132 -6.75 9.44 -51.69
CA VAL E 132 -5.41 9.74 -51.20
C VAL E 132 -5.10 11.21 -51.41
N PHE E 133 -5.02 11.97 -50.32
CA PHE E 133 -4.69 13.38 -50.45
C PHE E 133 -3.29 13.58 -49.90
N PRO E 134 -2.56 14.59 -50.41
CA PRO E 134 -1.20 14.81 -49.90
C PRO E 134 -1.13 15.76 -48.72
N LEU E 135 -0.22 15.52 -47.77
CA LEU E 135 0.09 16.51 -46.74
C LEU E 135 1.43 17.17 -47.05
N ALA E 136 1.33 18.30 -47.74
CA ALA E 136 2.44 18.96 -48.41
C ALA E 136 3.38 19.46 -47.34
N PRO E 137 4.69 19.51 -47.59
CA PRO E 137 5.52 19.99 -46.49
C PRO E 137 5.23 21.43 -46.00
N SER E 138 5.65 21.67 -44.76
CA SER E 138 5.41 22.92 -44.04
C SER E 138 6.35 24.07 -44.42
N SER E 139 6.00 25.26 -43.93
CA SER E 139 6.78 26.49 -44.11
C SER E 139 7.83 26.45 -45.21
N THR E 146 15.31 20.22 -41.69
CA THR E 146 14.43 19.06 -41.50
C THR E 146 12.97 19.48 -41.64
N ALA E 147 12.30 18.92 -42.65
CA ALA E 147 10.85 19.06 -42.78
C ALA E 147 10.09 17.74 -42.86
N ALA E 148 8.82 17.83 -42.50
CA ALA E 148 7.86 16.71 -42.43
C ALA E 148 6.81 16.78 -43.56
N LEU E 149 6.58 15.64 -44.23
CA LEU E 149 5.55 15.55 -45.29
C LEU E 149 4.86 14.22 -45.27
N GLY E 150 3.67 14.11 -45.88
CA GLY E 150 2.98 12.83 -45.84
C GLY E 150 1.78 12.62 -46.74
N CYS E 151 1.07 11.52 -46.49
CA CYS E 151 -0.15 11.15 -47.23
C CYS E 151 -1.32 10.90 -46.29
N LEU E 152 -2.49 11.40 -46.70
CA LEU E 152 -3.75 11.14 -46.04
C LEU E 152 -4.57 10.12 -46.82
N VAL E 153 -4.71 8.94 -46.23
CA VAL E 153 -5.50 7.90 -46.87
C VAL E 153 -6.88 7.88 -46.23
N LYS E 154 -7.83 8.56 -46.87
CA LYS E 154 -9.11 8.87 -46.26
C LYS E 154 -10.29 8.12 -46.87
N ASP E 155 -11.25 7.74 -46.03
CA ASP E 155 -12.54 7.24 -46.49
C ASP E 155 -12.39 5.96 -47.30
N TYR E 156 -11.95 4.89 -46.66
CA TYR E 156 -11.91 3.59 -47.31
C TYR E 156 -12.56 2.61 -46.38
N PHE E 157 -12.99 1.48 -46.93
CA PHE E 157 -13.58 0.44 -46.12
C PHE E 157 -13.56 -0.88 -46.91
N PRO E 158 -13.26 -2.00 -46.23
CA PRO E 158 -12.79 -2.19 -44.86
C PRO E 158 -11.27 -2.10 -44.75
N GLU E 159 -10.72 -2.39 -43.58
CA GLU E 159 -9.28 -2.56 -43.44
C GLU E 159 -8.86 -3.85 -44.15
N PRO E 160 -7.57 -3.98 -44.46
CA PRO E 160 -6.54 -2.98 -44.20
C PRO E 160 -6.12 -2.30 -45.47
N VAL E 161 -5.49 -1.14 -45.33
CA VAL E 161 -4.71 -0.54 -46.39
C VAL E 161 -3.25 -0.53 -45.98
N THR E 162 -2.36 -0.72 -46.96
CA THR E 162 -0.92 -0.60 -46.73
C THR E 162 -0.34 0.60 -47.47
N VAL E 163 0.71 1.18 -46.91
CA VAL E 163 1.35 2.36 -47.50
C VAL E 163 2.86 2.18 -47.38
N SER E 164 3.56 2.41 -48.48
CA SER E 164 5.03 2.44 -48.47
C SER E 164 5.49 3.75 -49.07
N TRP E 165 6.80 3.99 -49.08
CA TRP E 165 7.32 5.22 -49.67
C TRP E 165 8.44 4.91 -50.65
N ASN E 166 8.40 5.61 -51.78
CA ASN E 166 9.36 5.44 -52.85
C ASN E 166 9.50 3.99 -53.22
N SER E 167 8.37 3.33 -53.44
CA SER E 167 8.36 1.91 -53.79
C SER E 167 9.05 1.13 -52.68
N GLY E 168 8.92 1.63 -51.45
CA GLY E 168 9.45 0.97 -50.27
C GLY E 168 10.91 1.25 -49.98
N ALA E 169 11.54 2.10 -50.78
CA ALA E 169 12.95 2.42 -50.60
C ALA E 169 13.19 3.58 -49.63
N LEU E 170 12.17 3.96 -48.86
CA LEU E 170 12.29 5.04 -47.88
C LEU E 170 11.58 4.68 -46.60
N THR E 171 12.35 4.20 -45.62
CA THR E 171 11.82 3.80 -44.31
C THR E 171 12.24 4.70 -43.15
N SER E 172 13.42 5.31 -43.27
CA SER E 172 13.96 6.19 -42.24
C SER E 172 13.04 7.34 -41.84
N GLY E 173 12.58 7.29 -40.60
CA GLY E 173 11.83 8.40 -40.00
C GLY E 173 10.39 8.47 -40.45
N VAL E 174 9.85 7.33 -40.88
CA VAL E 174 8.47 7.23 -41.29
C VAL E 174 7.58 6.80 -40.15
N HIS E 175 6.44 7.45 -40.01
CA HIS E 175 5.41 7.00 -39.07
C HIS E 175 4.06 6.87 -39.78
N THR E 176 3.56 5.65 -39.87
CA THR E 176 2.21 5.40 -40.37
C THR E 176 1.30 5.08 -39.20
N PHE E 177 0.34 5.97 -38.98
CA PHE E 177 -0.55 5.90 -37.82
C PHE E 177 -1.57 4.80 -38.01
N PRO E 178 -2.01 4.20 -36.90
CA PRO E 178 -3.11 3.26 -37.05
C PRO E 178 -4.39 3.95 -37.50
N ALA E 179 -5.18 3.24 -38.29
CA ALA E 179 -6.38 3.80 -38.87
C ALA E 179 -7.38 4.09 -37.77
N VAL E 180 -8.23 5.07 -38.02
CA VAL E 180 -9.33 5.38 -37.14
C VAL E 180 -10.65 5.18 -37.90
N LEU E 181 -11.68 4.74 -37.21
CA LEU E 181 -12.99 4.62 -37.83
C LEU E 181 -13.72 5.93 -37.63
N GLN E 182 -14.02 6.63 -38.73
CA GLN E 182 -14.64 7.95 -38.69
C GLN E 182 -16.14 7.85 -38.40
N SER E 183 -16.80 9.00 -38.30
CA SER E 183 -18.22 9.03 -37.95
C SER E 183 -19.12 8.65 -39.11
N SER E 184 -18.57 8.65 -40.32
CA SER E 184 -19.28 8.18 -41.49
C SER E 184 -19.38 6.65 -41.44
N GLY E 185 -18.37 6.03 -40.86
CA GLY E 185 -18.28 4.59 -40.85
C GLY E 185 -17.24 4.13 -41.86
N LEU E 186 -16.43 5.08 -42.33
CA LEU E 186 -15.31 4.81 -43.21
C LEU E 186 -14.01 5.07 -42.48
N TYR E 187 -12.98 4.33 -42.86
CA TYR E 187 -11.68 4.52 -42.21
C TYR E 187 -10.89 5.64 -42.86
N SER E 188 -9.90 6.08 -42.12
CA SER E 188 -9.00 7.10 -42.59
C SER E 188 -7.75 7.00 -41.76
N LEU E 189 -6.61 7.19 -42.39
CA LEU E 189 -5.36 7.24 -41.65
C LEU E 189 -4.41 8.20 -42.30
N SER E 190 -3.28 8.43 -41.64
CA SER E 190 -2.25 9.27 -42.22
C SER E 190 -0.93 8.54 -42.12
N SER E 191 -0.07 8.81 -43.10
CA SER E 191 1.30 8.31 -43.08
C SER E 191 2.23 9.48 -43.32
N VAL E 192 3.19 9.66 -42.44
CA VAL E 192 4.08 10.80 -42.56
C VAL E 192 5.54 10.36 -42.57
N VAL E 193 6.40 11.25 -43.02
CA VAL E 193 7.83 11.00 -43.00
C VAL E 193 8.54 12.32 -42.75
N THR E 194 9.65 12.21 -42.05
CA THR E 194 10.55 13.32 -41.82
C THR E 194 11.78 13.21 -42.67
N VAL E 195 12.14 14.31 -43.31
CA VAL E 195 13.22 14.30 -44.26
C VAL E 195 14.02 15.62 -44.20
N PRO E 196 15.27 15.60 -44.69
CA PRO E 196 16.08 16.82 -44.71
C PRO E 196 15.46 17.89 -45.60
N SER E 197 15.63 19.15 -45.26
CA SER E 197 14.97 20.19 -46.02
C SER E 197 15.75 20.48 -47.30
N SER E 198 17.06 20.29 -47.27
CA SER E 198 17.86 20.42 -48.47
C SER E 198 17.42 19.46 -49.58
N SER E 199 17.00 18.27 -49.19
CA SER E 199 16.64 17.24 -50.16
C SER E 199 15.21 17.28 -50.71
N LEU E 200 14.33 18.08 -50.11
CA LEU E 200 12.91 18.15 -50.53
C LEU E 200 12.82 18.64 -51.98
N GLY E 201 13.80 19.47 -52.34
CA GLY E 201 13.91 20.04 -53.67
C GLY E 201 14.33 19.02 -54.71
N THR E 202 15.18 18.07 -54.32
CA THR E 202 15.74 17.11 -55.27
C THR E 202 15.08 15.77 -55.17
N GLN E 203 15.03 15.24 -53.95
CA GLN E 203 14.57 13.89 -53.71
C GLN E 203 13.04 13.89 -54.00
N THR E 204 12.59 12.89 -54.76
CA THR E 204 11.18 12.78 -55.13
C THR E 204 10.52 11.84 -54.14
N TYR E 205 9.40 12.27 -53.55
CA TYR E 205 8.71 11.48 -52.52
C TYR E 205 7.33 11.08 -52.97
N ILE E 206 7.10 9.77 -53.00
CA ILE E 206 5.84 9.18 -53.43
C ILE E 206 5.36 8.18 -52.42
N CYS E 207 4.17 8.38 -51.87
CA CYS E 207 3.60 7.33 -51.02
C CYS E 207 2.83 6.38 -51.91
N ASN E 208 3.09 5.09 -51.72
CA ASN E 208 2.43 4.04 -52.47
C ASN E 208 1.38 3.42 -51.58
N VAL E 209 0.10 3.65 -51.90
CA VAL E 209 -0.99 3.11 -51.10
C VAL E 209 -1.59 1.92 -51.81
N ASN E 210 -2.01 0.92 -51.05
CA ASN E 210 -2.67 -0.25 -51.63
C ASN E 210 -3.78 -0.70 -50.70
N HIS E 211 -5.00 -0.66 -51.22
CA HIS E 211 -6.17 -1.17 -50.54
C HIS E 211 -6.70 -2.35 -51.35
N LYS E 212 -6.21 -3.53 -51.00
CA LYS E 212 -6.48 -4.77 -51.71
C LYS E 212 -7.99 -5.05 -51.80
N PRO E 213 -8.73 -4.86 -50.68
CA PRO E 213 -10.18 -5.13 -50.67
C PRO E 213 -10.96 -4.50 -51.82
N SER E 214 -10.42 -3.43 -52.40
CA SER E 214 -11.08 -2.74 -53.51
C SER E 214 -10.15 -2.75 -54.73
N ASN E 215 -9.12 -3.59 -54.68
CA ASN E 215 -8.14 -3.67 -55.76
C ASN E 215 -7.64 -2.28 -56.13
N THR E 216 -7.55 -1.40 -55.13
CA THR E 216 -7.03 -0.05 -55.37
C THR E 216 -5.54 0.08 -55.04
N LYS E 217 -4.76 0.55 -56.00
CA LYS E 217 -3.35 0.82 -55.77
C LYS E 217 -3.03 2.20 -56.31
N VAL E 218 -2.43 3.05 -55.47
CA VAL E 218 -2.09 4.44 -55.80
C VAL E 218 -0.65 4.82 -55.52
N ASP E 219 -0.02 5.52 -56.46
CA ASP E 219 1.26 6.13 -56.18
C ASP E 219 1.06 7.64 -56.19
N LYS E 220 1.20 8.25 -55.02
CA LYS E 220 0.92 9.67 -54.85
C LYS E 220 2.20 10.39 -54.47
N LYS E 221 2.61 11.34 -55.30
CA LYS E 221 3.77 12.17 -55.01
C LYS E 221 3.35 13.31 -54.09
N ALA E 222 3.93 13.41 -52.89
CA ALA E 222 3.63 14.56 -52.04
C ALA E 222 4.75 15.58 -52.21
N GLU E 223 4.35 16.76 -52.65
CA GLU E 223 5.22 17.90 -52.89
C GLU E 223 4.49 19.18 -52.50
N PRO E 224 5.21 20.29 -52.25
CA PRO E 224 4.57 21.56 -51.85
C PRO E 224 3.51 22.02 -52.86
N LYS E 225 2.35 22.49 -52.40
CA LYS E 225 1.29 22.96 -53.30
C LYS E 225 1.25 24.47 -53.41
N SER E 226 0.18 25.00 -54.02
CA SER E 226 0.08 26.43 -54.29
C SER E 226 -1.30 26.87 -54.80
N CYS E 227 -1.55 28.18 -54.72
CA CYS E 227 -2.76 28.82 -55.29
C CYS E 227 -3.06 28.49 -56.77
N ASP E 228 -2.33 29.13 -57.69
CA ASP E 228 -2.53 28.95 -59.16
C ASP E 228 -1.22 28.80 -59.96
N LYS E 229 -0.84 27.56 -60.24
CA LYS E 229 0.50 27.22 -60.76
C LYS E 229 0.85 27.87 -62.08
N GLU F 1 -22.54 -2.40 -8.20
CA GLU F 1 -21.96 -1.81 -9.41
C GLU F 1 -20.73 -0.97 -9.07
N ILE F 2 -20.89 0.14 -8.32
CA ILE F 2 -19.73 0.89 -7.85
C ILE F 2 -18.97 1.52 -9.02
N VAL F 3 -18.06 2.43 -8.69
CA VAL F 3 -17.14 2.99 -9.67
C VAL F 3 -15.70 2.83 -9.24
N LEU F 4 -14.89 2.43 -10.22
CA LEU F 4 -13.48 2.16 -10.06
C LEU F 4 -12.64 3.17 -10.79
N THR F 5 -11.60 3.66 -10.12
CA THR F 5 -10.62 4.56 -10.72
C THR F 5 -9.23 3.99 -10.57
N GLN F 6 -8.40 4.14 -11.59
CA GLN F 6 -7.04 3.64 -11.50
C GLN F 6 -6.04 4.78 -11.61
N SER F 7 -4.91 4.62 -10.94
CA SER F 7 -3.83 5.59 -11.05
C SER F 7 -2.45 4.92 -10.94
N PRO F 8 -1.44 5.49 -11.62
CA PRO F 8 -1.61 6.61 -12.55
C PRO F 8 -2.19 6.14 -13.88
N ALA F 9 -2.55 7.06 -14.76
CA ALA F 9 -3.00 6.68 -16.09
C ALA F 9 -1.88 5.94 -16.83
N THR F 10 -0.68 6.52 -16.76
CA THR F 10 0.52 5.91 -17.34
C THR F 10 1.64 5.83 -16.30
N LEU F 11 2.33 4.69 -16.28
CA LEU F 11 3.54 4.50 -15.48
C LEU F 11 4.78 4.31 -16.33
N SER F 12 5.68 5.29 -16.29
CA SER F 12 6.94 5.18 -17.02
C SER F 12 7.93 4.53 -16.07
N LEU F 13 8.63 3.50 -16.56
CA LEU F 13 9.52 2.72 -15.71
C LEU F 13 10.66 2.13 -16.51
N SER F 14 11.79 1.95 -15.85
CA SER F 14 12.89 1.24 -16.46
C SER F 14 12.83 -0.23 -16.01
N PRO F 15 13.31 -1.14 -16.87
CA PRO F 15 13.30 -2.56 -16.49
C PRO F 15 14.09 -2.80 -15.21
N GLY F 16 13.50 -3.56 -14.29
CA GLY F 16 14.14 -3.85 -13.01
C GLY F 16 13.49 -3.12 -11.85
N GLU F 17 12.84 -2.01 -12.15
CA GLU F 17 12.20 -1.18 -11.13
C GLU F 17 10.92 -1.80 -10.60
N ARG F 18 10.54 -1.37 -9.40
CA ARG F 18 9.36 -1.91 -8.77
C ARG F 18 8.19 -1.10 -9.24
N ALA F 19 7.24 -1.77 -9.86
CA ALA F 19 6.07 -1.06 -10.30
C ALA F 19 4.97 -1.29 -9.29
N THR F 20 4.25 -0.25 -8.92
CA THR F 20 3.06 -0.46 -8.11
C THR F 20 1.96 0.45 -8.63
N LEU F 21 0.91 -0.17 -9.14
CA LEU F 21 -0.23 0.55 -9.71
C LEU F 21 -1.44 0.50 -8.74
N SER F 22 -2.22 1.58 -8.70
CA SER F 22 -3.34 1.75 -7.75
C SER F 22 -4.75 1.73 -8.36
N CYS F 23 -5.68 1.17 -7.57
CA CYS F 23 -7.11 1.09 -7.90
C CYS F 23 -7.98 1.55 -6.71
N ARG F 24 -8.87 2.52 -6.96
CA ARG F 24 -9.75 3.14 -5.95
C ARG F 24 -11.22 2.89 -6.26
N ALA F 25 -12.00 2.53 -5.24
CA ALA F 25 -13.39 2.14 -5.39
C ALA F 25 -14.37 3.10 -4.74
N SER F 26 -15.48 3.37 -5.39
CA SER F 26 -16.48 4.32 -4.91
C SER F 26 -17.06 3.83 -3.59
N GLN F 27 -17.17 2.51 -3.43
CA GLN F 27 -17.63 1.94 -2.16
C GLN F 27 -16.77 0.76 -1.73
N GLY F 28 -17.06 0.24 -0.55
CA GLY F 28 -16.29 -0.83 0.04
C GLY F 28 -16.32 -2.18 -0.66
N LEU F 29 -15.13 -2.74 -0.93
CA LEU F 29 -15.01 -4.08 -1.50
C LEU F 29 -14.24 -5.05 -0.62
N ASN F 30 -14.47 -6.33 -0.87
CA ASN F 30 -13.71 -7.40 -0.25
C ASN F 30 -12.41 -7.67 -0.98
N PHE F 31 -12.42 -7.42 -2.29
CA PHE F 31 -11.28 -7.75 -3.13
C PHE F 31 -11.54 -7.11 -4.47
N VAL F 32 -10.52 -7.17 -5.31
CA VAL F 32 -10.65 -6.78 -6.71
C VAL F 32 -9.83 -7.77 -7.52
N VAL F 33 -10.18 -7.92 -8.81
CA VAL F 33 -9.37 -8.77 -9.66
C VAL F 33 -8.64 -7.93 -10.68
N TRP F 34 -7.53 -8.47 -11.21
CA TRP F 34 -6.70 -7.70 -12.14
C TRP F 34 -6.48 -8.39 -13.48
N TYR F 35 -6.45 -7.62 -14.57
CA TYR F 35 -6.20 -8.19 -15.88
C TYR F 35 -5.05 -7.46 -16.57
N GLN F 36 -4.27 -8.21 -17.35
CA GLN F 36 -3.25 -7.66 -18.24
C GLN F 36 -3.74 -7.76 -19.66
N GLN F 37 -3.51 -6.72 -20.44
CA GLN F 37 -3.83 -6.70 -21.87
C GLN F 37 -2.74 -6.07 -22.75
N LYS F 38 -2.36 -6.76 -23.81
CA LYS F 38 -1.46 -6.19 -24.80
C LYS F 38 -2.34 -5.86 -25.99
N GLY F 39 -1.83 -5.09 -26.94
CA GLY F 39 -2.60 -4.70 -28.09
C GLY F 39 -3.00 -5.83 -29.02
N GLY F 40 -4.27 -5.84 -29.43
CA GLY F 40 -4.73 -6.83 -30.40
C GLY F 40 -5.12 -8.15 -29.76
N GLN F 41 -4.82 -8.28 -28.48
CA GLN F 41 -5.09 -9.49 -27.74
C GLN F 41 -6.21 -9.30 -26.73
N ALA F 42 -6.72 -10.41 -26.22
CA ALA F 42 -7.74 -10.35 -25.18
C ALA F 42 -7.03 -10.23 -23.83
N PRO F 43 -7.75 -9.78 -22.81
CA PRO F 43 -7.24 -9.71 -21.43
C PRO F 43 -6.72 -11.05 -20.92
N ARG F 44 -5.70 -11.00 -20.08
CA ARG F 44 -5.14 -12.20 -19.49
C ARG F 44 -5.25 -12.02 -17.99
N LEU F 45 -5.93 -12.96 -17.33
CA LEU F 45 -6.08 -12.89 -15.89
C LEU F 45 -4.75 -13.04 -15.17
N LEU F 46 -4.54 -12.13 -14.23
CA LEU F 46 -3.33 -12.09 -13.39
C LEU F 46 -3.61 -12.54 -11.99
N ILE F 47 -4.58 -11.84 -11.41
CA ILE F 47 -4.94 -11.96 -10.01
C ILE F 47 -6.38 -12.46 -9.88
N HIS F 48 -6.55 -13.57 -9.18
CA HIS F 48 -7.85 -14.17 -8.89
C HIS F 48 -8.42 -13.31 -7.79
N GLY F 49 -9.69 -13.45 -7.43
CA GLY F 49 -10.20 -12.64 -6.34
C GLY F 49 -9.43 -13.13 -5.14
N PRO F 50 -10.04 -13.91 -4.25
CA PRO F 50 -9.56 -13.70 -2.89
C PRO F 50 -8.07 -14.05 -2.82
N THR F 51 -7.68 -15.19 -3.40
CA THR F 51 -6.29 -15.69 -3.41
C THR F 51 -5.33 -14.73 -4.14
N ASP F 52 -4.03 -14.98 -3.96
CA ASP F 52 -3.00 -14.14 -4.54
C ASP F 52 -3.02 -14.14 -6.08
N ARG F 53 -2.16 -14.95 -6.73
CA ARG F 53 -2.07 -14.89 -8.19
C ARG F 53 -2.46 -16.13 -8.98
N ALA F 54 -3.18 -15.90 -10.08
CA ALA F 54 -3.66 -16.97 -10.96
C ALA F 54 -2.53 -17.88 -11.44
N PRO F 55 -2.86 -19.06 -11.99
CA PRO F 55 -1.82 -19.99 -12.47
C PRO F 55 -1.14 -19.50 -13.75
N GLY F 56 0.15 -19.77 -13.90
CA GLY F 56 0.90 -19.29 -15.05
C GLY F 56 1.49 -17.90 -14.87
N VAL F 57 1.02 -17.22 -13.85
CA VAL F 57 1.45 -15.86 -13.55
C VAL F 57 2.78 -15.97 -12.80
N PRO F 58 3.81 -15.24 -13.25
CA PRO F 58 5.09 -15.41 -12.56
C PRO F 58 5.11 -14.75 -11.18
N ASP F 59 6.11 -15.12 -10.41
CA ASP F 59 6.21 -14.70 -9.02
C ASP F 59 6.31 -13.19 -8.81
N ARG F 60 6.85 -12.49 -9.80
CA ARG F 60 7.08 -11.05 -9.65
C ARG F 60 5.77 -10.31 -9.51
N PHE F 61 4.66 -10.95 -9.91
CA PHE F 61 3.31 -10.37 -9.73
C PHE F 61 2.77 -10.65 -8.33
N SER F 62 2.30 -9.57 -7.73
CA SER F 62 1.67 -9.58 -6.42
C SER F 62 0.60 -8.51 -6.37
N ALA F 63 -0.32 -8.64 -5.42
CA ALA F 63 -1.46 -7.73 -5.30
C ALA F 63 -1.91 -7.61 -3.85
N ARG F 64 -2.55 -6.48 -3.53
CA ARG F 64 -2.98 -6.20 -2.16
C ARG F 64 -4.01 -5.09 -2.11
N GLY F 65 -4.55 -4.86 -0.92
CA GLY F 65 -5.53 -3.82 -0.69
C GLY F 65 -6.68 -4.29 0.16
N SER F 66 -7.50 -3.33 0.58
CA SER F 66 -8.74 -3.65 1.29
C SER F 66 -9.68 -2.46 1.36
N GLY F 67 -10.97 -2.75 1.23
CA GLY F 67 -11.98 -1.72 1.32
C GLY F 67 -12.08 -0.99 0.00
N THR F 68 -11.75 0.29 0.11
CA THR F 68 -11.78 1.26 -0.99
C THR F 68 -10.52 1.13 -1.84
N GLU F 69 -9.42 0.73 -1.22
CA GLU F 69 -8.12 0.79 -1.84
C GLU F 69 -7.50 -0.56 -2.14
N PHE F 70 -7.06 -0.69 -3.39
CA PHE F 70 -6.36 -1.89 -3.85
C PHE F 70 -5.17 -1.48 -4.72
N SER F 71 -4.17 -2.35 -4.81
CA SER F 71 -2.99 -2.11 -5.63
C SER F 71 -2.43 -3.41 -6.21
N LEU F 72 -1.82 -3.26 -7.38
CA LEU F 72 -1.09 -4.34 -8.03
C LEU F 72 0.41 -4.03 -8.10
N VAL F 73 1.21 -4.93 -7.54
CA VAL F 73 2.67 -4.78 -7.49
C VAL F 73 3.48 -5.74 -8.35
N ILE F 74 4.41 -5.18 -9.12
CA ILE F 74 5.40 -5.95 -9.87
C ILE F 74 6.80 -5.67 -9.34
N SER F 75 7.33 -6.62 -8.57
CA SER F 75 8.58 -6.42 -7.84
C SER F 75 9.74 -6.03 -8.73
N SER F 76 9.88 -6.75 -9.85
CA SER F 76 10.93 -6.49 -10.83
C SER F 76 10.43 -6.63 -12.26
N VAL F 77 10.22 -5.49 -12.91
CA VAL F 77 9.62 -5.43 -14.26
C VAL F 77 10.45 -6.14 -15.33
N GLU F 78 9.79 -6.95 -16.15
CA GLU F 78 10.44 -7.60 -17.30
C GLU F 78 9.93 -6.97 -18.58
N PRO F 79 10.67 -7.14 -19.69
CA PRO F 79 10.25 -6.61 -20.97
C PRO F 79 8.84 -7.05 -21.36
N ASP F 80 8.48 -8.25 -20.94
CA ASP F 80 7.19 -8.81 -21.29
C ASP F 80 6.06 -8.10 -20.56
N ASP F 81 6.41 -7.28 -19.58
CA ASP F 81 5.41 -6.65 -18.71
C ASP F 81 4.89 -5.29 -19.19
N PHE F 82 5.51 -4.71 -20.21
CA PHE F 82 5.02 -3.42 -20.73
C PHE F 82 3.70 -3.68 -21.43
N ALA F 83 2.62 -3.13 -20.88
CA ALA F 83 1.27 -3.47 -21.32
C ALA F 83 0.23 -2.62 -20.60
N LEU F 84 -1.04 -2.92 -20.85
CA LEU F 84 -2.13 -2.24 -20.17
C LEU F 84 -2.74 -3.09 -19.05
N TYR F 85 -2.98 -2.48 -17.89
CA TYR F 85 -3.50 -3.22 -16.75
C TYR F 85 -4.85 -2.69 -16.26
N TYR F 86 -5.84 -3.58 -16.14
CA TYR F 86 -7.17 -3.20 -15.65
C TYR F 86 -7.53 -3.87 -14.31
N CYS F 87 -8.26 -3.15 -13.45
CA CYS F 87 -8.85 -3.80 -12.27
C CYS F 87 -10.32 -4.04 -12.53
N GLN F 88 -10.91 -4.98 -11.80
CA GLN F 88 -12.29 -5.35 -12.03
C GLN F 88 -12.98 -5.76 -10.74
N GLU F 89 -14.26 -5.39 -10.64
CA GLU F 89 -15.03 -5.49 -9.42
C GLU F 89 -16.23 -6.41 -9.58
N TYR F 90 -16.64 -7.05 -8.48
CA TYR F 90 -17.65 -8.11 -8.51
C TYR F 90 -18.81 -7.86 -7.52
N SER F 91 -18.95 -6.63 -7.00
CA SER F 91 -19.93 -6.38 -5.94
C SER F 91 -21.40 -6.60 -6.32
N SER F 92 -21.73 -6.32 -7.57
CA SER F 92 -23.08 -6.53 -8.08
C SER F 92 -23.08 -6.20 -9.56
N THR F 93 -24.10 -6.65 -10.28
CA THR F 93 -24.19 -6.27 -11.67
C THR F 93 -24.67 -4.82 -11.81
N PRO F 94 -24.17 -4.09 -12.83
CA PRO F 94 -23.14 -4.47 -13.81
C PRO F 94 -21.73 -4.45 -13.20
N TYR F 95 -20.89 -5.41 -13.58
CA TYR F 95 -19.52 -5.51 -13.08
C TYR F 95 -18.59 -4.53 -13.80
N ASN F 96 -18.03 -3.59 -13.07
CA ASN F 96 -17.20 -2.53 -13.66
C ASN F 96 -15.71 -2.83 -13.82
N PHE F 97 -15.14 -2.39 -14.95
CA PHE F 97 -13.70 -2.40 -15.16
C PHE F 97 -13.13 -1.00 -14.92
N GLY F 98 -11.87 -0.95 -14.51
CA GLY F 98 -11.18 0.32 -14.40
C GLY F 98 -10.82 0.85 -15.77
N PRO F 99 -10.42 2.12 -15.84
CA PRO F 99 -10.04 2.77 -17.09
C PRO F 99 -8.70 2.29 -17.63
N GLY F 100 -7.93 1.63 -16.77
CA GLY F 100 -6.67 1.04 -17.18
C GLY F 100 -5.47 1.90 -16.84
N THR F 101 -4.37 1.22 -16.51
CA THR F 101 -3.09 1.86 -16.25
C THR F 101 -2.06 1.35 -17.26
N ARG F 102 -1.50 2.28 -18.01
CA ARG F 102 -0.51 1.97 -19.04
C ARG F 102 0.91 1.91 -18.45
N VAL F 103 1.60 0.78 -18.64
CA VAL F 103 3.02 0.66 -18.27
C VAL F 103 3.94 0.76 -19.48
N GLU F 104 4.77 1.80 -19.49
CA GLU F 104 5.71 2.02 -20.59
C GLU F 104 7.16 2.10 -20.13
N ARG F 105 8.05 2.17 -21.11
CA ARG F 105 9.48 2.14 -20.89
C ARG F 105 9.95 3.55 -20.65
N LYS F 106 10.70 3.76 -19.56
CA LYS F 106 11.17 5.08 -19.19
C LYS F 106 12.22 5.54 -20.18
N ARG F 107 12.23 6.86 -20.39
CA ARG F 107 13.23 7.49 -21.23
C ARG F 107 13.38 8.92 -20.77
N THR F 108 14.40 9.59 -21.27
CA THR F 108 14.60 10.99 -20.96
C THR F 108 13.50 11.79 -21.67
N VAL F 109 12.93 12.77 -20.98
CA VAL F 109 11.86 13.60 -21.53
C VAL F 109 12.26 14.12 -22.92
N ALA F 110 11.32 14.09 -23.86
CA ALA F 110 11.57 14.57 -25.22
C ALA F 110 10.39 15.41 -25.70
N ALA F 111 10.68 16.63 -26.14
CA ALA F 111 9.63 17.50 -26.64
C ALA F 111 9.22 17.04 -28.03
N PRO F 112 7.93 17.19 -28.37
CA PRO F 112 7.49 16.80 -29.71
C PRO F 112 7.98 17.75 -30.79
N SER F 113 8.15 17.23 -32.01
CA SER F 113 8.30 18.11 -33.15
C SER F 113 6.92 18.35 -33.75
N VAL F 114 6.43 19.58 -33.71
CA VAL F 114 5.05 19.86 -34.11
C VAL F 114 4.96 20.39 -35.54
N PHE F 115 4.05 19.80 -36.32
CA PHE F 115 3.78 20.23 -37.68
C PHE F 115 2.28 20.35 -37.91
N ILE F 116 1.88 21.32 -38.72
CA ILE F 116 0.48 21.42 -39.11
C ILE F 116 0.32 21.38 -40.63
N PHE F 117 -0.72 20.69 -41.06
CA PHE F 117 -1.00 20.48 -42.48
C PHE F 117 -2.40 20.95 -42.85
N PRO F 118 -2.49 21.96 -43.73
CA PRO F 118 -3.80 22.40 -44.25
C PRO F 118 -4.44 21.34 -45.13
N PRO F 119 -5.74 21.46 -45.38
CA PRO F 119 -6.43 20.55 -46.31
C PRO F 119 -6.00 20.81 -47.74
N SER F 120 -5.85 19.76 -48.53
CA SER F 120 -5.48 19.94 -49.94
C SER F 120 -6.60 20.61 -50.74
N ASP F 121 -6.24 21.27 -51.83
CA ASP F 121 -7.24 21.84 -52.70
C ASP F 121 -8.03 20.72 -53.36
N GLU F 122 -7.39 19.57 -53.54
CA GLU F 122 -8.01 18.40 -54.15
C GLU F 122 -9.19 17.88 -53.32
N GLN F 123 -8.95 17.78 -52.03
CA GLN F 123 -9.95 17.28 -51.09
C GLN F 123 -11.11 18.25 -50.95
N LEU F 124 -10.83 19.54 -51.00
CA LEU F 124 -11.85 20.54 -50.79
C LEU F 124 -12.98 20.41 -51.81
N LYS F 125 -12.65 19.98 -53.03
CA LYS F 125 -13.69 19.69 -54.04
C LYS F 125 -14.68 18.70 -53.48
N SER F 126 -14.18 17.70 -52.75
CA SER F 126 -15.02 16.61 -52.28
C SER F 126 -15.98 17.11 -51.19
N GLY F 127 -15.84 18.39 -50.81
CA GLY F 127 -16.75 19.01 -49.88
C GLY F 127 -16.33 18.91 -48.44
N THR F 128 -15.21 18.22 -48.18
CA THR F 128 -14.68 18.11 -46.84
C THR F 128 -13.26 18.63 -46.78
N ALA F 129 -12.84 18.99 -45.57
CA ALA F 129 -11.50 19.48 -45.33
C ALA F 129 -10.95 18.85 -44.07
N SER F 130 -9.75 18.29 -44.16
CA SER F 130 -9.08 17.68 -43.03
C SER F 130 -7.84 18.48 -42.72
N VAL F 131 -7.73 18.92 -41.48
CA VAL F 131 -6.58 19.67 -41.02
C VAL F 131 -5.82 18.80 -40.06
N VAL F 132 -4.52 18.63 -40.31
CA VAL F 132 -3.73 17.67 -39.53
C VAL F 132 -2.63 18.31 -38.70
N CYS F 133 -2.56 17.91 -37.44
CA CYS F 133 -1.49 18.35 -36.56
C CYS F 133 -0.67 17.14 -36.14
N LEU F 134 0.61 17.15 -36.49
CA LEU F 134 1.51 16.06 -36.17
C LEU F 134 2.43 16.38 -35.00
N LEU F 135 2.47 15.50 -34.00
CA LEU F 135 3.44 15.56 -32.91
C LEU F 135 4.43 14.41 -33.04
N ASN F 136 5.67 14.73 -33.39
CA ASN F 136 6.64 13.69 -33.72
C ASN F 136 7.68 13.39 -32.65
N ASN F 137 7.81 12.12 -32.28
CA ASN F 137 8.91 11.68 -31.44
C ASN F 137 9.03 12.44 -30.13
N PHE F 138 8.00 12.30 -29.30
CA PHE F 138 7.96 12.96 -28.01
C PHE F 138 7.96 11.95 -26.88
N TYR F 139 8.28 12.44 -25.68
CA TYR F 139 8.21 11.64 -24.46
C TYR F 139 8.12 12.56 -23.24
N PRO F 140 7.29 12.23 -22.24
CA PRO F 140 6.43 11.04 -22.08
C PRO F 140 5.26 11.01 -23.03
N ARG F 141 4.49 9.93 -22.96
CA ARG F 141 3.39 9.72 -23.90
C ARG F 141 2.35 10.81 -23.67
N GLU F 142 2.20 11.24 -22.42
CA GLU F 142 1.17 12.21 -22.11
C GLU F 142 1.44 13.53 -22.79
N ALA F 143 0.46 13.90 -23.61
CA ALA F 143 0.49 15.13 -24.37
C ALA F 143 -0.95 15.57 -24.61
N LYS F 144 -1.20 16.88 -24.59
CA LYS F 144 -2.54 17.38 -24.89
C LYS F 144 -2.50 18.25 -26.16
N VAL F 145 -3.38 17.93 -27.10
CA VAL F 145 -3.55 18.75 -28.30
C VAL F 145 -4.87 19.50 -28.20
N GLN F 146 -4.85 20.78 -28.59
CA GLN F 146 -6.05 21.61 -28.64
C GLN F 146 -6.16 22.38 -29.94
N TRP F 147 -7.27 22.22 -30.66
CA TRP F 147 -7.44 22.94 -31.91
C TRP F 147 -8.08 24.28 -31.58
N LYS F 148 -7.65 25.31 -32.30
CA LYS F 148 -8.27 26.62 -32.22
C LYS F 148 -8.45 27.19 -33.61
N VAL F 149 -9.67 27.68 -33.83
CA VAL F 149 -10.05 28.39 -35.03
C VAL F 149 -10.44 29.84 -34.75
N ASP F 150 -9.59 30.76 -35.20
CA ASP F 150 -9.73 32.17 -34.87
C ASP F 150 -9.88 32.31 -33.36
N ASN F 151 -9.02 31.59 -32.65
CA ASN F 151 -8.95 31.65 -31.20
C ASN F 151 -10.18 31.04 -30.55
N ALA F 152 -10.99 30.34 -31.35
CA ALA F 152 -12.11 29.58 -30.80
C ALA F 152 -11.65 28.15 -30.58
N LEU F 153 -11.66 27.72 -29.32
CA LEU F 153 -11.25 26.36 -28.99
C LEU F 153 -12.26 25.41 -29.64
N GLN F 154 -11.73 24.50 -30.46
CA GLN F 154 -12.53 23.48 -31.14
C GLN F 154 -12.65 22.21 -30.33
N SER F 155 -13.89 21.84 -30.02
CA SER F 155 -14.19 20.69 -29.20
C SER F 155 -15.20 19.76 -29.86
N GLY F 156 -14.81 18.49 -29.98
CA GLY F 156 -15.67 17.42 -30.46
C GLY F 156 -15.62 17.07 -31.94
N ASN F 157 -14.99 17.91 -32.76
CA ASN F 157 -14.95 17.66 -34.20
C ASN F 157 -13.55 17.29 -34.73
N SER F 158 -12.73 16.71 -33.88
CA SER F 158 -11.42 16.23 -34.29
C SER F 158 -11.19 14.83 -33.75
N GLN F 159 -10.31 14.09 -34.41
CA GLN F 159 -9.96 12.73 -33.97
C GLN F 159 -8.46 12.57 -33.96
N GLU F 160 -7.99 11.97 -32.88
CA GLU F 160 -6.57 11.76 -32.65
C GLU F 160 -6.14 10.30 -32.80
N SER F 161 -4.90 10.08 -33.22
CA SER F 161 -4.35 8.74 -33.33
C SER F 161 -2.90 8.76 -32.91
N VAL F 162 -2.48 7.77 -32.12
CA VAL F 162 -1.13 7.75 -31.54
C VAL F 162 -0.40 6.44 -31.81
N THR F 163 0.85 6.49 -32.30
CA THR F 163 1.58 5.25 -32.46
C THR F 163 1.94 4.63 -31.11
N GLU F 164 2.28 3.34 -31.15
CA GLU F 164 2.82 2.63 -30.01
C GLU F 164 4.25 3.11 -29.79
N GLN F 165 4.73 3.04 -28.56
CA GLN F 165 6.09 3.47 -28.25
C GLN F 165 7.10 2.76 -29.14
N ASP F 166 7.91 3.60 -29.79
CA ASP F 166 8.90 3.16 -30.77
C ASP F 166 9.95 2.29 -30.12
N SER F 167 10.22 1.16 -30.77
CA SER F 167 11.12 0.16 -30.21
C SER F 167 12.59 0.59 -30.28
N LYS F 168 12.88 1.61 -31.08
CA LYS F 168 14.26 2.00 -31.30
C LYS F 168 14.67 3.18 -30.46
N ASP F 169 13.81 4.21 -30.41
CA ASP F 169 14.10 5.41 -29.65
C ASP F 169 13.15 5.69 -28.48
N SER F 170 12.22 4.77 -28.23
CA SER F 170 11.34 4.84 -27.06
C SER F 170 10.50 6.12 -27.03
N THR F 171 10.18 6.62 -28.22
CA THR F 171 9.35 7.82 -28.39
C THR F 171 7.99 7.47 -28.98
N TYR F 172 7.12 8.47 -29.00
CA TYR F 172 5.82 8.36 -29.63
C TYR F 172 5.68 9.36 -30.77
N SER F 173 4.73 9.08 -31.64
CA SER F 173 4.30 10.06 -32.62
C SER F 173 2.79 10.10 -32.53
N LEU F 174 2.20 11.24 -32.89
CA LEU F 174 0.76 11.42 -32.72
C LEU F 174 0.22 12.28 -33.85
N SER F 175 -0.93 11.90 -34.40
CA SER F 175 -1.61 12.75 -35.39
C SER F 175 -2.93 13.18 -34.82
N SER F 176 -3.32 14.40 -35.14
CA SER F 176 -4.66 14.86 -34.81
C SER F 176 -5.31 15.46 -36.03
N THR F 177 -6.44 14.90 -36.43
CA THR F 177 -7.16 15.39 -37.60
C THR F 177 -8.45 16.10 -37.26
N LEU F 178 -8.52 17.36 -37.63
CA LEU F 178 -9.74 18.11 -37.47
C LEU F 178 -10.47 17.99 -38.79
N THR F 179 -11.72 17.55 -38.72
CA THR F 179 -12.54 17.37 -39.91
C THR F 179 -13.61 18.43 -39.97
N LEU F 180 -13.57 19.23 -41.02
CA LEU F 180 -14.57 20.25 -41.27
C LEU F 180 -15.18 20.05 -42.63
N SER F 181 -16.42 20.49 -42.77
CA SER F 181 -17.03 20.56 -44.09
C SER F 181 -16.28 21.64 -44.86
N LYS F 182 -16.47 21.68 -46.18
CA LYS F 182 -15.86 22.74 -46.97
C LYS F 182 -16.42 24.05 -46.51
N ALA F 183 -17.75 24.14 -46.50
CA ALA F 183 -18.46 25.36 -46.14
C ALA F 183 -17.97 25.97 -44.83
N ASP F 184 -17.77 25.12 -43.83
CA ASP F 184 -17.29 25.56 -42.53
C ASP F 184 -15.83 25.98 -42.54
N TYR F 185 -15.01 25.25 -43.29
CA TYR F 185 -13.60 25.58 -43.42
C TYR F 185 -13.34 26.88 -44.15
N GLU F 186 -14.17 27.16 -45.15
CA GLU F 186 -14.08 28.36 -45.95
C GLU F 186 -14.43 29.61 -45.15
N LYS F 187 -15.07 29.41 -44.00
CA LYS F 187 -15.70 30.49 -43.26
C LYS F 187 -14.80 31.10 -42.18
N HIS F 188 -13.66 30.47 -41.94
CA HIS F 188 -12.78 30.88 -40.86
C HIS F 188 -11.36 31.00 -41.37
N LYS F 189 -10.54 31.81 -40.71
CA LYS F 189 -9.22 32.14 -41.23
C LYS F 189 -8.08 31.41 -40.54
N VAL F 190 -7.96 31.61 -39.24
CA VAL F 190 -6.79 31.12 -38.54
C VAL F 190 -7.06 29.74 -38.00
N TYR F 191 -6.23 28.79 -38.41
CA TYR F 191 -6.33 27.42 -37.92
C TYR F 191 -5.03 27.12 -37.21
N ALA F 192 -5.18 26.68 -35.97
CA ALA F 192 -4.04 26.43 -35.11
C ALA F 192 -4.25 25.20 -34.26
N CYS F 193 -3.18 24.45 -34.01
CA CYS F 193 -3.21 23.42 -32.98
C CYS F 193 -2.18 23.80 -31.93
N GLU F 194 -2.65 23.80 -30.68
CA GLU F 194 -1.81 24.13 -29.54
C GLU F 194 -1.51 22.86 -28.77
N VAL F 195 -0.23 22.63 -28.53
CA VAL F 195 0.26 21.45 -27.85
C VAL F 195 0.79 21.82 -26.48
N THR F 196 0.32 21.10 -25.48
CA THR F 196 0.86 21.22 -24.13
C THR F 196 1.54 19.88 -23.82
N HIS F 197 2.75 19.97 -23.25
CA HIS F 197 3.57 18.78 -22.99
C HIS F 197 4.72 19.08 -22.01
N GLN F 198 5.15 18.04 -21.31
CA GLN F 198 6.17 18.16 -20.26
C GLN F 198 7.51 18.69 -20.76
N GLY F 199 7.81 18.36 -22.01
CA GLY F 199 9.04 18.76 -22.69
C GLY F 199 9.06 20.20 -23.15
N LEU F 200 7.95 20.90 -22.93
CA LEU F 200 7.79 22.30 -23.31
C LEU F 200 7.46 23.18 -22.12
N ARG F 201 8.17 24.31 -21.98
CA ARG F 201 8.01 25.16 -20.80
C ARG F 201 6.92 26.18 -21.06
N SER F 202 6.57 26.35 -22.33
CA SER F 202 5.35 27.06 -22.70
C SER F 202 4.61 26.26 -23.78
N PRO F 203 3.27 26.24 -23.75
CA PRO F 203 2.57 25.46 -24.78
C PRO F 203 2.92 25.94 -26.18
N VAL F 204 3.09 25.02 -27.12
CA VAL F 204 3.44 25.41 -28.50
C VAL F 204 2.25 25.44 -29.45
N THR F 205 2.09 26.54 -30.17
CA THR F 205 1.03 26.67 -31.16
C THR F 205 1.56 26.69 -32.60
N LYS F 206 0.99 25.86 -33.45
CA LYS F 206 1.31 25.87 -34.89
C LYS F 206 0.03 26.16 -35.64
N SER F 207 0.12 27.12 -36.56
CA SER F 207 -1.07 27.58 -37.25
C SER F 207 -0.79 27.97 -38.68
N PHE F 208 -1.88 28.17 -39.40
CA PHE F 208 -1.85 28.67 -40.75
C PHE F 208 -3.12 29.47 -41.00
N ASN F 209 -3.03 30.33 -42.01
CA ASN F 209 -4.16 31.13 -42.43
C ASN F 209 -4.65 30.53 -43.76
N ARG F 210 -5.95 30.27 -43.84
CA ARG F 210 -6.51 29.70 -45.05
C ARG F 210 -6.24 30.58 -46.26
N GLY F 211 -5.67 29.97 -47.27
CA GLY F 211 -5.33 30.63 -48.51
C GLY F 211 -3.99 31.32 -48.36
N GLU F 212 -3.28 31.06 -47.28
CA GLU F 212 -1.95 31.63 -47.12
C GLU F 212 -0.97 31.01 -48.11
N CYS F 213 -0.26 31.85 -48.85
CA CYS F 213 0.68 31.38 -49.85
C CYS F 213 1.59 32.51 -50.27
#